data_9GJN
#
_entry.id   9GJN
#
_cell.length_a   57.544
_cell.length_b   145.430
_cell.length_c   112.853
_cell.angle_alpha   90.00
_cell.angle_beta   93.28
_cell.angle_gamma   90.00
#
_symmetry.space_group_name_H-M   'P 1 21 1'
#
loop_
_entity.id
_entity.type
_entity.pdbx_description
1 polymer 'Endoplasmic reticulum aminopeptidase 1'
2 non-polymer 'ZINC ION'
3 non-polymer 2-[3-(2-HYDROXY-1,1-DIHYDROXYMETHYL-ETHYLAMINO)-PROPYLAMINO]-2-HYDROXYMETHYL-PROPANE-1,3-DIOL
4 non-polymer 1,2-ETHANEDIOL
5 non-polymer 'BROMIDE ION'
6 non-polymer '1-[2-(3-oxidanylidene-1,4-benzothiazin-4-yl)ethanoylamino]cyclohexane-1-carboxylic acid'
7 water water
#
_entity_poly.entity_id   1
_entity_poly.type   'polypeptide(L)'
_entity_poly.pdbx_seq_one_letter_code
;MVFLPLKWSLATMSFLLSSLLALLTVSTPSWCQSTEASPKRSDGTPFPWNKIRLPEYVIPVHYDLLIHAQLTTLTFWGTT
KVEITASQPTSTIILHSHHLQISRATLRKGAGERLSEEPLQVLEHPRQEQIALLAPEPLLVGLPYTVVIHYAGQLSETFH
GFYKSTYRTKEGELRILASTQFEPTAARMAFPCFDEPAFKASFSIKIRREPRHLAISNMPLVKSVTVAEGLIEDHFDVTV
KMSTYLVAFIISDFESVSKITKSGVKVSVYAVPDKINQADYALDAAVTLLEFYEDYFSIPYPLPKQDLAAIPDFQSGAME
NWGLTTYRESALLFDAEKSSASSKLGITMTVAHELAHQWFGNLVTMEWWNDLWLNEGFAKFMEFVSVSVTHPELKVGDYF
FGKCFDAMEVDALQSSHPVSTPVENPAQIREMFDDVSYDKGACILNMLREYLSADAFKSGIVQYLQKHSYKNTKNEDLWD
SMASIGSGGVDVKTMMNTWTLQKGFPLITITVRGRNVHMKQEHYMKGSDGAPDTGYLWHVPLTFITSKSDMVHRFLLKTK
TDVLILPEEVEWIKFNVGMNGYYIVHYEDDGWDSLTGLLKGTHTAVSSNDRASLINNAFQLVSIGKLSIEKALDLSLYLK
HETEIMPVFQGLNELIPMYKLMEKRDMNEVETQFKAFLIRLLRDLIDKQTWTDEGSVSERMLRSQLLLLACVHNYQPCVQ
RAEGYFRKWKESNGQLSLPVDVTLAVFAVGAQSTEGWDFLYSKYQFSLSSTEKSQIEFALCRTQNKEKLQWLLDESFKGD
KIKTQEFPQILTLIGRNPVGYPLAWQFLRKNWNKLVQKFELGSSSIAHMVMGTTNQFSTRTRLEEVKGFFSSLKENGSQL
RCVQQTIETIEENIGWMDKNFDKIRVWLQSEKLERMENLYFQ
;
_entity_poly.pdbx_strand_id   A,B
#
loop_
_chem_comp.id
_chem_comp.type
_chem_comp.name
_chem_comp.formula
A1IMK non-polymer '1-[2-(3-oxidanylidene-1,4-benzothiazin-4-yl)ethanoylamino]cyclohexane-1-carboxylic acid' 'C17 H20 N2 O4 S'
B3P non-polymer 2-[3-(2-HYDROXY-1,1-DIHYDROXYMETHYL-ETHYLAMINO)-PROPYLAMINO]-2-HYDROXYMETHYL-PROPANE-1,3-DIOL 'C11 H26 N2 O6'
BR non-polymer 'BROMIDE ION' 'Br -1'
EDO non-polymer 1,2-ETHANEDIOL 'C2 H6 O2'
ZN non-polymer 'ZINC ION' 'Zn 2'
#
# COMPACT_ATOMS: atom_id res chain seq x y z
N THR A 45 -6.23 0.99 29.82
CA THR A 45 -5.43 0.45 28.72
C THR A 45 -5.08 1.59 27.75
N PRO A 46 -3.78 1.77 27.37
CA PRO A 46 -3.46 2.84 26.42
C PRO A 46 -4.01 2.54 25.01
N PHE A 47 -4.24 3.58 24.21
CA PHE A 47 -4.81 3.39 22.87
C PHE A 47 -3.90 2.54 21.98
N PRO A 48 -4.42 1.42 21.45
CA PRO A 48 -3.55 0.49 20.69
C PRO A 48 -3.15 0.89 19.28
N TRP A 49 -3.59 2.07 18.79
CA TRP A 49 -3.24 2.46 17.41
C TRP A 49 -2.75 3.88 17.40
N ASN A 50 -1.54 4.14 16.90
CA ASN A 50 -1.00 5.50 16.93
C ASN A 50 -0.84 6.14 15.56
N LYS A 51 -1.77 5.91 14.63
CA LYS A 51 -1.72 6.51 13.30
C LYS A 51 -3.07 7.16 12.97
N ILE A 52 -3.04 8.26 12.21
CA ILE A 52 -4.25 8.97 11.79
C ILE A 52 -5.06 8.12 10.80
N ARG A 53 -4.37 7.46 9.86
CA ARG A 53 -5.04 6.56 8.91
C ARG A 53 -5.39 5.26 9.61
N LEU A 54 -6.52 4.66 9.21
CA LEU A 54 -6.94 3.40 9.84
C LEU A 54 -6.05 2.22 9.38
N PRO A 55 -6.01 1.10 10.13
CA PRO A 55 -5.34 -0.10 9.60
C PRO A 55 -6.01 -0.53 8.28
N GLU A 56 -5.27 -1.16 7.39
CA GLU A 56 -5.84 -1.62 6.11
C GLU A 56 -6.32 -3.08 6.15
N TYR A 57 -6.09 -3.77 7.26
CA TYR A 57 -6.35 -5.21 7.34
C TYR A 57 -7.73 -5.60 7.91
N VAL A 58 -8.60 -4.63 8.21
CA VAL A 58 -9.98 -4.95 8.61
C VAL A 58 -10.82 -4.14 7.62
N ILE A 59 -11.60 -4.83 6.81
CA ILE A 59 -12.34 -4.19 5.73
C ILE A 59 -13.85 -4.39 5.85
N PRO A 60 -14.63 -3.31 5.79
CA PRO A 60 -16.09 -3.46 5.79
C PRO A 60 -16.61 -3.90 4.42
N VAL A 61 -17.72 -4.61 4.43
CA VAL A 61 -18.41 -5.11 3.25
C VAL A 61 -19.76 -4.37 3.11
N HIS A 62 -20.49 -4.26 4.22
CA HIS A 62 -21.84 -3.73 4.23
C HIS A 62 -22.16 -3.11 5.57
N TYR A 63 -22.95 -2.06 5.58
CA TYR A 63 -23.43 -1.42 6.80
C TYR A 63 -24.96 -1.49 6.87
N ASP A 64 -25.47 -1.79 8.05
CA ASP A 64 -26.88 -1.68 8.33
C ASP A 64 -26.94 -0.57 9.37
N LEU A 65 -27.54 0.55 9.02
CA LEU A 65 -27.64 1.68 9.91
C LEU A 65 -29.08 1.87 10.33
N LEU A 66 -29.31 1.93 11.62
CA LEU A 66 -30.59 2.27 12.17
C LEU A 66 -30.35 3.62 12.85
N ILE A 67 -31.13 4.63 12.51
CA ILE A 67 -31.00 5.97 13.12
C ILE A 67 -32.37 6.40 13.62
N HIS A 68 -32.44 6.91 14.84
CA HIS A 68 -33.69 7.44 15.36
C HIS A 68 -33.41 8.87 15.87
N ALA A 69 -33.86 9.87 15.13
CA ALA A 69 -33.69 11.25 15.55
C ALA A 69 -34.93 11.79 16.25
N GLN A 70 -34.71 12.57 17.29
CA GLN A 70 -35.78 13.19 18.04
C GLN A 70 -35.62 14.70 17.79
N LEU A 71 -36.44 15.23 16.89
CA LEU A 71 -36.32 16.64 16.51
C LEU A 71 -36.82 17.61 17.58
N THR A 72 -37.55 17.14 18.60
CA THR A 72 -37.99 18.02 19.68
C THR A 72 -36.87 18.22 20.69
N THR A 73 -36.14 17.16 21.01
CA THR A 73 -35.02 17.25 21.95
C THR A 73 -33.66 17.45 21.26
N LEU A 74 -33.63 17.43 19.91
CA LEU A 74 -32.41 17.59 19.12
C LEU A 74 -31.36 16.54 19.42
N THR A 75 -31.80 15.31 19.65
CA THR A 75 -30.89 14.21 19.95
C THR A 75 -31.15 13.07 18.96
N PHE A 76 -30.24 12.10 18.89
CA PHE A 76 -30.43 10.93 18.08
C PHE A 76 -29.72 9.75 18.71
N TRP A 77 -30.17 8.57 18.35
CA TRP A 77 -29.50 7.35 18.71
C TRP A 77 -29.42 6.47 17.47
N GLY A 78 -28.48 5.56 17.49
CA GLY A 78 -28.34 4.63 16.40
C GLY A 78 -27.79 3.28 16.82
N THR A 79 -27.96 2.33 15.93
CA THR A 79 -27.32 1.05 16.04
C THR A 79 -26.68 0.78 14.67
N THR A 80 -25.36 0.67 14.65
CA THR A 80 -24.64 0.40 13.43
C THR A 80 -24.17 -1.03 13.44
N LYS A 81 -24.49 -1.78 12.39
CA LYS A 81 -24.00 -3.15 12.24
C LYS A 81 -23.15 -3.19 10.98
N VAL A 82 -21.86 -3.42 11.13
CA VAL A 82 -20.99 -3.46 9.96
C VAL A 82 -20.37 -4.84 9.77
N GLU A 83 -20.60 -5.43 8.59
CA GLU A 83 -20.03 -6.71 8.23
C GLU A 83 -18.59 -6.46 7.82
N ILE A 84 -17.66 -7.20 8.39
CA ILE A 84 -16.24 -7.01 8.12
C ILE A 84 -15.52 -8.34 7.88
N THR A 85 -14.36 -8.27 7.27
CA THR A 85 -13.44 -9.41 7.21
C THR A 85 -12.06 -8.87 7.55
N ALA A 86 -11.25 -9.70 8.15
CA ALA A 86 -9.88 -9.35 8.49
C ALA A 86 -8.96 -10.13 7.55
N SER A 87 -7.96 -9.45 7.00
CA SER A 87 -6.97 -10.11 6.14
C SER A 87 -5.75 -10.63 6.96
N GLN A 88 -5.71 -10.30 8.26
CA GLN A 88 -4.67 -10.77 9.14
C GLN A 88 -5.22 -10.90 10.56
N PRO A 89 -4.65 -11.83 11.36
CA PRO A 89 -5.18 -12.03 12.71
C PRO A 89 -5.06 -10.77 13.56
N THR A 90 -6.18 -10.35 14.14
CA THR A 90 -6.20 -9.19 15.01
C THR A 90 -7.31 -9.34 16.01
N SER A 91 -7.07 -8.86 17.22
CA SER A 91 -8.09 -8.82 18.27
C SER A 91 -8.60 -7.39 18.48
N THR A 92 -8.20 -6.44 17.62
CA THR A 92 -8.54 -5.05 17.76
C THR A 92 -9.15 -4.55 16.47
N ILE A 93 -10.28 -3.86 16.55
CA ILE A 93 -10.90 -3.25 15.38
C ILE A 93 -10.82 -1.76 15.61
N ILE A 94 -10.14 -1.03 14.71
CA ILE A 94 -10.07 0.42 14.85
C ILE A 94 -11.00 1.03 13.84
N LEU A 95 -11.88 1.92 14.30
CA LEU A 95 -12.74 2.66 13.39
C LEU A 95 -12.92 4.09 13.87
N HIS A 96 -13.61 4.93 13.08
CA HIS A 96 -13.80 6.33 13.39
C HIS A 96 -15.08 6.55 14.18
N SER A 97 -15.02 7.51 15.09
CA SER A 97 -16.17 7.94 15.86
C SER A 97 -15.83 9.33 16.43
N HIS A 98 -16.72 10.31 16.24
CA HIS A 98 -16.46 11.67 16.71
C HIS A 98 -17.71 12.23 17.40
N HIS A 99 -17.63 12.52 18.70
CA HIS A 99 -18.74 13.08 19.48
C HIS A 99 -19.94 12.16 19.60
N LEU A 100 -19.73 10.85 19.51
CA LEU A 100 -20.80 9.88 19.70
C LEU A 100 -20.57 9.21 21.05
N GLN A 101 -21.63 9.08 21.82
CA GLN A 101 -21.57 8.41 23.12
C GLN A 101 -21.87 6.93 22.90
N ILE A 102 -20.84 6.08 22.88
CA ILE A 102 -20.98 4.64 22.66
C ILE A 102 -21.43 3.95 23.94
N SER A 103 -22.61 3.26 23.92
CA SER A 103 -23.03 2.54 25.12
C SER A 103 -22.63 1.09 25.08
N ARG A 104 -22.58 0.46 23.89
CA ARG A 104 -22.31 -0.97 23.78
C ARG A 104 -21.72 -1.34 22.44
N ALA A 105 -20.83 -2.32 22.43
CA ALA A 105 -20.25 -2.83 21.20
C ALA A 105 -20.09 -4.33 21.35
N THR A 106 -20.53 -5.07 20.34
CA THR A 106 -20.46 -6.52 20.34
C THR A 106 -19.93 -7.04 18.99
N LEU A 107 -19.48 -8.28 18.97
CA LEU A 107 -18.97 -8.93 17.77
C LEU A 107 -19.75 -10.22 17.57
N ARG A 108 -20.34 -10.39 16.40
CA ARG A 108 -21.09 -11.58 16.03
C ARG A 108 -20.28 -12.33 14.97
N LYS A 109 -20.09 -13.66 15.13
CA LYS A 109 -19.29 -14.40 14.16
C LYS A 109 -20.11 -14.97 13.04
N GLY A 110 -20.34 -14.15 12.02
CA GLY A 110 -21.12 -14.52 10.83
C GLY A 110 -22.10 -13.43 10.43
N SER A 116 -22.99 -16.76 17.46
CA SER A 116 -22.65 -16.34 18.82
C SER A 116 -22.26 -14.85 18.87
N GLU A 117 -22.32 -14.24 20.07
CA GLU A 117 -22.01 -12.83 20.23
C GLU A 117 -21.09 -12.59 21.43
N GLU A 118 -20.05 -11.79 21.25
CA GLU A 118 -19.11 -11.49 22.33
C GLU A 118 -19.14 -9.99 22.59
N PRO A 119 -18.95 -9.54 23.84
CA PRO A 119 -18.86 -8.09 24.08
C PRO A 119 -17.48 -7.57 23.65
N LEU A 120 -17.42 -6.33 23.21
CA LEU A 120 -16.15 -5.70 22.84
C LEU A 120 -15.89 -4.60 23.85
N GLN A 121 -14.65 -4.52 24.32
CA GLN A 121 -14.25 -3.45 25.20
C GLN A 121 -13.99 -2.24 24.28
N VAL A 122 -14.53 -1.10 24.66
CA VAL A 122 -14.40 0.11 23.88
C VAL A 122 -13.36 1.07 24.47
N LEU A 123 -12.39 1.48 23.66
CA LEU A 123 -11.44 2.52 24.05
C LEU A 123 -11.63 3.70 23.08
N GLU A 124 -11.28 4.92 23.49
CA GLU A 124 -11.43 6.07 22.60
C GLU A 124 -10.16 6.89 22.47
N HIS A 125 -9.96 7.47 21.28
CA HIS A 125 -8.86 8.39 21.08
C HIS A 125 -9.48 9.62 20.41
N PRO A 126 -10.10 10.51 21.22
CA PRO A 126 -10.78 11.69 20.65
C PRO A 126 -9.96 12.52 19.67
N ARG A 127 -8.64 12.72 19.89
CA ARG A 127 -7.82 13.51 18.95
C ARG A 127 -7.67 12.85 17.59
N GLN A 128 -7.49 11.52 17.57
CA GLN A 128 -7.43 10.80 16.30
C GLN A 128 -8.84 10.51 15.75
N GLU A 129 -9.93 10.84 16.51
CA GLU A 129 -11.32 10.62 16.15
C GLU A 129 -11.55 9.14 15.88
N GLN A 130 -10.91 8.29 16.69
CA GLN A 130 -11.04 6.85 16.56
C GLN A 130 -11.54 6.20 17.85
N ILE A 131 -12.06 4.99 17.72
CA ILE A 131 -12.40 4.09 18.80
C ILE A 131 -11.68 2.78 18.51
N ALA A 132 -11.34 2.03 19.55
CA ALA A 132 -10.72 0.70 19.43
C ALA A 132 -11.66 -0.29 20.10
N LEU A 133 -12.02 -1.35 19.40
CA LEU A 133 -12.91 -2.36 19.92
C LEU A 133 -12.07 -3.61 20.08
N LEU A 134 -11.95 -4.07 21.33
CA LEU A 134 -11.11 -5.19 21.72
C LEU A 134 -11.95 -6.44 21.92
N ALA A 135 -11.65 -7.49 21.13
CA ALA A 135 -12.30 -8.82 21.18
C ALA A 135 -11.55 -9.74 22.15
N PRO A 136 -12.26 -10.70 22.79
CA PRO A 136 -11.58 -11.63 23.71
C PRO A 136 -10.58 -12.55 23.01
N GLU A 137 -10.77 -12.84 21.72
CA GLU A 137 -9.83 -13.67 20.97
C GLU A 137 -9.62 -13.10 19.54
N PRO A 138 -8.48 -13.41 18.87
CA PRO A 138 -8.27 -12.85 17.53
C PRO A 138 -9.32 -13.32 16.52
N LEU A 139 -9.64 -12.44 15.58
CA LEU A 139 -10.55 -12.72 14.49
C LEU A 139 -9.87 -13.71 13.56
N LEU A 140 -10.63 -14.63 12.98
CA LEU A 140 -10.09 -15.59 12.01
C LEU A 140 -10.09 -14.92 10.65
N VAL A 141 -8.97 -15.04 9.93
CA VAL A 141 -8.76 -14.45 8.61
C VAL A 141 -9.75 -14.91 7.53
N GLY A 142 -10.33 -13.97 6.80
CA GLY A 142 -11.23 -14.24 5.69
C GLY A 142 -12.64 -14.61 6.08
N LEU A 143 -12.93 -14.80 7.36
CA LEU A 143 -14.25 -15.16 7.81
C LEU A 143 -15.11 -13.93 8.09
N PRO A 144 -16.39 -13.98 7.73
CA PRO A 144 -17.28 -12.83 7.99
C PRO A 144 -17.60 -12.63 9.48
N TYR A 145 -17.53 -11.38 9.95
CA TYR A 145 -17.95 -11.01 11.32
C TYR A 145 -18.85 -9.78 11.20
N THR A 146 -19.66 -9.51 12.23
CA THR A 146 -20.47 -8.32 12.25
C THR A 146 -20.17 -7.56 13.52
N VAL A 147 -19.79 -6.29 13.41
CA VAL A 147 -19.56 -5.45 14.58
C VAL A 147 -20.87 -4.71 14.81
N VAL A 148 -21.38 -4.73 16.03
CA VAL A 148 -22.63 -4.04 16.34
C VAL A 148 -22.35 -3.01 17.38
N ILE A 149 -22.65 -1.73 17.10
CA ILE A 149 -22.38 -0.63 18.00
C ILE A 149 -23.64 0.15 18.25
N HIS A 150 -23.98 0.33 19.54
CA HIS A 150 -25.13 1.13 19.96
C HIS A 150 -24.60 2.44 20.52
N TYR A 151 -25.23 3.56 20.15
CA TYR A 151 -24.71 4.88 20.53
C TYR A 151 -25.78 5.95 20.48
N ALA A 152 -25.44 7.12 21.01
CA ALA A 152 -26.30 8.28 20.99
C ALA A 152 -25.48 9.52 20.69
N GLY A 153 -26.14 10.54 20.20
CA GLY A 153 -25.51 11.80 19.89
C GLY A 153 -26.48 12.95 20.00
N GLN A 154 -25.97 14.15 19.78
CA GLN A 154 -26.79 15.33 19.75
C GLN A 154 -26.75 15.80 18.33
N LEU A 155 -27.91 16.24 17.74
CA LEU A 155 -27.90 16.83 16.38
C LEU A 155 -26.92 18.02 16.40
N SER A 156 -26.05 18.06 15.44
CA SER A 156 -25.03 19.08 15.38
C SER A 156 -25.63 20.46 15.23
N GLU A 157 -25.03 21.43 15.91
CA GLU A 157 -25.42 22.82 15.76
C GLU A 157 -24.53 23.52 14.66
N THR A 158 -23.65 22.74 13.96
CA THR A 158 -22.79 23.22 12.85
C THR A 158 -23.54 22.93 11.50
N PHE A 159 -22.87 23.05 10.35
CA PHE A 159 -23.45 22.69 9.07
C PHE A 159 -22.91 21.31 8.61
N HIS A 160 -22.31 20.49 9.51
CA HIS A 160 -21.77 19.19 9.12
C HIS A 160 -22.22 18.09 10.10
N GLY A 161 -22.01 16.85 9.71
CA GLY A 161 -22.50 15.71 10.47
C GLY A 161 -24.00 15.59 10.21
N PHE A 162 -24.77 15.18 11.21
CA PHE A 162 -26.23 15.08 11.17
C PHE A 162 -26.67 16.31 11.95
N TYR A 163 -27.04 17.38 11.23
CA TYR A 163 -27.23 18.69 11.81
C TYR A 163 -28.64 19.24 11.71
N LYS A 164 -28.94 20.21 12.57
CA LYS A 164 -30.22 20.86 12.65
C LYS A 164 -30.31 21.98 11.63
N SER A 165 -31.43 22.03 10.93
CA SER A 165 -31.72 23.12 10.04
C SER A 165 -33.12 23.68 10.37
N THR A 166 -33.31 24.99 10.22
CA THR A 166 -34.59 25.60 10.61
C THR A 166 -35.10 26.55 9.53
N TYR A 167 -36.40 26.80 9.53
CA TYR A 167 -37.01 27.79 8.67
C TYR A 167 -38.27 28.34 9.37
N ARG A 168 -38.76 29.49 8.90
CA ARG A 168 -39.96 30.07 9.46
C ARG A 168 -41.09 29.99 8.47
N THR A 169 -42.29 29.70 8.96
CA THR A 169 -43.51 29.73 8.14
C THR A 169 -43.93 31.23 8.01
N LYS A 170 -44.87 31.57 7.12
CA LYS A 170 -45.32 32.98 6.97
C LYS A 170 -45.88 33.58 8.27
N GLU A 171 -46.33 32.73 9.18
CA GLU A 171 -46.87 33.16 10.48
C GLU A 171 -45.79 33.33 11.56
N GLY A 172 -44.54 33.04 11.25
CA GLY A 172 -43.45 33.17 12.19
C GLY A 172 -43.12 31.93 13.00
N GLU A 173 -43.82 30.80 12.73
CA GLU A 173 -43.55 29.56 13.45
C GLU A 173 -42.21 28.98 13.00
N LEU A 174 -41.36 28.63 13.97
CA LEU A 174 -40.08 28.03 13.66
C LEU A 174 -40.31 26.54 13.42
N ARG A 175 -39.80 26.02 12.32
CA ARG A 175 -39.87 24.60 11.95
C ARG A 175 -38.45 24.04 11.94
N ILE A 176 -38.29 22.83 12.45
CA ILE A 176 -37.00 22.18 12.53
C ILE A 176 -36.95 20.94 11.64
N LEU A 177 -35.82 20.76 10.96
CA LEU A 177 -35.54 19.57 10.18
C LEU A 177 -34.12 19.09 10.56
N ALA A 178 -33.78 17.89 10.14
CA ALA A 178 -32.44 17.35 10.39
C ALA A 178 -31.92 16.85 9.05
N SER A 179 -30.70 17.23 8.72
CA SER A 179 -30.09 16.87 7.44
C SER A 179 -28.63 16.43 7.64
N THR A 180 -27.97 15.94 6.58
CA THR A 180 -26.60 15.47 6.70
C THR A 180 -25.66 16.16 5.78
N GLN A 181 -24.38 16.29 6.21
CA GLN A 181 -23.32 16.79 5.35
C GLN A 181 -22.09 16.09 5.86
N PHE A 182 -21.64 15.06 5.13
CA PHE A 182 -20.52 14.26 5.61
C PHE A 182 -19.18 14.56 4.91
N GLU A 183 -19.19 15.01 3.65
CA GLU A 183 -17.90 15.20 2.98
C GLU A 183 -17.14 16.36 3.62
N PRO A 184 -15.87 16.15 3.98
CA PRO A 184 -15.09 14.91 3.81
C PRO A 184 -15.09 13.88 4.97
N THR A 185 -14.93 14.30 6.25
CA THR A 185 -14.78 13.36 7.36
C THR A 185 -15.87 13.42 8.44
N ALA A 186 -17.11 13.86 8.12
CA ALA A 186 -18.14 13.99 9.17
C ALA A 186 -19.14 12.82 9.25
N ALA A 187 -19.03 11.78 8.39
CA ALA A 187 -19.90 10.59 8.53
C ALA A 187 -19.74 9.95 9.94
N ARG A 188 -18.51 9.97 10.47
CA ARG A 188 -18.13 9.46 11.78
C ARG A 188 -18.83 10.24 12.92
N MET A 189 -19.43 11.43 12.64
CA MET A 189 -20.23 12.15 13.62
C MET A 189 -21.68 11.67 13.67
N ALA A 190 -22.10 10.79 12.74
CA ALA A 190 -23.47 10.32 12.70
C ALA A 190 -23.56 8.82 12.94
N PHE A 191 -22.51 8.05 12.57
CA PHE A 191 -22.43 6.62 12.79
C PHE A 191 -20.98 6.22 12.80
N PRO A 192 -20.61 5.28 13.69
CA PRO A 192 -19.22 4.81 13.71
C PRO A 192 -18.95 4.03 12.42
N CYS A 193 -17.79 4.29 11.80
CA CYS A 193 -17.51 3.68 10.51
C CYS A 193 -16.01 3.72 10.14
N PHE A 194 -15.63 3.03 9.05
CA PHE A 194 -14.28 3.08 8.53
C PHE A 194 -14.38 4.28 7.57
N ASP A 195 -14.19 5.50 8.11
CA ASP A 195 -14.53 6.75 7.45
C ASP A 195 -13.40 7.31 6.57
N GLU A 196 -12.98 6.52 5.58
CA GLU A 196 -11.99 6.90 4.56
C GLU A 196 -12.60 6.47 3.21
N PRO A 197 -12.43 7.29 2.15
CA PRO A 197 -13.15 7.03 0.88
C PRO A 197 -12.85 5.72 0.18
N ALA A 198 -11.68 5.10 0.44
CA ALA A 198 -11.32 3.81 -0.20
C ALA A 198 -11.96 2.61 0.48
N PHE A 199 -12.61 2.78 1.66
CA PHE A 199 -13.28 1.64 2.32
C PHE A 199 -14.75 1.60 1.82
N LYS A 200 -14.97 1.35 0.51
CA LYS A 200 -16.34 1.36 -0.04
C LYS A 200 -17.18 0.19 0.49
N ALA A 201 -18.49 0.39 0.64
CA ALA A 201 -19.37 -0.64 1.15
C ALA A 201 -20.81 -0.35 0.73
N SER A 202 -21.69 -1.35 0.83
CA SER A 202 -23.11 -1.12 0.59
C SER A 202 -23.72 -0.62 1.91
N PHE A 203 -24.84 0.12 1.84
CA PHE A 203 -25.48 0.64 3.04
C PHE A 203 -27.00 0.38 2.97
N SER A 204 -27.57 -0.21 4.06
CA SER A 204 -28.99 -0.42 4.23
C SER A 204 -29.38 0.53 5.36
N ILE A 205 -30.12 1.56 5.03
CA ILE A 205 -30.46 2.60 5.98
C ILE A 205 -31.90 2.51 6.44
N LYS A 206 -32.09 2.58 7.76
CA LYS A 206 -33.41 2.57 8.40
C LYS A 206 -33.52 3.78 9.27
N ILE A 207 -34.62 4.52 9.17
CA ILE A 207 -34.79 5.77 9.91
C ILE A 207 -36.09 5.74 10.66
N ARG A 208 -36.02 5.96 11.99
CA ARG A 208 -37.21 6.04 12.82
C ARG A 208 -37.62 7.48 12.97
N ARG A 209 -38.92 7.73 12.88
CA ARG A 209 -39.42 9.11 12.90
C ARG A 209 -40.87 9.18 13.34
N GLU A 210 -41.34 10.42 13.58
CA GLU A 210 -42.74 10.69 13.87
C GLU A 210 -43.52 10.67 12.55
N PRO A 211 -44.82 10.34 12.59
CA PRO A 211 -45.66 10.41 11.37
C PRO A 211 -45.71 11.78 10.70
N ARG A 212 -45.53 12.89 11.46
CA ARG A 212 -45.54 14.23 10.85
C ARG A 212 -44.33 14.50 9.93
N HIS A 213 -43.29 13.66 10.01
CA HIS A 213 -42.10 13.87 9.21
C HIS A 213 -42.01 12.91 8.04
N LEU A 214 -41.33 13.35 6.99
CA LEU A 214 -40.96 12.58 5.83
C LEU A 214 -39.43 12.32 5.99
N ALA A 215 -38.97 11.13 5.65
CA ALA A 215 -37.55 10.85 5.60
C ALA A 215 -37.20 10.43 4.19
N ILE A 216 -36.07 10.91 3.69
CA ILE A 216 -35.55 10.52 2.39
C ILE A 216 -34.08 10.21 2.58
N SER A 217 -33.55 9.38 1.69
CA SER A 217 -32.16 8.95 1.82
C SER A 217 -31.58 8.71 0.42
N ASN A 218 -30.41 8.06 0.31
CA ASN A 218 -29.80 7.79 -0.98
C ASN A 218 -30.69 6.97 -1.94
N MET A 219 -31.31 5.90 -1.42
CA MET A 219 -32.10 4.96 -2.21
C MET A 219 -33.58 5.16 -2.01
N PRO A 220 -34.41 4.59 -2.91
CA PRO A 220 -35.86 4.64 -2.73
C PRO A 220 -36.33 3.98 -1.43
N LEU A 221 -37.49 4.42 -0.94
CA LEU A 221 -38.11 3.85 0.25
C LEU A 221 -38.78 2.52 -0.14
N VAL A 222 -38.39 1.42 0.49
CA VAL A 222 -38.96 0.10 0.24
C VAL A 222 -40.30 -0.01 0.97
N LYS A 223 -40.31 0.37 2.26
CA LYS A 223 -41.49 0.26 3.08
C LYS A 223 -41.34 1.07 4.35
N SER A 224 -42.47 1.37 5.01
CA SER A 224 -42.50 2.08 6.29
C SER A 224 -43.21 1.17 7.28
N VAL A 225 -42.57 0.80 8.38
CA VAL A 225 -43.14 -0.10 9.38
C VAL A 225 -43.56 0.71 10.60
N THR A 226 -44.79 0.52 11.09
CA THR A 226 -45.19 1.19 12.32
C THR A 226 -44.62 0.36 13.46
N VAL A 227 -43.69 0.91 14.24
CA VAL A 227 -43.03 0.22 15.35
C VAL A 227 -43.88 0.24 16.61
N ALA A 228 -44.46 1.41 16.90
CA ALA A 228 -45.26 1.69 18.08
C ALA A 228 -46.11 3.00 17.86
N GLU A 229 -46.88 3.47 18.86
CA GLU A 229 -47.68 4.68 18.72
C GLU A 229 -46.83 5.89 18.33
N GLY A 230 -47.17 6.46 17.18
CA GLY A 230 -46.44 7.61 16.65
C GLY A 230 -44.98 7.36 16.36
N LEU A 231 -44.62 6.12 15.99
CA LEU A 231 -43.23 5.77 15.73
C LEU A 231 -43.16 4.89 14.50
N ILE A 232 -42.61 5.43 13.39
CA ILE A 232 -42.53 4.75 12.10
C ILE A 232 -41.07 4.50 11.75
N GLU A 233 -40.79 3.35 11.16
CA GLU A 233 -39.47 3.03 10.71
C GLU A 233 -39.43 2.86 9.21
N ASP A 234 -38.68 3.76 8.54
CA ASP A 234 -38.57 3.74 7.09
C ASP A 234 -37.38 2.87 6.67
N HIS A 235 -37.61 1.92 5.79
CA HIS A 235 -36.53 1.08 5.26
C HIS A 235 -36.18 1.56 3.85
N PHE A 236 -34.92 1.97 3.64
CA PHE A 236 -34.49 2.38 2.30
C PHE A 236 -33.75 1.22 1.64
N ASP A 237 -33.86 1.10 0.31
CA ASP A 237 -33.19 0.00 -0.39
C ASP A 237 -31.68 0.03 -0.23
N VAL A 238 -31.02 -1.14 -0.36
CA VAL A 238 -29.57 -1.19 -0.20
C VAL A 238 -28.86 -0.36 -1.31
N THR A 239 -27.83 0.42 -0.94
CA THR A 239 -27.11 1.21 -1.97
C THR A 239 -26.13 0.30 -2.73
N VAL A 240 -25.60 0.79 -3.85
CA VAL A 240 -24.47 0.13 -4.50
C VAL A 240 -23.23 0.40 -3.57
N LYS A 241 -22.07 -0.23 -3.90
CA LYS A 241 -20.78 -0.04 -3.21
C LYS A 241 -20.41 1.47 -3.33
N MET A 242 -20.17 2.13 -2.20
CA MET A 242 -19.84 3.55 -2.20
C MET A 242 -19.10 3.94 -0.95
N SER A 243 -18.57 5.18 -0.96
CA SER A 243 -17.86 5.71 0.20
C SER A 243 -18.81 6.22 1.30
N THR A 244 -18.35 6.20 2.55
CA THR A 244 -19.15 6.69 3.69
C THR A 244 -19.54 8.15 3.54
N TYR A 245 -18.68 8.97 2.91
CA TYR A 245 -18.97 10.41 2.82
C TYR A 245 -20.22 10.72 1.97
N LEU A 246 -20.72 9.75 1.20
CA LEU A 246 -21.87 9.93 0.33
C LEU A 246 -23.20 9.52 0.95
N VAL A 247 -23.19 8.94 2.16
CA VAL A 247 -24.42 8.56 2.85
C VAL A 247 -25.20 9.84 3.19
N ALA A 248 -26.51 9.83 2.99
CA ALA A 248 -27.31 11.02 3.29
C ALA A 248 -28.68 10.63 3.72
N PHE A 249 -29.26 11.47 4.60
CA PHE A 249 -30.62 11.29 5.05
C PHE A 249 -31.14 12.61 5.59
N ILE A 250 -32.44 12.87 5.34
CA ILE A 250 -33.04 14.13 5.75
C ILE A 250 -34.41 13.82 6.35
N ILE A 251 -34.71 14.40 7.50
CA ILE A 251 -36.00 14.22 8.16
C ILE A 251 -36.62 15.60 8.18
N SER A 252 -37.76 15.77 7.54
CA SER A 252 -38.33 17.10 7.40
C SER A 252 -39.85 17.07 7.06
N ASP A 253 -40.43 18.22 6.68
CA ASP A 253 -41.78 18.27 6.13
C ASP A 253 -41.71 18.88 4.70
N PHE A 254 -40.64 18.55 3.96
CA PHE A 254 -40.42 19.05 2.60
C PHE A 254 -41.51 18.57 1.65
N GLU A 255 -41.83 19.38 0.64
CA GLU A 255 -42.70 18.96 -0.45
C GLU A 255 -41.79 18.64 -1.67
N SER A 256 -42.37 18.01 -2.71
CA SER A 256 -41.58 17.66 -3.88
C SER A 256 -42.37 17.77 -5.18
N VAL A 257 -41.63 17.89 -6.27
CA VAL A 257 -42.10 17.86 -7.64
C VAL A 257 -41.19 16.83 -8.31
N SER A 258 -41.72 16.10 -9.31
CA SER A 258 -40.94 15.05 -9.96
CA SER A 258 -40.96 15.03 -9.95
C SER A 258 -41.17 14.96 -11.47
N LYS A 259 -40.22 14.37 -12.17
CA LYS A 259 -40.21 14.18 -13.61
C LYS A 259 -39.34 12.94 -13.87
N ILE A 260 -39.73 12.10 -14.83
CA ILE A 260 -38.96 10.89 -15.17
C ILE A 260 -38.10 11.10 -16.41
N THR A 261 -36.83 10.67 -16.37
CA THR A 261 -35.95 10.80 -17.54
C THR A 261 -36.37 9.78 -18.63
N LYS A 262 -35.83 9.90 -19.86
CA LYS A 262 -36.12 8.94 -20.92
C LYS A 262 -35.57 7.55 -20.55
N SER A 263 -34.54 7.46 -19.66
CA SER A 263 -33.99 6.20 -19.16
C SER A 263 -34.79 5.60 -17.96
N GLY A 264 -35.85 6.27 -17.52
CA GLY A 264 -36.70 5.76 -16.45
C GLY A 264 -36.32 6.19 -15.04
N VAL A 265 -35.36 7.11 -14.88
CA VAL A 265 -34.98 7.57 -13.55
C VAL A 265 -35.96 8.63 -13.05
N LYS A 266 -36.51 8.45 -11.85
CA LYS A 266 -37.40 9.46 -11.28
C LYS A 266 -36.53 10.57 -10.65
N VAL A 267 -36.62 11.78 -11.16
CA VAL A 267 -35.86 12.91 -10.61
C VAL A 267 -36.86 13.77 -9.83
N SER A 268 -36.54 14.13 -8.60
CA SER A 268 -37.40 14.96 -7.77
C SER A 268 -36.61 16.12 -7.18
N VAL A 269 -37.29 17.24 -6.96
CA VAL A 269 -36.72 18.35 -6.22
C VAL A 269 -37.53 18.45 -4.94
N TYR A 270 -36.85 18.51 -3.79
CA TYR A 270 -37.47 18.68 -2.49
C TYR A 270 -37.18 20.09 -1.96
N ALA A 271 -38.18 20.71 -1.34
CA ALA A 271 -38.00 22.05 -0.73
C ALA A 271 -39.08 22.28 0.34
N VAL A 272 -38.92 23.31 1.21
CA VAL A 272 -39.96 23.64 2.19
C VAL A 272 -41.28 23.99 1.46
N PRO A 273 -42.44 23.72 2.09
CA PRO A 273 -43.71 23.98 1.41
C PRO A 273 -43.86 25.35 0.75
N ASP A 274 -43.41 26.44 1.42
CA ASP A 274 -43.52 27.80 0.86
C ASP A 274 -42.58 28.08 -0.32
N LYS A 275 -41.64 27.18 -0.65
CA LYS A 275 -40.71 27.41 -1.75
C LYS A 275 -40.73 26.31 -2.84
N ILE A 276 -41.54 25.25 -2.68
CA ILE A 276 -41.60 24.19 -3.70
C ILE A 276 -42.07 24.73 -5.07
N ASN A 277 -42.82 25.86 -5.11
CA ASN A 277 -43.22 26.45 -6.40
C ASN A 277 -42.04 27.09 -7.18
N GLN A 278 -40.83 27.15 -6.58
CA GLN A 278 -39.63 27.67 -7.26
C GLN A 278 -38.70 26.51 -7.73
N ALA A 279 -39.18 25.27 -7.72
CA ALA A 279 -38.35 24.12 -8.06
C ALA A 279 -38.37 23.68 -9.54
N ASP A 280 -39.30 24.19 -10.36
CA ASP A 280 -39.48 23.77 -11.75
C ASP A 280 -38.27 23.89 -12.63
N TYR A 281 -37.56 25.03 -12.56
CA TYR A 281 -36.37 25.23 -13.37
C TYR A 281 -35.31 24.17 -13.08
N ALA A 282 -34.96 23.95 -11.78
CA ALA A 282 -33.94 22.96 -11.44
C ALA A 282 -34.40 21.57 -11.82
N LEU A 283 -35.71 21.27 -11.70
CA LEU A 283 -36.24 19.93 -12.04
C LEU A 283 -36.00 19.66 -13.54
N ASP A 284 -36.40 20.60 -14.38
CA ASP A 284 -36.19 20.49 -15.81
C ASP A 284 -34.69 20.41 -16.15
N ALA A 285 -33.86 21.26 -15.53
CA ALA A 285 -32.42 21.24 -15.78
C ALA A 285 -31.78 19.91 -15.36
N ALA A 286 -32.17 19.36 -14.19
CA ALA A 286 -31.62 18.09 -13.68
C ALA A 286 -31.94 16.94 -14.63
N VAL A 287 -33.19 16.88 -15.14
CA VAL A 287 -33.59 15.82 -16.09
C VAL A 287 -32.74 15.91 -17.36
N THR A 288 -32.64 17.13 -17.95
CA THR A 288 -31.85 17.31 -19.16
C THR A 288 -30.35 16.97 -18.95
N LEU A 289 -29.79 17.40 -17.81
CA LEU A 289 -28.39 17.15 -17.51
C LEU A 289 -28.10 15.67 -17.18
N LEU A 290 -28.98 14.99 -16.44
CA LEU A 290 -28.76 13.56 -16.17
C LEU A 290 -28.80 12.77 -17.51
N GLU A 291 -29.75 13.12 -18.40
CA GLU A 291 -29.84 12.52 -19.73
C GLU A 291 -28.61 12.83 -20.53
N PHE A 292 -28.10 14.10 -20.48
CA PHE A 292 -26.86 14.43 -21.16
C PHE A 292 -25.71 13.52 -20.70
N TYR A 293 -25.45 13.43 -19.38
CA TYR A 293 -24.35 12.63 -18.85
C TYR A 293 -24.47 11.14 -19.18
N GLU A 294 -25.68 10.57 -19.10
CA GLU A 294 -25.91 9.17 -19.44
C GLU A 294 -25.54 8.92 -20.89
N ASP A 295 -25.97 9.81 -21.78
CA ASP A 295 -25.66 9.66 -23.20
CA ASP A 295 -25.67 9.66 -23.20
C ASP A 295 -24.17 9.92 -23.46
N TYR A 296 -23.62 10.96 -22.85
CA TYR A 296 -22.23 11.35 -23.01
C TYR A 296 -21.23 10.29 -22.61
N PHE A 297 -21.35 9.78 -21.37
CA PHE A 297 -20.44 8.78 -20.84
C PHE A 297 -20.71 7.36 -21.32
N SER A 298 -21.89 7.10 -21.90
CA SER A 298 -22.34 5.73 -22.24
C SER A 298 -22.39 4.83 -21.00
N ILE A 299 -22.63 5.42 -19.82
CA ILE A 299 -22.73 4.66 -18.58
C ILE A 299 -23.99 5.15 -17.91
N PRO A 300 -25.04 4.30 -17.88
CA PRO A 300 -26.29 4.76 -17.28
C PRO A 300 -26.12 5.11 -15.80
N TYR A 301 -26.98 6.00 -15.32
CA TYR A 301 -27.08 6.34 -13.91
C TYR A 301 -27.71 5.07 -13.27
N PRO A 302 -27.04 4.46 -12.28
CA PRO A 302 -27.47 3.12 -11.83
C PRO A 302 -28.57 3.02 -10.79
N LEU A 303 -29.03 4.16 -10.27
CA LEU A 303 -30.02 4.15 -9.20
C LEU A 303 -31.42 4.40 -9.76
N PRO A 304 -32.49 3.96 -9.09
CA PRO A 304 -33.84 4.19 -9.63
C PRO A 304 -34.30 5.65 -9.56
N LYS A 305 -33.69 6.45 -8.66
CA LYS A 305 -34.09 7.83 -8.51
C LYS A 305 -32.94 8.77 -8.19
N GLN A 306 -33.16 10.05 -8.44
CA GLN A 306 -32.20 11.10 -8.11
C GLN A 306 -32.99 12.22 -7.46
N ASP A 307 -32.62 12.60 -6.24
CA ASP A 307 -33.31 13.70 -5.57
C ASP A 307 -32.39 14.90 -5.46
N LEU A 308 -32.95 16.09 -5.47
CA LEU A 308 -32.23 17.35 -5.33
C LEU A 308 -32.95 18.07 -4.23
N ALA A 309 -32.35 18.20 -3.04
CA ALA A 309 -33.03 18.80 -1.90
C ALA A 309 -32.47 20.19 -1.59
N ALA A 310 -33.34 21.20 -1.44
CA ALA A 310 -32.91 22.57 -1.10
C ALA A 310 -32.97 22.68 0.43
N ILE A 311 -31.83 22.78 1.09
CA ILE A 311 -31.79 22.79 2.56
C ILE A 311 -31.77 24.24 3.03
N PRO A 312 -32.59 24.62 4.03
CA PRO A 312 -32.60 26.03 4.48
C PRO A 312 -31.29 26.50 5.12
N ASP A 313 -30.44 25.58 5.61
CA ASP A 313 -29.14 25.95 6.18
C ASP A 313 -28.10 25.05 5.55
N PHE A 314 -27.13 25.61 4.85
CA PHE A 314 -26.15 24.76 4.14
C PHE A 314 -24.84 25.55 3.99
N GLN A 315 -23.70 24.95 4.31
CA GLN A 315 -22.42 25.70 4.34
C GLN A 315 -21.83 26.00 2.95
N SER A 316 -21.59 24.95 2.14
CA SER A 316 -21.08 25.10 0.78
C SER A 316 -22.24 25.42 -0.19
N GLY A 317 -22.02 25.29 -1.50
CA GLY A 317 -23.07 25.56 -2.46
C GLY A 317 -24.01 24.38 -2.56
N ALA A 318 -23.43 23.18 -2.65
CA ALA A 318 -24.19 21.93 -2.84
C ALA A 318 -23.30 20.69 -2.50
N MET A 319 -23.88 19.46 -2.51
CA MET A 319 -23.18 18.24 -2.19
C MET A 319 -23.76 17.10 -3.05
N GLU A 320 -22.90 16.24 -3.56
CA GLU A 320 -23.32 15.22 -4.53
C GLU A 320 -23.76 13.86 -3.98
N ASN A 321 -24.27 13.76 -2.74
CA ASN A 321 -24.66 12.46 -2.13
C ASN A 321 -25.42 11.60 -3.11
N TRP A 322 -24.91 10.38 -3.37
CA TRP A 322 -25.44 9.52 -4.42
C TRP A 322 -26.93 9.27 -4.30
N GLY A 323 -27.73 9.85 -5.21
CA GLY A 323 -29.18 9.69 -5.15
C GLY A 323 -29.93 10.75 -4.35
N LEU A 324 -29.18 11.59 -3.61
CA LEU A 324 -29.81 12.60 -2.77
C LEU A 324 -28.87 13.80 -2.71
N THR A 325 -28.80 14.52 -3.82
CA THR A 325 -27.93 15.69 -3.89
C THR A 325 -28.58 16.81 -3.07
N THR A 326 -27.80 17.62 -2.37
CA THR A 326 -28.32 18.67 -1.48
C THR A 326 -27.75 20.01 -1.88
N TYR A 327 -28.48 21.09 -1.62
CA TYR A 327 -28.11 22.40 -2.13
C TYR A 327 -28.48 23.47 -1.16
N ARG A 328 -27.80 24.63 -1.25
CA ARG A 328 -28.31 25.84 -0.59
C ARG A 328 -29.61 26.17 -1.38
N GLU A 329 -30.64 26.70 -0.73
CA GLU A 329 -31.84 27.15 -1.46
C GLU A 329 -31.49 28.13 -2.64
N SER A 330 -30.46 29.01 -2.45
CA SER A 330 -30.02 29.94 -3.50
C SER A 330 -29.34 29.23 -4.69
N ALA A 331 -28.82 28.01 -4.47
CA ALA A 331 -28.21 27.25 -5.57
C ALA A 331 -29.21 26.36 -6.35
N LEU A 332 -30.49 26.33 -5.95
CA LEU A 332 -31.46 25.45 -6.59
C LEU A 332 -32.78 26.11 -6.95
N LEU A 333 -33.26 27.04 -6.13
CA LEU A 333 -34.60 27.62 -6.32
C LEU A 333 -34.64 28.91 -7.14
N PHE A 334 -35.46 28.88 -8.17
CA PHE A 334 -35.59 29.96 -9.16
C PHE A 334 -36.97 30.62 -9.11
N ASP A 335 -36.99 31.94 -8.96
CA ASP A 335 -38.24 32.72 -8.94
C ASP A 335 -38.24 33.46 -10.29
N ALA A 336 -39.16 33.09 -11.21
CA ALA A 336 -39.18 33.69 -12.54
C ALA A 336 -39.29 35.20 -12.59
N GLU A 337 -39.77 35.83 -11.52
CA GLU A 337 -39.92 37.29 -11.47
C GLU A 337 -38.78 38.01 -10.73
N LYS A 338 -38.15 37.36 -9.75
CA LYS A 338 -37.15 38.03 -8.91
C LYS A 338 -35.73 37.53 -9.08
N SER A 339 -35.54 36.32 -9.59
CA SER A 339 -34.20 35.76 -9.70
C SER A 339 -33.36 36.44 -10.75
N SER A 340 -32.07 36.62 -10.50
CA SER A 340 -31.17 37.25 -11.47
C SER A 340 -30.71 36.25 -12.53
N ALA A 341 -30.12 36.79 -13.61
CA ALA A 341 -29.52 35.98 -14.68
C ALA A 341 -28.31 35.21 -14.06
N SER A 342 -27.55 35.86 -13.17
CA SER A 342 -26.40 35.23 -12.54
C SER A 342 -26.86 34.02 -11.69
N SER A 343 -27.94 34.18 -10.94
CA SER A 343 -28.46 33.10 -10.11
C SER A 343 -29.00 31.94 -10.95
N LYS A 344 -29.64 32.22 -12.10
CA LYS A 344 -30.15 31.18 -12.99
C LYS A 344 -28.98 30.35 -13.55
N LEU A 345 -27.90 31.05 -13.97
CA LEU A 345 -26.66 30.45 -14.44
C LEU A 345 -26.08 29.58 -13.30
N GLY A 346 -26.03 30.11 -12.07
CA GLY A 346 -25.54 29.41 -10.89
C GLY A 346 -26.30 28.11 -10.60
N ILE A 347 -27.66 28.14 -10.69
CA ILE A 347 -28.45 26.92 -10.49
C ILE A 347 -28.08 25.90 -11.56
N THR A 348 -28.02 26.34 -12.84
CA THR A 348 -27.71 25.44 -13.91
C THR A 348 -26.36 24.78 -13.75
N MET A 349 -25.34 25.58 -13.41
CA MET A 349 -23.99 25.07 -13.27
C MET A 349 -23.86 24.21 -12.01
N THR A 350 -24.53 24.59 -10.90
CA THR A 350 -24.43 23.81 -9.66
C THR A 350 -25.07 22.42 -9.86
N VAL A 351 -26.24 22.39 -10.50
CA VAL A 351 -26.90 21.10 -10.82
C VAL A 351 -25.99 20.26 -11.73
N ALA A 352 -25.39 20.88 -12.76
CA ALA A 352 -24.49 20.16 -13.68
C ALA A 352 -23.29 19.56 -12.93
N HIS A 353 -22.75 20.31 -11.98
CA HIS A 353 -21.61 19.95 -11.14
C HIS A 353 -21.98 18.73 -10.30
N GLU A 354 -23.08 18.81 -9.54
CA GLU A 354 -23.46 17.71 -8.65
C GLU A 354 -23.81 16.46 -9.44
N LEU A 355 -24.45 16.63 -10.61
CA LEU A 355 -24.80 15.47 -11.42
C LEU A 355 -23.55 14.88 -12.09
N ALA A 356 -22.55 15.71 -12.43
CA ALA A 356 -21.28 15.17 -12.98
C ALA A 356 -20.62 14.23 -11.96
N HIS A 357 -20.70 14.59 -10.66
CA HIS A 357 -20.11 13.81 -9.56
C HIS A 357 -20.71 12.42 -9.47
N GLN A 358 -21.93 12.20 -10.00
CA GLN A 358 -22.53 10.84 -9.93
C GLN A 358 -21.60 9.83 -10.65
N TRP A 359 -20.84 10.30 -11.66
CA TRP A 359 -19.82 9.53 -12.37
C TRP A 359 -18.44 9.90 -11.76
N PHE A 360 -18.07 11.18 -11.80
CA PHE A 360 -16.78 11.63 -11.26
C PHE A 360 -16.84 11.95 -9.78
N GLY A 361 -16.73 10.93 -8.98
CA GLY A 361 -16.73 11.04 -7.52
C GLY A 361 -17.47 9.90 -6.85
N ASN A 362 -18.64 9.57 -7.37
CA ASN A 362 -19.49 8.56 -6.76
C ASN A 362 -19.19 7.18 -7.34
N LEU A 363 -19.40 7.02 -8.65
CA LEU A 363 -19.10 5.79 -9.37
C LEU A 363 -17.60 5.49 -9.27
N VAL A 364 -16.77 6.49 -9.58
CA VAL A 364 -15.32 6.41 -9.49
C VAL A 364 -14.88 7.44 -8.46
N THR A 365 -14.20 6.99 -7.39
CA THR A 365 -13.84 7.91 -6.31
C THR A 365 -12.34 8.02 -6.16
N MET A 366 -11.78 9.19 -5.74
CA MET A 366 -10.32 9.23 -5.48
C MET A 366 -10.00 8.28 -4.32
N GLU A 367 -8.83 7.65 -4.34
CA GLU A 367 -8.44 6.72 -3.27
C GLU A 367 -8.23 7.47 -1.94
N TRP A 368 -7.62 8.64 -2.02
CA TRP A 368 -7.40 9.45 -0.80
C TRP A 368 -7.49 10.92 -1.18
N TRP A 369 -7.78 11.79 -0.20
CA TRP A 369 -8.02 13.21 -0.38
C TRP A 369 -6.85 13.96 -1.00
N ASN A 370 -5.63 13.35 -1.03
CA ASN A 370 -4.51 13.99 -1.76
C ASN A 370 -4.87 14.16 -3.26
N ASP A 371 -5.76 13.27 -3.79
CA ASP A 371 -6.22 13.31 -5.18
C ASP A 371 -7.67 13.78 -5.29
N LEU A 372 -8.12 14.64 -4.35
CA LEU A 372 -9.49 15.16 -4.39
C LEU A 372 -9.82 15.83 -5.77
N TRP A 373 -8.81 16.34 -6.48
CA TRP A 373 -9.03 16.99 -7.78
C TRP A 373 -9.66 16.05 -8.83
N LEU A 374 -9.42 14.74 -8.73
CA LEU A 374 -10.03 13.75 -9.62
C LEU A 374 -11.59 13.85 -9.55
N ASN A 375 -12.13 14.19 -8.36
CA ASN A 375 -13.55 14.44 -8.18
C ASN A 375 -13.90 15.91 -8.60
N GLU A 376 -13.28 16.90 -7.95
CA GLU A 376 -13.67 18.29 -8.08
C GLU A 376 -13.25 18.98 -9.37
N GLY A 377 -12.03 18.73 -9.86
CA GLY A 377 -11.59 19.31 -11.13
C GLY A 377 -12.46 18.83 -12.28
N PHE A 378 -12.73 17.53 -12.29
CA PHE A 378 -13.59 16.93 -13.30
C PHE A 378 -15.03 17.43 -13.22
N ALA A 379 -15.62 17.52 -12.01
CA ALA A 379 -17.01 17.97 -11.89
C ALA A 379 -17.12 19.43 -12.35
N LYS A 380 -16.12 20.25 -12.00
CA LYS A 380 -16.10 21.65 -12.39
C LYS A 380 -15.98 21.77 -13.91
N PHE A 381 -15.06 21.01 -14.49
CA PHE A 381 -14.89 21.03 -15.94
C PHE A 381 -16.15 20.51 -16.67
N MET A 382 -16.77 19.44 -16.15
CA MET A 382 -17.96 18.89 -16.79
C MET A 382 -19.16 19.85 -16.75
N GLU A 383 -19.16 20.85 -15.84
CA GLU A 383 -20.26 21.86 -15.87
C GLU A 383 -20.28 22.56 -17.23
N PHE A 384 -19.08 22.85 -17.76
CA PHE A 384 -18.90 23.53 -19.02
C PHE A 384 -19.18 22.61 -20.18
N VAL A 385 -18.65 21.37 -20.15
CA VAL A 385 -18.89 20.41 -21.22
C VAL A 385 -20.39 20.15 -21.40
N SER A 386 -21.11 19.95 -20.28
CA SER A 386 -22.53 19.65 -20.34
C SER A 386 -23.46 20.84 -20.67
N VAL A 387 -23.34 21.94 -19.91
CA VAL A 387 -24.24 23.08 -20.07
C VAL A 387 -24.05 23.75 -21.43
N SER A 388 -22.84 23.68 -22.03
CA SER A 388 -22.61 24.23 -23.38
CA SER A 388 -22.62 24.25 -23.36
C SER A 388 -23.51 23.54 -24.40
N VAL A 389 -23.95 22.31 -24.11
CA VAL A 389 -24.82 21.54 -24.99
C VAL A 389 -26.26 21.63 -24.55
N THR A 390 -26.54 21.43 -23.26
CA THR A 390 -27.91 21.42 -22.76
C THR A 390 -28.55 22.80 -22.76
N HIS A 391 -27.79 23.84 -22.41
CA HIS A 391 -28.34 25.20 -22.31
C HIS A 391 -27.47 26.15 -23.14
N PRO A 392 -27.50 26.02 -24.48
CA PRO A 392 -26.63 26.84 -25.31
C PRO A 392 -26.88 28.34 -25.19
N GLU A 393 -28.10 28.75 -24.85
CA GLU A 393 -28.47 30.15 -24.65
C GLU A 393 -27.70 30.79 -23.45
N LEU A 394 -27.12 29.97 -22.54
CA LEU A 394 -26.33 30.54 -21.44
C LEU A 394 -24.91 30.92 -21.90
N LYS A 395 -24.42 30.37 -23.04
CA LYS A 395 -23.07 30.60 -23.55
C LYS A 395 -21.98 30.47 -22.47
N VAL A 396 -22.00 29.36 -21.70
CA VAL A 396 -21.05 29.20 -20.59
C VAL A 396 -19.59 29.06 -21.02
N GLY A 397 -19.36 28.44 -22.17
CA GLY A 397 -18.02 28.13 -22.67
C GLY A 397 -17.12 29.34 -22.77
N ASP A 398 -17.72 30.50 -23.05
CA ASP A 398 -17.03 31.78 -23.13
C ASP A 398 -16.52 32.24 -21.76
N TYR A 399 -17.14 31.78 -20.64
CA TYR A 399 -16.79 32.26 -19.28
C TYR A 399 -15.80 31.38 -18.52
N PHE A 400 -15.50 30.20 -19.01
CA PHE A 400 -14.63 29.26 -18.31
C PHE A 400 -13.33 29.83 -17.75
N PHE A 401 -12.65 30.60 -18.58
CA PHE A 401 -11.31 31.12 -18.37
C PHE A 401 -11.14 32.02 -17.18
N GLY A 402 -12.23 32.63 -16.71
CA GLY A 402 -12.20 33.46 -15.52
C GLY A 402 -11.80 32.68 -14.28
N LYS A 403 -12.20 31.39 -14.22
CA LYS A 403 -11.85 30.49 -13.09
C LYS A 403 -10.33 30.32 -13.04
N CYS A 404 -9.70 30.17 -14.21
CA CYS A 404 -8.27 29.97 -14.33
C CYS A 404 -7.48 31.19 -13.81
N PHE A 405 -7.97 32.41 -14.05
CA PHE A 405 -7.30 33.61 -13.52
C PHE A 405 -7.40 33.71 -12.01
N ASP A 406 -8.53 33.25 -11.45
CA ASP A 406 -8.69 33.22 -9.99
C ASP A 406 -7.71 32.18 -9.40
N ALA A 407 -7.58 31.01 -10.05
CA ALA A 407 -6.65 29.98 -9.57
C ALA A 407 -5.21 30.49 -9.65
N MET A 408 -4.87 31.28 -10.69
CA MET A 408 -3.54 31.84 -10.83
C MET A 408 -3.19 32.84 -9.74
N GLU A 409 -4.19 33.54 -9.19
CA GLU A 409 -3.96 34.48 -8.08
C GLU A 409 -3.34 33.72 -6.87
N VAL A 410 -3.94 32.58 -6.48
CA VAL A 410 -3.38 31.79 -5.40
C VAL A 410 -2.16 30.96 -5.87
N ASP A 411 -2.16 30.48 -7.11
CA ASP A 411 -1.10 29.62 -7.62
C ASP A 411 0.22 30.34 -7.92
N ALA A 412 0.22 31.67 -7.90
CA ALA A 412 1.47 32.42 -8.09
C ALA A 412 2.22 32.65 -6.74
N LEU A 413 1.69 32.16 -5.63
CA LEU A 413 2.30 32.37 -4.33
C LEU A 413 3.08 31.12 -3.88
N GLN A 414 4.07 31.33 -3.03
CA GLN A 414 4.84 30.24 -2.40
C GLN A 414 3.92 29.30 -1.61
N SER A 415 2.86 29.85 -1.01
CA SER A 415 1.91 29.09 -0.19
C SER A 415 0.88 28.28 -0.99
N SER A 416 1.01 28.25 -2.35
CA SER A 416 0.12 27.38 -3.13
C SER A 416 0.64 25.92 -2.91
N HIS A 417 -0.04 24.97 -3.53
CA HIS A 417 0.33 23.58 -3.38
C HIS A 417 0.06 22.89 -4.71
N PRO A 418 0.73 21.76 -4.95
CA PRO A 418 0.44 21.02 -6.19
C PRO A 418 -1.01 20.54 -6.18
N VAL A 419 -1.58 20.34 -7.37
CA VAL A 419 -2.94 19.81 -7.51
C VAL A 419 -3.09 18.49 -6.72
N SER A 420 -2.08 17.63 -6.81
CA SER A 420 -2.08 16.38 -6.05
C SER A 420 -0.99 16.53 -4.96
N THR A 421 -1.42 16.61 -3.69
CA THR A 421 -0.50 16.88 -2.58
C THR A 421 -0.95 16.20 -1.27
N PRO A 422 -0.01 15.78 -0.40
CA PRO A 422 -0.40 15.01 0.80
C PRO A 422 -1.17 15.79 1.84
N VAL A 423 -2.18 15.10 2.43
CA VAL A 423 -3.02 15.61 3.52
C VAL A 423 -3.23 14.48 4.52
N GLU A 424 -3.30 14.83 5.80
CA GLU A 424 -3.45 13.80 6.83
C GLU A 424 -4.69 14.00 7.73
N ASN A 425 -4.82 15.19 8.34
CA ASN A 425 -5.89 15.42 9.31
C ASN A 425 -7.11 16.10 8.69
N PRO A 426 -8.26 16.07 9.38
CA PRO A 426 -9.48 16.64 8.81
C PRO A 426 -9.37 18.11 8.35
N ALA A 427 -8.65 18.98 9.07
CA ALA A 427 -8.49 20.36 8.64
C ALA A 427 -7.72 20.46 7.30
N GLN A 428 -6.64 19.69 7.14
CA GLN A 428 -5.87 19.66 5.89
C GLN A 428 -6.68 19.14 4.74
N ILE A 429 -7.51 18.11 5.00
CA ILE A 429 -8.36 17.56 3.97
C ILE A 429 -9.38 18.61 3.51
N ARG A 430 -10.00 19.32 4.47
CA ARG A 430 -10.93 20.39 4.14
C ARG A 430 -10.27 21.49 3.31
N GLU A 431 -8.97 21.75 3.56
CA GLU A 431 -8.21 22.73 2.78
C GLU A 431 -8.03 22.31 1.32
N MET A 432 -8.23 21.02 0.98
CA MET A 432 -8.16 20.60 -0.42
C MET A 432 -9.37 21.11 -1.22
N PHE A 433 -10.47 21.56 -0.56
CA PHE A 433 -11.64 22.05 -1.31
C PHE A 433 -11.39 23.53 -1.62
N ASP A 434 -10.47 23.78 -2.54
CA ASP A 434 -10.00 25.13 -2.82
C ASP A 434 -9.93 25.42 -4.33
N ASP A 435 -9.41 26.58 -4.72
CA ASP A 435 -9.31 26.95 -6.14
C ASP A 435 -8.35 26.10 -6.93
N VAL A 436 -7.36 25.52 -6.28
CA VAL A 436 -6.41 24.64 -6.96
C VAL A 436 -7.15 23.36 -7.40
N SER A 437 -7.80 22.66 -6.48
CA SER A 437 -8.51 21.40 -6.84
C SER A 437 -9.64 21.65 -7.81
N TYR A 438 -10.46 22.69 -7.60
CA TYR A 438 -11.61 22.93 -8.47
C TYR A 438 -11.18 23.60 -9.78
N ASP A 439 -10.64 24.84 -9.67
CA ASP A 439 -10.42 25.66 -10.85
C ASP A 439 -9.16 25.34 -11.62
N LYS A 440 -8.00 25.22 -10.94
CA LYS A 440 -6.78 24.79 -11.66
C LYS A 440 -7.00 23.39 -12.22
N GLY A 441 -7.62 22.50 -11.44
CA GLY A 441 -8.00 21.17 -11.89
C GLY A 441 -8.79 21.19 -13.18
N ALA A 442 -9.86 22.01 -13.26
CA ALA A 442 -10.65 22.12 -14.48
C ALA A 442 -9.83 22.74 -15.65
N CYS A 443 -9.05 23.77 -15.34
CA CYS A 443 -8.24 24.47 -16.34
C CYS A 443 -7.17 23.58 -16.97
N ILE A 444 -6.52 22.71 -16.18
CA ILE A 444 -5.51 21.80 -16.79
C ILE A 444 -6.21 20.70 -17.60
N LEU A 445 -7.44 20.31 -17.21
CA LEU A 445 -8.20 19.33 -17.98
C LEU A 445 -8.58 19.97 -19.34
N ASN A 446 -9.00 21.24 -19.33
CA ASN A 446 -9.35 21.96 -20.55
C ASN A 446 -8.11 22.06 -21.47
N MET A 447 -6.96 22.41 -20.87
CA MET A 447 -5.71 22.51 -21.62
C MET A 447 -5.39 21.14 -22.29
N LEU A 448 -5.57 20.04 -21.55
CA LEU A 448 -5.31 18.69 -22.03
C LEU A 448 -6.28 18.30 -23.13
N ARG A 449 -7.56 18.68 -22.97
CA ARG A 449 -8.57 18.36 -23.98
C ARG A 449 -8.26 19.08 -25.29
N GLU A 450 -7.86 20.37 -25.22
CA GLU A 450 -7.48 21.11 -26.44
C GLU A 450 -6.24 20.44 -27.08
N TYR A 451 -5.31 19.97 -26.25
CA TYR A 451 -4.09 19.32 -26.72
C TYR A 451 -4.35 17.94 -27.40
N LEU A 452 -5.18 17.10 -26.79
CA LEU A 452 -5.46 15.77 -27.29
C LEU A 452 -6.51 15.72 -28.39
N SER A 453 -7.43 16.69 -28.36
CA SER A 453 -8.64 16.81 -29.15
C SER A 453 -9.77 16.26 -28.28
N ALA A 454 -10.99 16.79 -28.50
CA ALA A 454 -12.18 16.38 -27.77
C ALA A 454 -12.44 14.87 -27.90
N ASP A 455 -12.32 14.30 -29.13
CA ASP A 455 -12.53 12.85 -29.35
C ASP A 455 -11.62 11.96 -28.52
N ALA A 456 -10.30 12.23 -28.56
CA ALA A 456 -9.34 11.42 -27.80
C ALA A 456 -9.57 11.57 -26.29
N PHE A 457 -9.85 12.81 -25.85
CA PHE A 457 -10.08 13.12 -24.44
C PHE A 457 -11.33 12.37 -23.92
N LYS A 458 -12.44 12.45 -24.68
CA LYS A 458 -13.66 11.78 -24.31
C LYS A 458 -13.44 10.26 -24.22
N SER A 459 -12.69 9.70 -25.18
CA SER A 459 -12.43 8.26 -25.17
C SER A 459 -11.67 7.85 -23.91
N GLY A 460 -10.69 8.66 -23.50
CA GLY A 460 -9.91 8.38 -22.32
C GLY A 460 -10.76 8.43 -21.06
N ILE A 461 -11.62 9.45 -20.90
CA ILE A 461 -12.46 9.53 -19.71
C ILE A 461 -13.53 8.41 -19.68
N VAL A 462 -14.08 7.98 -20.81
CA VAL A 462 -15.05 6.88 -20.82
C VAL A 462 -14.34 5.58 -20.43
N GLN A 463 -13.11 5.34 -20.95
CA GLN A 463 -12.35 4.15 -20.59
C GLN A 463 -12.06 4.15 -19.07
N TYR A 464 -11.65 5.31 -18.58
CA TYR A 464 -11.34 5.47 -17.16
C TYR A 464 -12.55 5.17 -16.26
N LEU A 465 -13.72 5.76 -16.57
CA LEU A 465 -14.91 5.53 -15.76
C LEU A 465 -15.35 4.07 -15.83
N GLN A 466 -15.28 3.47 -17.03
CA GLN A 466 -15.68 2.07 -17.19
C GLN A 466 -14.74 1.17 -16.42
N LYS A 467 -13.42 1.37 -16.57
CA LYS A 467 -12.46 0.50 -15.91
C LYS A 467 -12.53 0.55 -14.36
N HIS A 468 -12.71 1.74 -13.80
CA HIS A 468 -12.65 1.94 -12.36
C HIS A 468 -14.01 2.10 -11.66
N SER A 469 -15.11 1.70 -12.32
CA SER A 469 -16.45 1.76 -11.75
C SER A 469 -16.51 0.99 -10.42
N TYR A 470 -17.12 1.62 -9.42
CA TYR A 470 -17.30 1.09 -8.06
C TYR A 470 -15.99 0.87 -7.31
N LYS A 471 -14.92 1.52 -7.75
CA LYS A 471 -13.59 1.40 -7.15
C LYS A 471 -12.98 2.82 -6.93
N ASN A 472 -11.71 2.85 -6.57
CA ASN A 472 -11.01 4.10 -6.28
C ASN A 472 -9.80 4.27 -7.21
N THR A 473 -9.42 5.52 -7.47
CA THR A 473 -8.32 5.79 -8.41
C THR A 473 -7.32 6.80 -7.82
N LYS A 474 -6.14 6.85 -8.41
CA LYS A 474 -5.13 7.83 -8.11
C LYS A 474 -4.83 8.58 -9.42
N ASN A 475 -4.13 9.71 -9.32
CA ASN A 475 -3.72 10.56 -10.44
C ASN A 475 -3.17 9.73 -11.62
N GLU A 476 -2.31 8.76 -11.33
CA GLU A 476 -1.69 7.85 -12.31
C GLU A 476 -2.69 7.05 -13.14
N ASP A 477 -3.80 6.60 -12.53
CA ASP A 477 -4.83 5.83 -13.24
C ASP A 477 -5.51 6.66 -14.32
N LEU A 478 -5.73 7.97 -14.05
CA LEU A 478 -6.33 8.83 -15.07
C LEU A 478 -5.36 8.96 -16.26
N TRP A 479 -4.08 9.18 -15.97
CA TRP A 479 -3.09 9.37 -17.04
C TRP A 479 -2.87 8.11 -17.85
N ASP A 480 -2.96 6.93 -17.23
CA ASP A 480 -2.83 5.67 -17.97
C ASP A 480 -4.05 5.47 -18.91
N SER A 481 -5.23 5.88 -18.47
CA SER A 481 -6.43 5.79 -19.28
C SER A 481 -6.33 6.73 -20.48
N MET A 482 -5.88 7.97 -20.25
CA MET A 482 -5.74 8.96 -21.32
C MET A 482 -4.61 8.55 -22.32
N ALA A 483 -3.53 7.93 -21.84
CA ALA A 483 -2.47 7.45 -22.72
C ALA A 483 -2.86 6.19 -23.49
N SER A 484 -3.82 5.41 -22.99
CA SER A 484 -4.24 4.18 -23.67
C SER A 484 -5.02 4.41 -24.98
N ILE A 485 -5.38 5.66 -25.30
CA ILE A 485 -6.14 6.01 -26.49
C ILE A 485 -5.24 6.21 -27.71
N ASP A 491 3.23 11.63 -24.79
CA ASP A 491 3.35 11.10 -23.43
C ASP A 491 2.49 11.93 -22.48
N VAL A 492 1.24 11.48 -22.26
CA VAL A 492 0.26 12.15 -21.40
C VAL A 492 0.71 12.21 -19.96
N LYS A 493 1.14 11.06 -19.41
CA LYS A 493 1.55 10.99 -18.01
C LYS A 493 2.70 11.95 -17.70
N THR A 494 3.78 11.95 -18.51
CA THR A 494 4.92 12.85 -18.23
C THR A 494 4.50 14.30 -18.24
N MET A 495 3.73 14.69 -19.29
CA MET A 495 3.25 16.07 -19.37
C MET A 495 2.39 16.45 -18.17
N MET A 496 1.33 15.65 -17.89
CA MET A 496 0.38 15.98 -16.82
C MET A 496 0.96 15.84 -15.43
N ASN A 497 2.08 15.10 -15.25
CA ASN A 497 2.77 15.07 -13.95
C ASN A 497 3.35 16.45 -13.66
N THR A 498 3.86 17.16 -14.70
CA THR A 498 4.36 18.53 -14.50
C THR A 498 3.25 19.47 -14.04
N TRP A 499 2.00 19.22 -14.44
CA TRP A 499 0.88 20.09 -14.08
C TRP A 499 0.14 19.70 -12.78
N THR A 500 0.42 18.52 -12.22
CA THR A 500 -0.28 18.07 -11.01
C THR A 500 0.64 17.75 -9.83
N LEU A 501 1.94 17.52 -10.10
CA LEU A 501 2.86 17.13 -9.02
C LEU A 501 3.82 18.20 -8.56
N GLN A 502 3.65 19.42 -9.04
CA GLN A 502 4.37 20.60 -8.55
C GLN A 502 3.39 21.78 -8.65
N LYS A 503 3.51 22.71 -7.73
CA LYS A 503 2.62 23.88 -7.70
C LYS A 503 3.01 24.89 -8.81
N GLY A 504 2.13 25.88 -8.99
CA GLY A 504 2.37 27.02 -9.84
C GLY A 504 2.23 26.82 -11.32
N PHE A 505 2.69 27.83 -12.06
CA PHE A 505 2.57 27.80 -13.52
C PHE A 505 3.72 28.61 -14.11
N PRO A 506 4.03 28.39 -15.39
CA PRO A 506 5.13 29.14 -15.99
C PRO A 506 4.72 30.45 -16.63
N LEU A 507 5.68 31.34 -16.69
CA LEU A 507 5.63 32.55 -17.47
C LEU A 507 6.40 32.14 -18.76
N ILE A 508 5.78 32.33 -19.91
CA ILE A 508 6.41 32.06 -21.19
C ILE A 508 6.86 33.40 -21.76
N THR A 509 8.17 33.54 -22.06
CA THR A 509 8.69 34.78 -22.60
C THR A 509 9.00 34.57 -24.11
N ILE A 510 8.41 35.43 -24.93
CA ILE A 510 8.53 35.40 -26.37
C ILE A 510 9.45 36.52 -26.87
N THR A 511 10.48 36.17 -27.66
CA THR A 511 11.37 37.18 -28.25
C THR A 511 11.34 36.93 -29.77
N VAL A 512 10.92 37.93 -30.55
CA VAL A 512 10.83 37.79 -31.99
C VAL A 512 11.98 38.56 -32.68
N ARG A 513 12.77 37.87 -33.51
CA ARG A 513 13.88 38.42 -34.31
C ARG A 513 13.60 38.03 -35.76
N GLY A 514 12.89 38.90 -36.50
CA GLY A 514 12.50 38.59 -37.88
C GLY A 514 11.55 37.40 -37.92
N ARG A 515 11.94 36.31 -38.56
CA ARG A 515 11.14 35.09 -38.59
C ARG A 515 11.44 34.16 -37.39
N ASN A 516 12.48 34.45 -36.59
CA ASN A 516 12.85 33.58 -35.48
C ASN A 516 12.06 33.94 -34.20
N VAL A 517 11.34 32.96 -33.64
CA VAL A 517 10.55 33.19 -32.43
C VAL A 517 11.13 32.33 -31.34
N HIS A 518 11.78 32.95 -30.38
CA HIS A 518 12.40 32.31 -29.24
C HIS A 518 11.38 32.24 -28.09
N MET A 519 11.31 31.10 -27.42
CA MET A 519 10.36 30.87 -26.33
C MET A 519 11.15 30.39 -25.12
N LYS A 520 10.83 30.92 -23.97
CA LYS A 520 11.49 30.52 -22.72
C LYS A 520 10.40 30.30 -21.67
N GLN A 521 10.57 29.35 -20.75
CA GLN A 521 9.64 29.18 -19.65
C GLN A 521 10.39 29.37 -18.32
N GLU A 522 9.72 29.90 -17.33
CA GLU A 522 10.26 29.99 -15.98
C GLU A 522 9.06 30.00 -15.04
N HIS A 523 9.23 29.48 -13.83
CA HIS A 523 8.18 29.47 -12.83
C HIS A 523 7.78 30.91 -12.50
N TYR A 524 6.51 31.26 -12.67
CA TYR A 524 6.02 32.59 -12.30
C TYR A 524 5.80 32.61 -10.78
N MET A 525 6.55 33.44 -10.04
CA MET A 525 6.34 33.53 -8.59
C MET A 525 6.41 34.97 -8.11
N LYS A 526 5.33 35.42 -7.45
CA LYS A 526 5.26 36.78 -6.90
C LYS A 526 6.17 36.90 -5.68
N ASP A 533 14.75 30.83 -6.89
CA ASP A 533 14.23 30.20 -8.11
C ASP A 533 14.12 28.69 -7.97
N THR A 534 12.88 28.15 -8.06
CA THR A 534 12.58 26.73 -7.90
C THR A 534 13.20 25.85 -8.97
N GLY A 535 13.30 26.38 -10.19
CA GLY A 535 13.80 25.62 -11.33
C GLY A 535 12.75 24.67 -11.90
N TYR A 536 11.44 24.90 -11.56
CA TYR A 536 10.36 24.06 -12.10
C TYR A 536 10.33 24.14 -13.62
N LEU A 537 9.98 23.04 -14.25
CA LEU A 537 9.86 22.97 -15.69
C LEU A 537 8.56 22.26 -16.02
N TRP A 538 7.89 22.69 -17.08
CA TRP A 538 6.63 22.05 -17.48
C TRP A 538 6.71 21.56 -18.93
N HIS A 539 5.77 20.69 -19.32
CA HIS A 539 5.57 20.33 -20.72
C HIS A 539 4.39 21.23 -21.11
N VAL A 540 4.72 22.33 -21.75
CA VAL A 540 3.75 23.35 -22.07
C VAL A 540 3.25 23.24 -23.49
N PRO A 541 1.96 22.97 -23.69
CA PRO A 541 1.41 22.93 -25.06
C PRO A 541 1.07 24.34 -25.51
N LEU A 542 2.03 25.00 -26.13
CA LEU A 542 1.85 26.38 -26.55
C LEU A 542 0.98 26.46 -27.79
N THR A 543 0.26 27.58 -27.93
CA THR A 543 -0.51 27.90 -29.14
C THR A 543 -0.26 29.35 -29.46
N PHE A 544 -0.37 29.72 -30.73
CA PHE A 544 -0.21 31.11 -31.17
C PHE A 544 -0.94 31.35 -32.47
N ILE A 545 -1.25 32.61 -32.73
CA ILE A 545 -1.78 33.14 -33.96
C ILE A 545 -0.88 34.36 -34.25
N THR A 546 -0.91 34.85 -35.46
CA THR A 546 -0.10 36.01 -35.86
C THR A 546 -0.94 37.00 -36.70
N SER A 547 -0.37 38.16 -37.05
CA SER A 547 -1.00 39.10 -37.95
C SER A 547 -1.23 38.49 -39.35
N LYS A 548 -0.51 37.41 -39.72
CA LYS A 548 -0.68 36.75 -41.04
C LYS A 548 -1.53 35.46 -41.01
N SER A 549 -1.84 34.95 -39.82
CA SER A 549 -2.54 33.68 -39.70
C SER A 549 -3.37 33.56 -38.43
N ASP A 550 -4.68 33.31 -38.59
CA ASP A 550 -5.51 33.06 -37.41
C ASP A 550 -5.77 31.57 -37.18
N MET A 551 -4.98 30.70 -37.86
CA MET A 551 -5.02 29.28 -37.55
C MET A 551 -4.29 29.13 -36.19
N VAL A 552 -4.76 28.23 -35.33
CA VAL A 552 -4.11 28.00 -34.05
C VAL A 552 -2.86 27.14 -34.31
N HIS A 553 -1.68 27.74 -34.22
CA HIS A 553 -0.43 27.01 -34.42
C HIS A 553 -0.02 26.41 -33.08
N ARG A 554 0.54 25.19 -33.09
CA ARG A 554 0.90 24.53 -31.83
CA ARG A 554 0.89 24.48 -31.85
C ARG A 554 2.39 24.22 -31.73
N PHE A 555 2.94 24.25 -30.50
CA PHE A 555 4.35 23.96 -30.29
C PHE A 555 4.45 23.43 -28.86
N LEU A 556 4.90 22.19 -28.69
CA LEU A 556 5.06 21.63 -27.35
C LEU A 556 6.42 22.03 -26.80
N LEU A 557 6.43 22.87 -25.77
CA LEU A 557 7.68 23.29 -25.12
C LEU A 557 7.96 22.43 -23.88
N LYS A 558 8.90 21.50 -24.00
CA LYS A 558 9.28 20.60 -22.88
C LYS A 558 10.59 21.03 -22.22
N THR A 559 11.31 21.99 -22.81
CA THR A 559 12.62 22.41 -22.33
C THR A 559 12.54 23.83 -21.83
N LYS A 560 13.60 24.34 -21.17
CA LYS A 560 13.63 25.73 -20.69
C LYS A 560 13.40 26.70 -21.84
N THR A 561 14.04 26.41 -23.00
CA THR A 561 13.93 27.28 -24.16
C THR A 561 13.85 26.45 -25.44
N ASP A 562 13.28 27.07 -26.46
CA ASP A 562 13.26 26.53 -27.81
C ASP A 562 13.00 27.68 -28.78
N VAL A 563 13.03 27.39 -30.07
CA VAL A 563 12.84 28.41 -31.07
C VAL A 563 12.08 27.76 -32.23
N LEU A 564 11.27 28.58 -32.88
CA LEU A 564 10.58 28.15 -34.08
C LEU A 564 10.78 29.20 -35.16
N ILE A 565 10.58 28.83 -36.45
CA ILE A 565 10.75 29.76 -37.53
C ILE A 565 9.43 30.01 -38.21
N LEU A 566 9.01 31.27 -38.26
CA LEU A 566 7.77 31.63 -38.95
C LEU A 566 7.98 31.53 -40.48
N PRO A 567 6.91 31.28 -41.24
CA PRO A 567 7.07 31.24 -42.71
C PRO A 567 7.40 32.60 -43.30
N GLU A 568 6.88 33.67 -42.68
CA GLU A 568 7.12 35.04 -43.10
C GLU A 568 7.10 35.95 -41.87
N GLU A 569 7.73 37.13 -41.98
CA GLU A 569 7.72 38.08 -40.86
C GLU A 569 6.30 38.57 -40.59
N VAL A 570 6.03 38.91 -39.34
CA VAL A 570 4.69 39.34 -38.94
C VAL A 570 4.75 40.66 -38.17
N GLU A 571 3.60 41.31 -38.03
CA GLU A 571 3.49 42.57 -37.29
C GLU A 571 3.23 42.37 -35.80
N TRP A 572 2.68 41.21 -35.44
CA TRP A 572 2.41 40.85 -34.06
C TRP A 572 2.20 39.35 -34.00
N ILE A 573 2.37 38.80 -32.81
CA ILE A 573 2.21 37.38 -32.52
C ILE A 573 1.55 37.29 -31.15
N LYS A 574 0.60 36.39 -30.99
CA LYS A 574 -0.15 36.30 -29.75
C LYS A 574 -0.25 34.83 -29.34
N PHE A 575 0.41 34.46 -28.23
CA PHE A 575 0.42 33.11 -27.66
C PHE A 575 -0.75 32.92 -26.71
N ASN A 576 -1.07 31.64 -26.47
CA ASN A 576 -2.15 31.20 -25.62
C ASN A 576 -3.48 31.64 -26.21
N VAL A 577 -3.83 31.02 -27.35
CA VAL A 577 -5.02 31.34 -28.12
C VAL A 577 -6.28 30.95 -27.40
N GLY A 578 -7.09 31.95 -27.11
CA GLY A 578 -8.32 31.77 -26.37
C GLY A 578 -8.10 31.44 -24.90
N MET A 579 -6.86 31.68 -24.39
CA MET A 579 -6.38 31.37 -23.03
CA MET A 579 -6.47 31.40 -23.00
C MET A 579 -6.79 29.96 -22.56
N ASN A 580 -6.64 28.96 -23.46
CA ASN A 580 -6.91 27.57 -23.07
C ASN A 580 -5.72 26.92 -22.31
N GLY A 581 -4.56 27.57 -22.27
CA GLY A 581 -3.40 27.04 -21.57
C GLY A 581 -3.20 27.69 -20.21
N TYR A 582 -2.78 26.88 -19.24
CA TYR A 582 -2.55 27.34 -17.86
C TYR A 582 -1.15 27.96 -17.73
N TYR A 583 -0.96 29.10 -18.37
CA TYR A 583 0.32 29.80 -18.34
C TYR A 583 0.08 31.24 -18.78
N ILE A 584 1.04 32.12 -18.48
CA ILE A 584 0.96 33.50 -18.88
C ILE A 584 2.09 33.85 -19.87
N VAL A 585 1.94 34.98 -20.60
CA VAL A 585 2.91 35.29 -21.62
C VAL A 585 3.40 36.71 -21.52
N HIS A 586 4.72 36.88 -21.69
CA HIS A 586 5.40 38.16 -21.77
C HIS A 586 6.07 38.25 -23.15
N TYR A 587 6.10 39.44 -23.72
CA TYR A 587 6.71 39.66 -25.03
C TYR A 587 7.84 40.67 -24.85
N GLU A 588 9.03 40.33 -25.31
CA GLU A 588 10.17 41.21 -25.16
C GLU A 588 10.20 42.28 -26.26
N ASP A 589 11.10 43.28 -26.12
CA ASP A 589 11.29 44.33 -27.11
C ASP A 589 9.97 45.11 -27.36
N ASP A 590 9.51 45.27 -28.64
CA ASP A 590 8.29 46.03 -28.91
C ASP A 590 6.99 45.21 -28.92
N GLY A 591 7.03 43.97 -28.40
CA GLY A 591 5.87 43.09 -28.44
C GLY A 591 4.64 43.65 -27.75
N TRP A 592 4.81 44.18 -26.53
CA TRP A 592 3.67 44.77 -25.82
C TRP A 592 3.18 46.03 -26.53
N ASP A 593 4.09 46.80 -27.15
CA ASP A 593 3.67 47.98 -27.89
C ASP A 593 2.84 47.58 -29.09
N SER A 594 3.26 46.52 -29.81
CA SER A 594 2.52 46.06 -30.99
CA SER A 594 2.53 46.09 -31.00
C SER A 594 1.14 45.56 -30.60
N LEU A 595 1.06 44.80 -29.48
CA LEU A 595 -0.22 44.28 -29.03
C LEU A 595 -1.13 45.41 -28.50
N THR A 596 -0.55 46.41 -27.83
CA THR A 596 -1.33 47.56 -27.37
C THR A 596 -1.91 48.33 -28.57
N GLY A 597 -1.07 48.52 -29.61
CA GLY A 597 -1.47 49.19 -30.85
C GLY A 597 -2.58 48.44 -31.55
N LEU A 598 -2.52 47.12 -31.55
CA LEU A 598 -3.55 46.28 -32.17
C LEU A 598 -4.89 46.48 -31.43
N LEU A 599 -4.88 46.46 -30.08
CA LEU A 599 -6.10 46.66 -29.31
C LEU A 599 -6.67 48.09 -29.49
N LYS A 600 -5.80 49.09 -29.59
CA LYS A 600 -6.27 50.47 -29.78
C LYS A 600 -6.84 50.76 -31.15
N GLY A 601 -6.26 50.16 -32.20
CA GLY A 601 -6.72 50.43 -33.55
C GLY A 601 -7.75 49.49 -34.15
N THR A 602 -7.60 48.17 -33.91
CA THR A 602 -8.45 47.13 -34.47
C THR A 602 -8.58 46.01 -33.42
N HIS A 603 -9.28 46.27 -32.30
CA HIS A 603 -9.35 45.28 -31.22
C HIS A 603 -10.02 43.96 -31.62
N THR A 604 -10.96 43.97 -32.60
CA THR A 604 -11.60 42.72 -33.02
C THR A 604 -10.70 41.85 -33.93
N ALA A 605 -9.41 42.23 -34.11
CA ALA A 605 -8.45 41.41 -34.85
C ALA A 605 -8.19 40.08 -34.06
N VAL A 606 -8.43 40.07 -32.74
CA VAL A 606 -8.35 38.87 -31.94
C VAL A 606 -9.70 38.72 -31.21
N SER A 607 -9.98 37.53 -30.72
CA SER A 607 -11.21 37.20 -30.06
C SER A 607 -11.37 37.93 -28.70
N SER A 608 -12.59 37.96 -28.14
CA SER A 608 -12.80 38.61 -26.84
C SER A 608 -12.01 37.93 -25.72
N ASN A 609 -11.90 36.58 -25.73
CA ASN A 609 -11.08 35.89 -24.72
C ASN A 609 -9.60 36.17 -24.88
N ASP A 610 -9.12 36.35 -26.13
CA ASP A 610 -7.73 36.78 -26.34
C ASP A 610 -7.52 38.19 -25.79
N ARG A 611 -8.51 39.08 -25.97
CA ARG A 611 -8.39 40.44 -25.40
C ARG A 611 -8.36 40.36 -23.83
N ALA A 612 -9.22 39.54 -23.23
CA ALA A 612 -9.23 39.38 -21.77
C ALA A 612 -7.86 38.82 -21.28
N SER A 613 -7.26 37.88 -22.03
CA SER A 613 -5.98 37.29 -21.60
C SER A 613 -4.83 38.32 -21.68
N LEU A 614 -4.86 39.21 -22.67
CA LEU A 614 -3.85 40.29 -22.78
C LEU A 614 -3.99 41.25 -21.57
N ILE A 615 -5.21 41.66 -21.22
CA ILE A 615 -5.43 42.54 -20.06
C ILE A 615 -4.90 41.89 -18.76
N ASN A 616 -5.31 40.62 -18.50
CA ASN A 616 -4.85 39.95 -17.30
C ASN A 616 -3.34 39.82 -17.26
N ASN A 617 -2.74 39.32 -18.35
CA ASN A 617 -1.31 39.07 -18.36
C ASN A 617 -0.51 40.33 -18.22
N ALA A 618 -0.93 41.44 -18.82
CA ALA A 618 -0.20 42.70 -18.69
C ALA A 618 -0.10 43.14 -17.20
N PHE A 619 -1.21 43.00 -16.44
CA PHE A 619 -1.21 43.40 -15.02
C PHE A 619 -0.45 42.41 -14.14
N GLN A 620 -0.48 41.11 -14.47
CA GLN A 620 0.34 40.12 -13.76
C GLN A 620 1.83 40.44 -13.97
N LEU A 621 2.22 40.91 -15.16
CA LEU A 621 3.63 41.20 -15.43
C LEU A 621 4.16 42.43 -14.67
N VAL A 622 3.25 43.35 -14.34
CA VAL A 622 3.61 44.54 -13.56
C VAL A 622 4.09 44.07 -12.16
N SER A 623 3.40 43.08 -11.58
CA SER A 623 3.80 42.53 -10.28
C SER A 623 5.23 41.99 -10.21
N ILE A 624 5.79 41.48 -11.33
CA ILE A 624 7.17 40.97 -11.30
C ILE A 624 8.17 41.86 -12.03
N GLY A 625 7.81 43.12 -12.26
CA GLY A 625 8.70 44.09 -12.90
C GLY A 625 9.05 43.84 -14.35
N LYS A 626 8.27 42.99 -15.07
CA LYS A 626 8.48 42.74 -16.51
C LYS A 626 7.80 43.80 -17.39
N LEU A 627 6.78 44.47 -16.85
CA LEU A 627 6.06 45.50 -17.57
C LEU A 627 5.75 46.64 -16.59
N SER A 628 5.94 47.90 -17.02
CA SER A 628 5.64 49.03 -16.13
C SER A 628 4.14 49.15 -15.96
N ILE A 629 3.73 49.70 -14.80
CA ILE A 629 2.32 49.96 -14.53
C ILE A 629 1.72 50.89 -15.59
N GLU A 630 2.51 51.89 -16.05
CA GLU A 630 2.11 52.86 -17.09
C GLU A 630 1.73 52.12 -18.38
N LYS A 631 2.55 51.13 -18.82
CA LYS A 631 2.28 50.43 -20.08
C LYS A 631 1.04 49.54 -19.95
N ALA A 632 0.85 48.91 -18.78
CA ALA A 632 -0.34 48.07 -18.55
C ALA A 632 -1.58 48.97 -18.53
N LEU A 633 -1.51 50.13 -17.85
CA LEU A 633 -2.64 51.07 -17.78
C LEU A 633 -2.91 51.67 -19.19
N ASP A 634 -1.84 51.90 -19.97
CA ASP A 634 -2.00 52.40 -21.34
C ASP A 634 -2.75 51.37 -22.17
N LEU A 635 -2.44 50.09 -22.00
CA LEU A 635 -3.13 49.02 -22.74
C LEU A 635 -4.62 49.03 -22.39
N SER A 636 -4.94 49.18 -21.07
CA SER A 636 -6.33 49.18 -20.59
C SER A 636 -7.19 50.27 -21.22
N LEU A 637 -6.58 51.36 -21.71
CA LEU A 637 -7.32 52.46 -22.35
C LEU A 637 -8.12 52.03 -23.59
N TYR A 638 -7.76 50.90 -24.24
CA TYR A 638 -8.54 50.42 -25.39
C TYR A 638 -10.01 50.07 -24.97
N LEU A 639 -10.21 49.74 -23.67
CA LEU A 639 -11.53 49.35 -23.15
C LEU A 639 -12.61 50.40 -23.35
N LYS A 640 -12.27 51.65 -23.65
CA LYS A 640 -13.27 52.66 -24.00
C LYS A 640 -14.07 52.22 -25.26
N HIS A 641 -13.50 51.31 -26.09
CA HIS A 641 -14.19 50.77 -27.28
C HIS A 641 -14.72 49.35 -27.09
N GLU A 642 -14.45 48.70 -25.95
CA GLU A 642 -14.86 47.32 -25.74
C GLU A 642 -16.36 47.19 -25.48
N THR A 643 -16.98 46.12 -25.99
CA THR A 643 -18.41 45.84 -25.80
C THR A 643 -18.68 44.49 -25.15
N GLU A 644 -17.70 43.56 -25.14
CA GLU A 644 -17.89 42.19 -24.72
C GLU A 644 -17.66 41.95 -23.25
N ILE A 645 -18.45 41.06 -22.66
CA ILE A 645 -18.45 40.85 -21.22
C ILE A 645 -17.11 40.36 -20.67
N MET A 646 -16.48 39.37 -21.31
CA MET A 646 -15.22 38.84 -20.76
C MET A 646 -14.14 39.91 -20.69
N PRO A 647 -13.80 40.69 -21.74
CA PRO A 647 -12.74 41.70 -21.56
C PRO A 647 -13.16 42.87 -20.68
N VAL A 648 -14.45 43.28 -20.72
CA VAL A 648 -14.93 44.37 -19.82
C VAL A 648 -14.74 43.90 -18.36
N PHE A 649 -15.22 42.68 -18.06
CA PHE A 649 -15.07 42.16 -16.69
C PHE A 649 -13.63 41.95 -16.32
N GLN A 650 -12.79 41.52 -17.28
CA GLN A 650 -11.36 41.37 -16.99
C GLN A 650 -10.71 42.71 -16.66
N GLY A 651 -11.12 43.76 -17.34
CA GLY A 651 -10.66 45.12 -17.05
C GLY A 651 -11.04 45.50 -15.62
N LEU A 652 -12.30 45.25 -15.23
CA LEU A 652 -12.74 45.49 -13.84
C LEU A 652 -11.93 44.64 -12.85
N ASN A 653 -11.70 43.35 -13.18
CA ASN A 653 -10.95 42.43 -12.30
C ASN A 653 -9.53 42.91 -12.05
N GLU A 654 -8.92 43.58 -13.02
CA GLU A 654 -7.56 44.08 -12.88
C GLU A 654 -7.48 45.48 -12.24
N LEU A 655 -8.46 46.33 -12.53
CA LEU A 655 -8.42 47.73 -12.07
C LEU A 655 -9.03 47.96 -10.68
N ILE A 656 -10.18 47.34 -10.41
CA ILE A 656 -10.84 47.48 -9.11
C ILE A 656 -9.93 47.14 -7.90
N PRO A 657 -9.15 46.04 -7.90
CA PRO A 657 -8.27 45.76 -6.76
C PRO A 657 -7.31 46.90 -6.41
N MET A 658 -6.92 47.70 -7.41
CA MET A 658 -6.01 48.83 -7.17
C MET A 658 -6.66 49.85 -6.25
N TYR A 659 -7.95 50.23 -6.49
CA TYR A 659 -8.56 51.20 -5.56
C TYR A 659 -8.99 50.52 -4.28
N LYS A 660 -9.21 49.16 -4.28
CA LYS A 660 -9.50 48.48 -3.00
C LYS A 660 -8.32 48.61 -2.04
N LEU A 661 -7.07 48.61 -2.57
CA LEU A 661 -5.90 48.84 -1.72
C LEU A 661 -5.90 50.32 -1.23
N MET A 662 -6.15 51.27 -2.13
CA MET A 662 -6.18 52.68 -1.75
C MET A 662 -7.25 52.99 -0.69
N GLU A 663 -8.43 52.33 -0.75
CA GLU A 663 -9.50 52.58 0.25
C GLU A 663 -9.07 52.29 1.67
N LYS A 664 -8.13 51.36 1.85
CA LYS A 664 -7.66 50.99 3.19
C LYS A 664 -6.41 51.76 3.65
N ARG A 665 -6.11 52.86 2.98
CA ARG A 665 -4.95 53.71 3.26
C ARG A 665 -5.44 55.17 3.27
N ASP A 666 -4.55 56.10 3.69
CA ASP A 666 -4.90 57.52 3.63
C ASP A 666 -4.50 58.04 2.23
N MET A 667 -5.24 57.61 1.22
CA MET A 667 -4.96 57.95 -0.19
C MET A 667 -6.24 58.38 -0.87
N ASN A 668 -7.09 59.15 -0.17
CA ASN A 668 -8.39 59.57 -0.68
CA ASN A 668 -8.39 59.56 -0.69
C ASN A 668 -8.38 60.25 -2.04
N GLU A 669 -7.41 61.14 -2.26
CA GLU A 669 -7.37 61.92 -3.49
C GLU A 669 -7.03 61.05 -4.71
N VAL A 670 -6.00 60.20 -4.63
CA VAL A 670 -5.66 59.33 -5.77
C VAL A 670 -6.75 58.26 -5.94
N GLU A 671 -7.36 57.79 -4.83
CA GLU A 671 -8.45 56.81 -4.87
C GLU A 671 -9.63 57.38 -5.68
N THR A 672 -10.05 58.61 -5.39
CA THR A 672 -11.14 59.32 -6.02
C THR A 672 -10.82 59.56 -7.50
N GLN A 673 -9.57 59.92 -7.81
CA GLN A 673 -9.14 60.12 -9.19
C GLN A 673 -9.17 58.79 -9.98
N PHE A 674 -8.73 57.70 -9.33
CA PHE A 674 -8.69 56.38 -9.96
C PHE A 674 -10.11 55.93 -10.26
N LYS A 675 -11.03 56.09 -9.30
CA LYS A 675 -12.44 55.75 -9.49
C LYS A 675 -13.08 56.59 -10.63
N ALA A 676 -12.77 57.89 -10.70
CA ALA A 676 -13.27 58.74 -11.78
C ALA A 676 -12.72 58.24 -13.13
N PHE A 677 -11.43 57.80 -13.19
CA PHE A 677 -10.84 57.28 -14.43
C PHE A 677 -11.60 56.02 -14.87
N LEU A 678 -11.86 55.10 -13.94
CA LEU A 678 -12.55 53.85 -14.28
C LEU A 678 -13.94 54.13 -14.86
N ILE A 679 -14.70 55.03 -14.24
CA ILE A 679 -16.02 55.39 -14.74
C ILE A 679 -15.89 56.09 -16.10
N ARG A 680 -14.88 56.97 -16.27
CA ARG A 680 -14.67 57.66 -17.53
C ARG A 680 -14.35 56.66 -18.68
N LEU A 681 -13.52 55.65 -18.35
CA LEU A 681 -13.06 54.62 -19.29
C LEU A 681 -14.26 53.85 -19.84
N LEU A 682 -15.21 53.49 -18.97
CA LEU A 682 -16.38 52.71 -19.40
C LEU A 682 -17.66 53.56 -19.57
N ARG A 683 -17.53 54.90 -19.59
CA ARG A 683 -18.68 55.81 -19.61
C ARG A 683 -19.65 55.59 -20.74
N ASP A 684 -19.15 55.39 -21.97
CA ASP A 684 -20.04 55.20 -23.12
C ASP A 684 -20.85 53.92 -22.95
N LEU A 685 -20.21 52.86 -22.48
CA LEU A 685 -20.89 51.58 -22.27
C LEU A 685 -21.89 51.68 -21.12
N ILE A 686 -21.53 52.41 -20.03
CA ILE A 686 -22.47 52.62 -18.93
C ILE A 686 -23.71 53.40 -19.42
N ASP A 687 -23.49 54.53 -20.13
CA ASP A 687 -24.59 55.37 -20.63
C ASP A 687 -25.50 54.61 -21.62
N LYS A 688 -24.97 53.62 -22.35
CA LYS A 688 -25.79 52.83 -23.29
C LYS A 688 -26.76 51.84 -22.61
N GLN A 689 -26.52 51.49 -21.33
CA GLN A 689 -27.37 50.50 -20.67
C GLN A 689 -28.78 51.01 -20.45
N THR A 690 -29.73 50.13 -20.71
CA THR A 690 -31.12 50.43 -20.41
C THR A 690 -31.35 49.97 -18.98
N TRP A 691 -32.32 50.60 -18.31
CA TRP A 691 -32.61 50.21 -16.93
C TRP A 691 -33.76 49.19 -16.96
N THR A 692 -33.51 48.03 -17.58
CA THR A 692 -34.50 46.96 -17.79
C THR A 692 -33.83 45.55 -17.57
N ASP A 693 -34.61 44.45 -17.78
CA ASP A 693 -34.14 43.08 -17.76
C ASP A 693 -34.03 42.49 -19.19
N GLU A 694 -33.85 43.34 -20.19
CA GLU A 694 -33.80 42.92 -21.61
C GLU A 694 -32.47 42.27 -21.98
N GLY A 695 -32.50 41.46 -23.03
CA GLY A 695 -31.28 40.86 -23.57
C GLY A 695 -30.92 39.47 -23.10
N SER A 696 -29.76 39.00 -23.56
CA SER A 696 -29.24 37.69 -23.20
C SER A 696 -28.70 37.69 -21.78
N VAL A 697 -28.32 36.52 -21.27
CA VAL A 697 -27.74 36.35 -19.94
C VAL A 697 -26.46 37.23 -19.77
N SER A 698 -25.60 37.31 -20.82
CA SER A 698 -24.39 38.13 -20.77
C SER A 698 -24.74 39.61 -20.78
N GLU A 699 -25.74 40.00 -21.57
CA GLU A 699 -26.16 41.40 -21.61
C GLU A 699 -26.73 41.81 -20.24
N ARG A 700 -27.50 40.92 -19.60
CA ARG A 700 -28.06 41.23 -18.28
C ARG A 700 -26.99 41.34 -17.20
N MET A 701 -26.03 40.40 -17.20
CA MET A 701 -24.95 40.40 -16.21
C MET A 701 -24.06 41.63 -16.38
N LEU A 702 -23.77 41.98 -17.65
CA LEU A 702 -22.97 43.17 -17.94
C LEU A 702 -23.70 44.43 -17.47
N ARG A 703 -25.00 44.55 -17.75
CA ARG A 703 -25.78 45.71 -17.33
C ARG A 703 -25.75 45.86 -15.79
N SER A 704 -26.08 44.78 -15.07
CA SER A 704 -26.18 44.84 -13.61
C SER A 704 -24.89 45.30 -12.94
N GLN A 705 -23.75 44.74 -13.35
CA GLN A 705 -22.47 45.07 -12.79
C GLN A 705 -22.05 46.50 -13.14
N LEU A 706 -22.30 46.94 -14.39
CA LEU A 706 -21.91 48.29 -14.79
C LEU A 706 -22.72 49.35 -14.03
N LEU A 707 -24.04 49.13 -13.89
CA LEU A 707 -24.86 50.11 -13.16
C LEU A 707 -24.51 50.15 -11.68
N LEU A 708 -24.24 49.00 -11.08
CA LEU A 708 -23.84 48.95 -9.67
C LEU A 708 -22.50 49.67 -9.50
N LEU A 709 -21.55 49.42 -10.42
CA LEU A 709 -20.23 50.07 -10.35
C LEU A 709 -20.37 51.61 -10.43
N ALA A 710 -21.15 52.09 -11.40
CA ALA A 710 -21.42 53.52 -11.61
C ALA A 710 -22.07 54.14 -10.37
N CYS A 711 -23.06 53.47 -9.76
CA CYS A 711 -23.74 54.02 -8.59
C CYS A 711 -22.86 54.07 -7.32
N VAL A 712 -22.14 52.97 -7.00
CA VAL A 712 -21.30 52.98 -5.79
C VAL A 712 -20.19 54.04 -5.91
N HIS A 713 -19.74 54.35 -7.14
CA HIS A 713 -18.71 55.37 -7.33
C HIS A 713 -19.28 56.76 -7.65
N ASN A 714 -20.56 56.99 -7.30
CA ASN A 714 -21.21 58.28 -7.38
C ASN A 714 -21.24 58.90 -8.79
N TYR A 715 -21.36 58.09 -9.86
CA TYR A 715 -21.52 58.61 -11.23
C TYR A 715 -22.93 59.20 -11.26
N GLN A 716 -23.02 60.54 -11.30
CA GLN A 716 -24.28 61.27 -11.13
C GLN A 716 -25.47 60.83 -11.97
N PRO A 717 -25.38 60.64 -13.31
CA PRO A 717 -26.57 60.17 -14.05
C PRO A 717 -27.13 58.85 -13.48
N CYS A 718 -26.25 57.92 -13.04
CA CYS A 718 -26.77 56.64 -12.51
C CYS A 718 -27.24 56.76 -11.08
N VAL A 719 -26.53 57.54 -10.24
CA VAL A 719 -26.98 57.74 -8.85
C VAL A 719 -28.34 58.40 -8.82
N GLN A 720 -28.57 59.43 -9.66
CA GLN A 720 -29.86 60.11 -9.68
C GLN A 720 -31.00 59.15 -10.04
N ARG A 721 -30.81 58.32 -11.04
CA ARG A 721 -31.82 57.36 -11.45
C ARG A 721 -32.05 56.31 -10.34
N ALA A 722 -30.97 55.81 -9.73
CA ALA A 722 -31.07 54.84 -8.65
C ALA A 722 -31.77 55.43 -7.43
N GLU A 723 -31.47 56.70 -7.12
CA GLU A 723 -32.06 57.40 -5.99
C GLU A 723 -33.58 57.53 -6.23
N GLY A 724 -33.97 57.90 -7.46
CA GLY A 724 -35.37 58.02 -7.83
C GLY A 724 -36.10 56.68 -7.75
N TYR A 725 -35.47 55.60 -8.28
CA TYR A 725 -36.11 54.27 -8.22
C TYR A 725 -36.26 53.82 -6.78
N PHE A 726 -35.24 54.07 -5.92
CA PHE A 726 -35.34 53.62 -4.54
C PHE A 726 -36.46 54.36 -3.79
N ARG A 727 -36.51 55.70 -3.95
CA ARG A 727 -37.53 56.56 -3.32
C ARG A 727 -38.93 56.09 -3.77
N LYS A 728 -39.08 55.74 -5.06
CA LYS A 728 -40.36 55.28 -5.59
C LYS A 728 -40.70 53.88 -5.06
N TRP A 729 -39.69 53.00 -4.94
CA TRP A 729 -39.89 51.66 -4.39
C TRP A 729 -40.35 51.76 -2.93
N LYS A 730 -39.70 52.64 -2.14
CA LYS A 730 -40.08 52.84 -0.75
C LYS A 730 -41.47 53.49 -0.63
N GLU A 731 -41.77 54.47 -1.50
CA GLU A 731 -43.09 55.14 -1.54
CA GLU A 731 -43.09 55.12 -1.50
C GLU A 731 -44.19 54.10 -1.78
N SER A 732 -43.92 53.11 -2.67
CA SER A 732 -44.87 52.03 -3.00
C SER A 732 -45.01 50.99 -1.89
N ASN A 733 -44.30 51.15 -0.76
CA ASN A 733 -44.24 50.17 0.32
C ASN A 733 -43.64 48.85 -0.21
N GLY A 734 -42.63 48.96 -1.06
CA GLY A 734 -41.99 47.80 -1.64
C GLY A 734 -42.81 47.01 -2.65
N GLN A 735 -43.90 47.59 -3.17
CA GLN A 735 -44.75 46.90 -4.13
C GLN A 735 -44.31 47.09 -5.58
N LEU A 736 -43.54 48.15 -5.85
CA LEU A 736 -43.08 48.42 -7.20
C LEU A 736 -42.16 47.30 -7.68
N SER A 737 -42.43 46.76 -8.87
CA SER A 737 -41.57 45.75 -9.47
C SER A 737 -40.42 46.49 -10.13
N LEU A 738 -39.23 46.43 -9.56
CA LEU A 738 -38.06 47.04 -10.19
C LEU A 738 -37.48 45.99 -11.12
N PRO A 739 -36.81 46.40 -12.21
CA PRO A 739 -36.07 45.42 -13.02
C PRO A 739 -35.01 44.77 -12.10
N VAL A 740 -34.92 43.45 -12.13
CA VAL A 740 -33.95 42.71 -11.30
C VAL A 740 -32.51 43.20 -11.56
N ASP A 741 -32.22 43.54 -12.83
CA ASP A 741 -30.89 43.93 -13.25
C ASP A 741 -30.42 45.24 -12.68
N VAL A 742 -31.35 46.10 -12.24
CA VAL A 742 -30.95 47.39 -11.64
C VAL A 742 -31.12 47.39 -10.11
N THR A 743 -31.73 46.33 -9.55
CA THR A 743 -32.03 46.22 -8.13
C THR A 743 -30.77 46.33 -7.27
N LEU A 744 -29.61 45.71 -7.66
CA LEU A 744 -28.40 45.87 -6.82
C LEU A 744 -28.01 47.33 -6.71
N ALA A 745 -28.00 48.07 -7.83
CA ALA A 745 -27.63 49.49 -7.80
C ALA A 745 -28.62 50.34 -6.97
N VAL A 746 -29.93 50.13 -7.19
CA VAL A 746 -31.00 50.87 -6.53
C VAL A 746 -30.96 50.62 -5.01
N PHE A 747 -30.83 49.36 -4.59
CA PHE A 747 -30.74 49.04 -3.18
C PHE A 747 -29.43 49.53 -2.54
N ALA A 748 -28.27 49.41 -3.24
CA ALA A 748 -27.00 49.90 -2.70
C ALA A 748 -27.07 51.43 -2.48
N VAL A 749 -27.76 52.18 -3.38
CA VAL A 749 -27.88 53.63 -3.20
C VAL A 749 -28.86 53.95 -2.04
N GLY A 750 -29.97 53.24 -2.01
CA GLY A 750 -31.00 53.46 -0.99
C GLY A 750 -30.56 53.18 0.44
N ALA A 751 -29.68 52.21 0.64
CA ALA A 751 -29.23 51.85 1.98
C ALA A 751 -28.26 52.86 2.63
N GLN A 752 -27.80 53.85 1.87
CA GLN A 752 -26.91 54.89 2.37
C GLN A 752 -27.51 55.76 3.46
N SER A 753 -28.85 55.85 3.51
CA SER A 753 -29.50 56.63 4.55
C SER A 753 -30.06 55.67 5.60
N THR A 754 -30.27 56.17 6.82
CA THR A 754 -30.84 55.41 7.91
C THR A 754 -32.24 54.92 7.56
N GLU A 755 -33.08 55.79 7.02
CA GLU A 755 -34.46 55.44 6.68
C GLU A 755 -34.49 54.37 5.60
N GLY A 756 -33.65 54.54 4.59
CA GLY A 756 -33.57 53.59 3.48
C GLY A 756 -33.10 52.23 3.94
N TRP A 757 -32.03 52.19 4.76
CA TRP A 757 -31.48 50.93 5.30
C TRP A 757 -32.53 50.21 6.16
N ASP A 758 -33.21 50.95 7.08
CA ASP A 758 -34.24 50.35 7.92
C ASP A 758 -35.39 49.81 7.08
N PHE A 759 -35.80 50.56 6.03
CA PHE A 759 -36.88 50.08 5.17
C PHE A 759 -36.45 48.81 4.41
N LEU A 760 -35.24 48.79 3.82
CA LEU A 760 -34.74 47.59 3.12
C LEU A 760 -34.75 46.37 4.05
N TYR A 761 -34.19 46.58 5.26
CA TYR A 761 -34.14 45.51 6.24
C TYR A 761 -35.57 45.01 6.63
N SER A 762 -36.55 45.92 6.74
CA SER A 762 -37.93 45.54 7.09
C SER A 762 -38.56 44.60 6.07
N LYS A 763 -38.15 44.70 4.80
CA LYS A 763 -38.66 43.80 3.76
C LYS A 763 -37.95 42.44 3.72
N TYR A 764 -36.73 42.36 4.26
CA TYR A 764 -35.93 41.14 4.25
C TYR A 764 -36.66 39.93 4.88
N GLN A 765 -37.27 40.09 6.07
CA GLN A 765 -37.95 38.96 6.73
C GLN A 765 -39.07 38.29 5.94
N PHE A 766 -39.75 39.02 5.05
CA PHE A 766 -40.86 38.44 4.29
C PHE A 766 -40.44 37.73 3.01
N SER A 767 -39.25 38.06 2.50
CA SER A 767 -38.80 37.53 1.21
C SER A 767 -38.60 36.02 1.16
N LEU A 768 -39.14 35.41 0.11
CA LEU A 768 -38.93 34.00 -0.21
C LEU A 768 -37.95 33.85 -1.41
N SER A 769 -37.41 34.95 -1.94
CA SER A 769 -36.53 34.98 -3.10
C SER A 769 -35.07 34.97 -2.66
N SER A 770 -34.29 33.97 -3.10
CA SER A 770 -32.86 33.93 -2.74
C SER A 770 -32.13 35.15 -3.35
N THR A 771 -32.46 35.51 -4.60
CA THR A 771 -31.84 36.69 -5.22
C THR A 771 -32.15 37.96 -4.43
N GLU A 772 -33.43 38.19 -4.10
CA GLU A 772 -33.80 39.40 -3.36
C GLU A 772 -33.10 39.49 -2.01
N LYS A 773 -33.01 38.36 -1.28
CA LYS A 773 -32.29 38.30 -0.02
C LYS A 773 -30.83 38.66 -0.20
N SER A 774 -30.20 38.09 -1.21
CA SER A 774 -28.79 38.38 -1.53
CA SER A 774 -28.79 38.37 -1.53
C SER A 774 -28.59 39.85 -1.92
N GLN A 775 -29.51 40.44 -2.71
CA GLN A 775 -29.42 41.84 -3.13
C GLN A 775 -29.57 42.78 -1.90
N ILE A 776 -30.51 42.46 -1.01
CA ILE A 776 -30.70 43.28 0.19
C ILE A 776 -29.46 43.19 1.10
N GLU A 777 -28.95 41.97 1.31
CA GLU A 777 -27.75 41.74 2.13
C GLU A 777 -26.56 42.57 1.58
N PHE A 778 -26.37 42.55 0.25
CA PHE A 778 -25.30 43.31 -0.39
C PHE A 778 -25.47 44.81 -0.09
N ALA A 779 -26.66 45.34 -0.32
CA ALA A 779 -26.94 46.75 -0.06
C ALA A 779 -26.75 47.17 1.40
N LEU A 780 -27.26 46.38 2.35
CA LEU A 780 -27.13 46.69 3.77
C LEU A 780 -25.64 46.72 4.21
N CYS A 781 -24.79 45.92 3.59
CA CYS A 781 -23.36 45.91 3.87
C CYS A 781 -22.60 47.09 3.26
N ARG A 782 -23.23 47.93 2.45
CA ARG A 782 -22.54 49.08 1.83
C ARG A 782 -22.69 50.40 2.60
N THR A 783 -23.48 50.40 3.68
CA THR A 783 -23.72 51.63 4.42
C THR A 783 -22.44 52.12 5.07
N GLN A 784 -22.35 53.44 5.20
CA GLN A 784 -21.26 54.05 5.94
C GLN A 784 -21.57 54.06 7.47
N ASN A 785 -22.79 53.69 7.89
CA ASN A 785 -23.15 53.66 9.30
C ASN A 785 -22.50 52.48 10.06
N LYS A 786 -21.48 52.77 10.88
CA LYS A 786 -20.74 51.73 11.63
C LYS A 786 -21.58 50.95 12.63
N GLU A 787 -22.62 51.56 13.25
CA GLU A 787 -23.48 50.80 14.17
C GLU A 787 -24.30 49.78 13.38
N LYS A 788 -24.72 50.15 12.15
CA LYS A 788 -25.48 49.24 11.31
C LYS A 788 -24.60 48.11 10.81
N LEU A 789 -23.33 48.39 10.46
CA LEU A 789 -22.42 47.32 10.00
C LEU A 789 -22.16 46.32 11.13
N GLN A 790 -21.97 46.83 12.33
CA GLN A 790 -21.75 45.99 13.51
C GLN A 790 -22.99 45.13 13.78
N TRP A 791 -24.18 45.71 13.62
CA TRP A 791 -25.43 44.99 13.81
C TRP A 791 -25.55 43.81 12.84
N LEU A 792 -25.16 44.01 11.57
CA LEU A 792 -25.22 42.92 10.59
C LEU A 792 -24.29 41.79 10.99
N LEU A 793 -23.08 42.13 11.49
CA LEU A 793 -22.14 41.09 11.92
C LEU A 793 -22.72 40.34 13.13
N ASP A 794 -23.20 41.09 14.12
CA ASP A 794 -23.78 40.49 15.33
C ASP A 794 -24.99 39.58 15.01
N GLU A 795 -25.90 40.03 14.14
CA GLU A 795 -27.12 39.27 13.85
C GLU A 795 -26.93 38.07 12.94
N SER A 796 -26.07 38.18 11.91
CA SER A 796 -25.84 37.01 11.06
C SER A 796 -25.00 35.98 11.82
N PHE A 797 -24.12 36.42 12.75
CA PHE A 797 -23.36 35.53 13.60
C PHE A 797 -24.35 34.73 14.49
N LYS A 798 -25.38 35.41 15.02
CA LYS A 798 -26.41 34.82 15.87
C LYS A 798 -27.33 33.88 15.09
N GLY A 799 -27.68 34.23 13.85
CA GLY A 799 -28.49 33.34 13.02
C GLY A 799 -30.00 33.44 13.08
N ASP A 800 -30.53 34.37 13.87
CA ASP A 800 -31.98 34.52 13.98
C ASP A 800 -32.58 35.38 12.87
N LYS A 801 -32.15 36.63 12.76
CA LYS A 801 -32.68 37.58 11.79
C LYS A 801 -32.08 37.40 10.41
N ILE A 802 -30.80 36.99 10.36
CA ILE A 802 -30.06 36.68 9.14
C ILE A 802 -29.38 35.37 9.44
N LYS A 803 -29.53 34.40 8.55
CA LYS A 803 -28.96 33.08 8.78
C LYS A 803 -27.45 33.12 8.79
N THR A 804 -26.86 32.27 9.66
CA THR A 804 -25.41 32.13 9.81
C THR A 804 -24.75 31.61 8.53
N GLN A 805 -25.51 30.90 7.67
CA GLN A 805 -24.94 30.46 6.38
C GLN A 805 -24.55 31.68 5.51
N GLU A 806 -25.08 32.90 5.83
CA GLU A 806 -24.72 34.13 5.08
C GLU A 806 -23.59 34.91 5.76
N PHE A 807 -23.22 34.55 6.99
CA PHE A 807 -22.18 35.24 7.75
C PHE A 807 -20.84 35.36 6.98
N PRO A 808 -20.26 34.28 6.40
CA PRO A 808 -18.96 34.46 5.71
C PRO A 808 -19.07 35.50 4.58
N GLN A 809 -20.18 35.49 3.79
CA GLN A 809 -20.34 36.50 2.73
C GLN A 809 -20.50 37.91 3.32
N ILE A 810 -21.39 38.07 4.32
CA ILE A 810 -21.57 39.37 4.96
C ILE A 810 -20.27 39.93 5.55
N LEU A 811 -19.48 39.07 6.20
CA LEU A 811 -18.20 39.48 6.79
C LEU A 811 -17.25 39.99 5.71
N THR A 812 -17.18 39.28 4.56
CA THR A 812 -16.32 39.72 3.45
C THR A 812 -16.82 41.02 2.80
N LEU A 813 -18.14 41.17 2.63
CA LEU A 813 -18.67 42.42 2.03
C LEU A 813 -18.35 43.62 2.95
N ILE A 814 -18.50 43.43 4.27
CA ILE A 814 -18.18 44.52 5.21
C ILE A 814 -16.66 44.77 5.22
N GLY A 815 -15.87 43.70 5.08
CA GLY A 815 -14.42 43.83 4.96
C GLY A 815 -14.00 44.59 3.71
N ARG A 816 -14.91 44.69 2.74
CA ARG A 816 -14.65 45.41 1.49
CA ARG A 816 -14.65 45.43 1.50
C ARG A 816 -15.37 46.77 1.48
N ASN A 817 -16.10 47.12 2.56
CA ASN A 817 -16.79 48.39 2.67
C ASN A 817 -15.68 49.44 2.89
N PRO A 818 -15.67 50.52 2.09
CA PRO A 818 -14.59 51.51 2.20
C PRO A 818 -14.42 52.20 3.54
N VAL A 819 -15.48 52.28 4.35
CA VAL A 819 -15.34 52.91 5.67
C VAL A 819 -15.43 51.89 6.80
N GLY A 820 -16.15 50.80 6.61
CA GLY A 820 -16.36 49.81 7.65
C GLY A 820 -15.47 48.59 7.67
N TYR A 821 -14.48 48.52 6.76
CA TYR A 821 -13.58 47.37 6.69
C TYR A 821 -12.85 47.00 8.03
N PRO A 822 -12.41 47.95 8.92
CA PRO A 822 -11.74 47.53 10.16
C PRO A 822 -12.64 46.66 11.03
N LEU A 823 -13.98 46.86 10.95
CA LEU A 823 -14.95 46.13 11.77
C LEU A 823 -14.97 44.65 11.46
N ALA A 824 -14.76 44.27 10.18
CA ALA A 824 -14.82 42.85 9.80
C ALA A 824 -13.63 42.05 10.34
N TRP A 825 -12.42 42.58 10.13
CA TRP A 825 -11.20 41.95 10.65
C TRP A 825 -11.25 41.92 12.21
N GLN A 826 -11.73 43.01 12.85
CA GLN A 826 -11.90 43.02 14.32
C GLN A 826 -12.89 41.92 14.76
N PHE A 827 -14.06 41.81 14.08
CA PHE A 827 -15.09 40.82 14.44
C PHE A 827 -14.50 39.40 14.35
N LEU A 828 -13.77 39.12 13.28
CA LEU A 828 -13.13 37.82 13.08
C LEU A 828 -12.18 37.50 14.24
N ARG A 829 -11.34 38.48 14.64
CA ARG A 829 -10.42 38.24 15.74
C ARG A 829 -11.15 37.98 17.03
N LYS A 830 -12.15 38.82 17.35
CA LYS A 830 -12.84 38.71 18.64
C LYS A 830 -13.75 37.49 18.74
N ASN A 831 -14.22 36.95 17.61
CA ASN A 831 -15.14 35.81 17.64
C ASN A 831 -14.58 34.55 17.02
N TRP A 832 -13.23 34.49 16.87
CA TRP A 832 -12.53 33.39 16.21
C TRP A 832 -12.98 32.02 16.69
N ASN A 833 -12.95 31.78 18.01
CA ASN A 833 -13.27 30.47 18.54
C ASN A 833 -14.64 29.98 18.17
N LYS A 834 -15.65 30.83 18.29
CA LYS A 834 -17.02 30.43 17.92
C LYS A 834 -17.15 30.24 16.40
N LEU A 835 -16.47 31.06 15.59
CA LEU A 835 -16.55 30.92 14.13
C LEU A 835 -15.90 29.60 13.67
N VAL A 836 -14.76 29.24 14.28
CA VAL A 836 -14.10 27.99 13.96
C VAL A 836 -14.99 26.81 14.39
N GLN A 837 -15.65 26.91 15.54
CA GLN A 837 -16.54 25.85 16.01
C GLN A 837 -17.71 25.67 15.04
N LYS A 838 -18.23 26.79 14.47
CA LYS A 838 -19.35 26.69 13.55
C LYS A 838 -18.97 26.17 12.15
N PHE A 839 -17.87 26.68 11.58
CA PHE A 839 -17.51 26.41 10.18
C PHE A 839 -16.34 25.43 9.96
N GLU A 840 -15.50 25.21 11.00
CA GLU A 840 -14.34 24.28 11.04
C GLU A 840 -13.07 24.80 10.48
N LEU A 841 -11.94 24.52 11.18
CA LEU A 841 -10.62 24.88 10.65
C LEU A 841 -10.39 24.14 9.35
N GLY A 842 -9.82 24.84 8.37
CA GLY A 842 -9.55 24.24 7.07
C GLY A 842 -10.68 24.42 6.07
N SER A 843 -11.90 24.75 6.55
CA SER A 843 -13.02 24.94 5.64
C SER A 843 -12.79 26.07 4.69
N SER A 844 -13.42 25.96 3.52
CA SER A 844 -13.43 27.05 2.54
C SER A 844 -14.07 28.31 3.14
N SER A 845 -15.06 28.15 4.06
CA SER A 845 -15.76 29.24 4.73
C SER A 845 -14.77 30.03 5.55
N ILE A 846 -13.98 29.36 6.41
CA ILE A 846 -12.95 30.03 7.23
C ILE A 846 -11.91 30.72 6.33
N ALA A 847 -11.46 30.03 5.27
CA ALA A 847 -10.47 30.64 4.35
C ALA A 847 -11.01 31.91 3.71
N HIS A 848 -12.30 31.90 3.33
CA HIS A 848 -12.88 33.09 2.72
CA HIS A 848 -12.98 33.07 2.74
C HIS A 848 -13.02 34.24 3.72
N MET A 849 -13.22 33.93 5.01
CA MET A 849 -13.30 34.96 6.04
C MET A 849 -11.93 35.53 6.33
N VAL A 850 -10.92 34.68 6.38
CA VAL A 850 -9.56 35.13 6.65
C VAL A 850 -9.05 36.03 5.50
N MET A 851 -9.20 35.53 4.26
CA MET A 851 -8.72 36.30 3.12
C MET A 851 -9.61 37.50 2.82
N GLY A 852 -10.91 37.35 3.02
CA GLY A 852 -11.87 38.40 2.74
C GLY A 852 -11.70 39.61 3.63
N THR A 853 -11.22 39.40 4.88
CA THR A 853 -11.04 40.53 5.80
C THR A 853 -9.63 41.12 5.81
N THR A 854 -8.63 40.43 5.23
CA THR A 854 -7.25 40.90 5.36
C THR A 854 -6.44 41.04 4.07
N ASN A 855 -6.87 40.43 2.95
CA ASN A 855 -6.03 40.41 1.74
C ASN A 855 -5.99 41.71 0.91
N GLN A 856 -6.64 42.79 1.39
CA GLN A 856 -6.55 44.12 0.76
C GLN A 856 -5.77 45.12 1.63
N PHE A 857 -5.15 44.65 2.74
CA PHE A 857 -4.27 45.52 3.54
C PHE A 857 -2.91 45.70 2.82
N SER A 858 -2.25 46.87 3.03
CA SER A 858 -0.99 47.14 2.37
C SER A 858 -0.04 47.98 3.25
N THR A 859 -0.11 47.78 4.59
CA THR A 859 0.83 48.42 5.54
C THR A 859 1.51 47.31 6.35
N ARG A 860 2.72 47.61 6.82
CA ARG A 860 3.46 46.72 7.68
C ARG A 860 2.72 46.54 9.01
N THR A 861 1.99 47.58 9.52
CA THR A 861 1.23 47.40 10.75
C THR A 861 0.11 46.36 10.56
N ARG A 862 -0.63 46.43 9.43
CA ARG A 862 -1.69 45.45 9.18
C ARG A 862 -1.07 44.06 8.99
N LEU A 863 0.04 43.96 8.26
CA LEU A 863 0.73 42.68 8.08
C LEU A 863 1.05 42.04 9.44
N GLU A 864 1.57 42.84 10.40
CA GLU A 864 1.91 42.30 11.72
C GLU A 864 0.69 41.98 12.57
N GLU A 865 -0.44 42.69 12.38
CA GLU A 865 -1.69 42.32 13.09
C GLU A 865 -2.08 40.89 12.65
N VAL A 866 -1.98 40.62 11.32
CA VAL A 866 -2.32 39.31 10.79
C VAL A 866 -1.36 38.24 11.31
N LYS A 867 -0.04 38.48 11.22
CA LYS A 867 0.94 37.49 11.68
C LYS A 867 0.83 37.24 13.17
N GLY A 868 0.73 38.31 13.94
CA GLY A 868 0.64 38.21 15.39
C GLY A 868 -0.63 37.51 15.86
N PHE A 869 -1.77 37.86 15.23
CA PHE A 869 -3.03 37.25 15.64
C PHE A 869 -3.01 35.71 15.38
N PHE A 870 -2.68 35.32 14.14
CA PHE A 870 -2.77 33.91 13.76
C PHE A 870 -1.70 33.09 14.43
N SER A 871 -0.50 33.66 14.66
CA SER A 871 0.53 32.88 15.37
C SER A 871 0.15 32.66 16.83
N SER A 872 -0.65 33.57 17.44
CA SER A 872 -1.10 33.43 18.84
C SER A 872 -2.15 32.31 19.03
N LEU A 873 -2.74 31.80 17.92
CA LEU A 873 -3.75 30.74 17.97
C LEU A 873 -3.18 29.36 18.18
N LYS A 874 -1.88 29.16 17.91
CA LYS A 874 -1.20 27.88 18.08
C LYS A 874 -1.93 26.76 17.29
N GLU A 875 -2.48 25.73 17.96
CA GLU A 875 -3.16 24.65 17.26
C GLU A 875 -4.57 24.98 16.71
N ASN A 876 -5.11 26.16 17.05
CA ASN A 876 -6.44 26.54 16.58
C ASN A 876 -6.38 27.57 15.46
N GLY A 877 -5.46 27.40 14.51
CA GLY A 877 -5.40 28.28 13.34
C GLY A 877 -4.06 28.77 12.85
N SER A 878 -2.97 28.65 13.66
CA SER A 878 -1.67 29.17 13.22
C SER A 878 -1.14 28.51 11.97
N GLN A 879 -1.52 27.24 11.70
CA GLN A 879 -1.05 26.50 10.52
C GLN A 879 -1.99 26.53 9.29
N LEU A 880 -3.06 27.33 9.33
CA LEU A 880 -3.98 27.44 8.19
C LEU A 880 -3.26 27.91 6.92
N ARG A 881 -3.50 27.21 5.80
CA ARG A 881 -2.89 27.62 4.54
C ARG A 881 -3.45 29.02 4.13
N CYS A 882 -4.75 29.31 4.38
CA CYS A 882 -5.31 30.62 4.00
C CYS A 882 -4.56 31.77 4.72
N VAL A 883 -4.07 31.53 5.94
CA VAL A 883 -3.28 32.51 6.70
C VAL A 883 -1.97 32.81 5.99
N GLN A 884 -1.24 31.77 5.55
CA GLN A 884 0.01 32.03 4.81
C GLN A 884 -0.28 32.72 3.48
N GLN A 885 -1.38 32.33 2.82
CA GLN A 885 -1.73 32.95 1.55
C GLN A 885 -2.04 34.46 1.73
N THR A 886 -2.78 34.83 2.80
CA THR A 886 -3.11 36.22 3.02
C THR A 886 -1.86 37.01 3.43
N ILE A 887 -0.97 36.42 4.23
CA ILE A 887 0.29 37.07 4.62
C ILE A 887 1.12 37.38 3.37
N GLU A 888 1.24 36.39 2.46
CA GLU A 888 2.00 36.60 1.22
C GLU A 888 1.38 37.66 0.33
N THR A 889 0.03 37.69 0.28
CA THR A 889 -0.73 38.69 -0.51
C THR A 889 -0.50 40.07 0.09
N ILE A 890 -0.56 40.22 1.42
CA ILE A 890 -0.31 41.54 2.03
C ILE A 890 1.12 42.00 1.76
N GLU A 891 2.10 41.10 1.85
CA GLU A 891 3.50 41.44 1.55
C GLU A 891 3.62 41.98 0.11
N GLU A 892 2.98 41.30 -0.85
CA GLU A 892 2.99 41.74 -2.24
CA GLU A 892 2.99 41.75 -2.24
C GLU A 892 2.26 43.08 -2.39
N ASN A 893 1.15 43.27 -1.67
CA ASN A 893 0.38 44.54 -1.74
C ASN A 893 1.23 45.71 -1.25
N ILE A 894 2.03 45.48 -0.19
CA ILE A 894 2.90 46.53 0.41
C ILE A 894 3.92 46.97 -0.66
N GLY A 895 4.59 45.99 -1.28
CA GLY A 895 5.62 46.24 -2.28
C GLY A 895 5.07 46.88 -3.54
N TRP A 896 3.92 46.39 -3.99
CA TRP A 896 3.25 46.89 -5.19
C TRP A 896 2.82 48.35 -4.99
N MET A 897 2.19 48.64 -3.87
CA MET A 897 1.75 49.99 -3.55
C MET A 897 2.94 50.92 -3.40
N ASP A 898 4.01 50.45 -2.72
CA ASP A 898 5.18 51.32 -2.54
C ASP A 898 5.80 51.70 -3.86
N LYS A 899 5.86 50.74 -4.78
CA LYS A 899 6.47 50.99 -6.08
C LYS A 899 5.56 51.78 -7.01
N ASN A 900 4.28 51.44 -7.05
CA ASN A 900 3.39 51.98 -8.08
C ASN A 900 2.45 53.10 -7.70
N PHE A 901 2.18 53.35 -6.42
CA PHE A 901 1.21 54.39 -6.04
C PHE A 901 1.42 55.75 -6.77
N ASP A 902 2.62 56.33 -6.64
CA ASP A 902 2.87 57.63 -7.25
C ASP A 902 3.01 57.54 -8.78
N LYS A 903 3.38 56.37 -9.33
CA LYS A 903 3.41 56.17 -10.77
C LYS A 903 1.97 56.26 -11.29
N ILE A 904 1.01 55.66 -10.54
CA ILE A 904 -0.40 55.71 -10.91
C ILE A 904 -0.91 57.14 -10.79
N ARG A 905 -0.52 57.86 -9.74
CA ARG A 905 -0.92 59.28 -9.53
C ARG A 905 -0.50 60.11 -10.78
N VAL A 906 0.74 59.96 -11.21
CA VAL A 906 1.25 60.70 -12.38
C VAL A 906 0.51 60.31 -13.66
N TRP A 907 0.30 59.00 -13.86
CA TRP A 907 -0.40 58.48 -15.02
C TRP A 907 -1.85 59.05 -15.09
N LEU A 908 -2.57 59.06 -13.96
CA LEU A 908 -3.92 59.60 -13.87
C LEU A 908 -3.95 61.10 -14.20
N GLN A 909 -2.97 61.85 -13.70
CA GLN A 909 -2.88 63.29 -13.97
C GLN A 909 -2.65 63.60 -15.45
N SER A 910 -2.01 62.69 -16.21
CA SER A 910 -1.82 62.91 -17.65
C SER A 910 -3.16 63.01 -18.41
N GLU A 911 -4.26 62.47 -17.85
CA GLU A 911 -5.61 62.49 -18.44
C GLU A 911 -5.62 62.09 -19.90
N LYS A 912 -5.04 60.94 -20.18
CA LYS A 912 -4.92 60.40 -21.52
C LYS A 912 -6.28 60.20 -22.21
N LEU A 913 -7.34 59.86 -21.46
CA LEU A 913 -8.68 59.69 -22.07
C LEU A 913 -9.17 61.04 -22.57
N GLU A 914 -8.95 62.11 -21.80
CA GLU A 914 -9.36 63.46 -22.20
C GLU A 914 -8.54 64.02 -23.37
N ARG A 915 -7.27 63.58 -23.55
CA ARG A 915 -6.39 63.97 -24.66
C ARG A 915 -7.10 63.79 -26.01
N THR B 45 2.59 12.33 19.43
CA THR B 45 2.78 12.47 18.00
C THR B 45 2.51 11.14 17.32
N PRO B 46 1.46 11.07 16.50
CA PRO B 46 1.19 9.80 15.78
C PRO B 46 2.32 9.47 14.78
N PHE B 47 2.59 8.19 14.56
CA PHE B 47 3.59 7.80 13.58
C PHE B 47 2.97 8.03 12.17
N PRO B 48 3.71 8.67 11.26
CA PRO B 48 3.13 8.98 9.94
C PRO B 48 3.08 7.85 8.90
N TRP B 49 2.95 6.59 9.32
CA TRP B 49 2.81 5.49 8.38
C TRP B 49 2.04 4.38 9.03
N ASN B 50 1.02 3.87 8.36
CA ASN B 50 0.10 2.91 8.97
C ASN B 50 0.19 1.48 8.43
N LYS B 51 1.23 1.12 7.67
CA LYS B 51 1.31 -0.24 7.08
C LYS B 51 2.61 -0.93 7.40
N ILE B 52 2.58 -2.27 7.45
CA ILE B 52 3.82 -3.04 7.63
C ILE B 52 4.69 -2.86 6.37
N ARG B 53 4.05 -2.86 5.18
CA ARG B 53 4.75 -2.64 3.93
C ARG B 53 5.10 -1.13 3.81
N LEU B 54 6.29 -0.84 3.28
CA LEU B 54 6.72 0.54 3.12
C LEU B 54 5.90 1.27 2.02
N PRO B 55 5.87 2.61 2.02
CA PRO B 55 5.21 3.33 0.90
C PRO B 55 5.90 2.98 -0.43
N GLU B 56 5.17 3.09 -1.54
CA GLU B 56 5.75 2.74 -2.85
C GLU B 56 6.32 3.93 -3.62
N TYR B 57 6.10 5.13 -3.13
CA TYR B 57 6.47 6.34 -3.87
C TYR B 57 7.80 7.01 -3.49
N VAL B 58 8.61 6.37 -2.64
CA VAL B 58 9.96 6.86 -2.35
C VAL B 58 10.84 5.68 -2.71
N ILE B 59 11.64 5.80 -3.77
CA ILE B 59 12.40 4.65 -4.27
C ILE B 59 13.91 4.81 -4.19
N PRO B 60 14.61 3.91 -3.47
CA PRO B 60 16.08 3.99 -3.42
C PRO B 60 16.69 3.51 -4.73
N VAL B 61 17.80 4.11 -5.09
CA VAL B 61 18.51 3.80 -6.31
C VAL B 61 19.88 3.18 -5.96
N HIS B 62 20.55 3.74 -4.96
CA HIS B 62 21.90 3.32 -4.60
C HIS B 62 22.19 3.63 -3.16
N TYR B 63 22.95 2.74 -2.49
CA TYR B 63 23.37 2.91 -1.11
C TYR B 63 24.89 2.98 -1.02
N ASP B 64 25.40 3.89 -0.21
CA ASP B 64 26.80 3.97 0.12
C ASP B 64 26.86 3.62 1.61
N LEU B 65 27.37 2.43 1.96
CA LEU B 65 27.42 2.04 3.37
C LEU B 65 28.84 2.11 3.91
N LEU B 66 29.03 2.78 5.03
CA LEU B 66 30.33 2.80 5.70
C LEU B 66 30.06 2.16 7.05
N ILE B 67 30.73 1.06 7.36
CA ILE B 67 30.53 0.36 8.63
C ILE B 67 31.85 0.10 9.32
N HIS B 68 31.94 0.47 10.60
CA HIS B 68 33.14 0.24 11.39
C HIS B 68 32.77 -0.63 12.58
N ALA B 69 33.24 -1.87 12.60
CA ALA B 69 32.98 -2.75 13.72
C ALA B 69 34.21 -2.81 14.62
N GLN B 70 34.06 -2.47 15.91
CA GLN B 70 35.12 -2.52 16.90
C GLN B 70 34.97 -3.90 17.55
N LEU B 71 35.79 -4.89 17.13
CA LEU B 71 35.64 -6.28 17.56
C LEU B 71 36.07 -6.55 19.00
N THR B 72 36.52 -5.54 19.76
CA THR B 72 36.86 -5.75 21.17
C THR B 72 35.67 -5.35 22.01
N THR B 73 35.07 -4.18 21.75
CA THR B 73 33.90 -3.74 22.51
C THR B 73 32.56 -4.27 21.93
N LEU B 74 32.59 -4.83 20.71
CA LEU B 74 31.44 -5.35 19.95
C LEU B 74 30.49 -4.23 19.46
N THR B 75 30.87 -2.96 19.61
CA THR B 75 30.10 -1.84 19.11
C THR B 75 30.40 -1.67 17.61
N PHE B 76 29.44 -1.19 16.83
CA PHE B 76 29.67 -0.86 15.43
C PHE B 76 29.04 0.48 15.12
N TRP B 77 29.70 1.28 14.26
CA TRP B 77 29.21 2.60 13.84
C TRP B 77 29.02 2.56 12.35
N GLY B 78 28.07 3.34 11.88
CA GLY B 78 27.80 3.38 10.45
C GLY B 78 27.27 4.69 9.96
N THR B 79 27.51 4.93 8.68
CA THR B 79 26.99 6.08 7.95
C THR B 79 26.36 5.49 6.69
N THR B 80 25.06 5.62 6.54
CA THR B 80 24.36 5.13 5.36
C THR B 80 23.92 6.33 4.48
N LYS B 81 24.31 6.34 3.22
CA LYS B 81 23.89 7.38 2.29
C LYS B 81 23.03 6.70 1.24
N VAL B 82 21.75 7.05 1.12
CA VAL B 82 20.89 6.39 0.15
C VAL B 82 20.29 7.41 -0.81
N GLU B 83 20.58 7.22 -2.10
CA GLU B 83 20.06 8.06 -3.17
C GLU B 83 18.63 7.60 -3.46
N ILE B 84 17.69 8.54 -3.41
CA ILE B 84 16.28 8.22 -3.58
C ILE B 84 15.63 9.20 -4.56
N THR B 85 14.44 8.85 -5.06
CA THR B 85 13.57 9.75 -5.80
C THR B 85 12.16 9.55 -5.26
N ALA B 86 11.40 10.62 -5.22
CA ALA B 86 10.00 10.53 -4.83
C ALA B 86 9.17 10.65 -6.12
N SER B 87 8.17 9.77 -6.31
CA SER B 87 7.28 9.88 -7.46
C SER B 87 6.05 10.79 -7.17
N GLN B 88 5.95 11.33 -5.95
CA GLN B 88 4.85 12.20 -5.57
C GLN B 88 5.34 13.13 -4.48
N PRO B 89 4.73 14.33 -4.35
CA PRO B 89 5.18 15.26 -3.32
C PRO B 89 5.07 14.60 -1.94
N THR B 90 6.16 14.61 -1.21
CA THR B 90 6.19 14.09 0.13
C THR B 90 7.21 14.83 0.95
N SER B 91 6.90 15.01 2.21
CA SER B 91 7.84 15.57 3.18
C SER B 91 8.28 14.48 4.19
N THR B 92 7.90 13.21 3.99
CA THR B 92 8.15 12.13 4.91
C THR B 92 8.75 10.92 4.19
N ILE B 93 9.84 10.39 4.74
CA ILE B 93 10.47 9.21 4.17
C ILE B 93 10.36 8.09 5.22
N ILE B 94 9.77 6.96 4.85
CA ILE B 94 9.66 5.84 5.77
C ILE B 94 10.63 4.78 5.33
N LEU B 95 11.43 4.28 6.27
CA LEU B 95 12.34 3.16 6.01
C LEU B 95 12.47 2.25 7.24
N HIS B 96 13.21 1.14 7.11
CA HIS B 96 13.37 0.19 8.19
C HIS B 96 14.62 0.47 9.00
N SER B 97 14.52 0.20 10.30
CA SER B 97 15.63 0.30 11.25
C SER B 97 15.24 -0.50 12.50
N HIS B 98 16.14 -1.35 12.98
CA HIS B 98 15.85 -2.23 14.13
C HIS B 98 17.08 -2.36 15.03
N HIS B 99 16.95 -1.85 16.27
CA HIS B 99 17.98 -1.88 17.30
C HIS B 99 19.21 -1.02 16.95
N LEU B 100 19.03 0.02 16.11
CA LEU B 100 20.11 0.93 15.75
C LEU B 100 19.85 2.27 16.42
N GLN B 101 20.89 2.88 17.02
CA GLN B 101 20.77 4.18 17.68
C GLN B 101 21.10 5.23 16.63
N ILE B 102 20.09 5.95 16.16
CA ILE B 102 20.30 6.96 15.14
C ILE B 102 20.73 8.24 15.81
N SER B 103 21.93 8.73 15.48
CA SER B 103 22.40 9.97 16.07
C SER B 103 21.88 11.16 15.28
N ARG B 104 21.87 11.08 13.93
CA ARG B 104 21.31 12.15 13.09
C ARG B 104 21.03 11.73 11.65
N ALA B 105 20.13 12.46 10.99
CA ALA B 105 19.79 12.22 9.60
C ALA B 105 19.66 13.53 8.86
N THR B 106 20.21 13.60 7.64
CA THR B 106 20.16 14.81 6.81
C THR B 106 19.71 14.47 5.39
N LEU B 107 19.19 15.46 4.69
CA LEU B 107 18.70 15.32 3.34
C LEU B 107 19.54 16.22 2.47
N ARG B 108 20.15 15.66 1.44
CA ARG B 108 21.01 16.41 0.54
C ARG B 108 20.39 16.43 -0.85
N LYS B 109 20.63 17.51 -1.56
CA LYS B 109 20.10 17.71 -2.89
C LYS B 109 21.13 18.39 -3.77
N LEU B 115 24.54 22.47 -4.34
CA LEU B 115 24.46 21.50 -3.25
C LEU B 115 23.81 22.14 -2.01
N SER B 116 22.84 21.45 -1.39
CA SER B 116 22.18 21.94 -0.19
C SER B 116 21.91 20.77 0.79
N GLU B 117 21.93 21.06 2.09
CA GLU B 117 21.71 20.04 3.10
C GLU B 117 20.71 20.55 4.13
N GLU B 118 19.81 19.67 4.61
CA GLU B 118 18.82 20.03 5.62
C GLU B 118 18.69 18.90 6.64
N PRO B 119 18.59 19.23 7.92
CA PRO B 119 18.38 18.16 8.92
C PRO B 119 16.98 17.53 8.78
N LEU B 120 16.91 16.26 9.07
CA LEU B 120 15.66 15.52 9.06
C LEU B 120 15.31 15.21 10.52
N GLN B 121 14.04 15.37 10.89
CA GLN B 121 13.54 15.00 12.20
C GLN B 121 13.30 13.48 12.14
N VAL B 122 13.65 12.75 13.20
CA VAL B 122 13.52 11.30 13.22
C VAL B 122 12.47 10.82 14.21
N LEU B 123 11.51 10.00 13.74
CA LEU B 123 10.50 9.38 14.60
C LEU B 123 10.70 7.87 14.44
N GLU B 124 10.37 7.13 15.50
CA GLU B 124 10.55 5.70 15.48
C GLU B 124 9.28 4.98 15.81
N HIS B 125 9.10 3.82 15.19
CA HIS B 125 7.98 2.93 15.47
C HIS B 125 8.57 1.54 15.60
N PRO B 126 9.20 1.25 16.77
CA PRO B 126 9.91 -0.03 16.90
C PRO B 126 9.07 -1.28 16.64
N ARG B 127 7.75 -1.26 16.88
CA ARG B 127 6.93 -2.44 16.60
C ARG B 127 6.89 -2.78 15.09
N GLN B 128 6.75 -1.77 14.21
CA GLN B 128 6.77 -2.02 12.76
C GLN B 128 8.25 -2.01 12.22
N GLU B 129 9.28 -1.89 13.12
CA GLU B 129 10.71 -1.79 12.80
C GLU B 129 10.94 -0.67 11.73
N GLN B 130 10.22 0.43 11.90
CA GLN B 130 10.31 1.55 10.97
C GLN B 130 10.78 2.81 11.65
N ILE B 131 11.34 3.71 10.85
CA ILE B 131 11.67 5.06 11.22
C ILE B 131 11.07 5.99 10.17
N ALA B 132 10.65 7.16 10.58
CA ALA B 132 10.15 8.18 9.68
C ALA B 132 11.09 9.36 9.77
N LEU B 133 11.51 9.87 8.60
CA LEU B 133 12.40 11.01 8.48
C LEU B 133 11.56 12.13 7.88
N LEU B 134 11.45 13.23 8.60
CA LEU B 134 10.60 14.38 8.26
C LEU B 134 11.43 15.55 7.75
N ALA B 135 11.18 15.98 6.50
CA ALA B 135 11.88 17.10 5.87
C ALA B 135 11.15 18.44 6.10
N PRO B 136 11.87 19.59 6.15
CA PRO B 136 11.20 20.88 6.39
C PRO B 136 10.37 21.41 5.22
N GLU B 137 10.56 20.84 4.03
CA GLU B 137 9.82 21.22 2.84
C GLU B 137 9.68 19.99 1.93
N PRO B 138 8.61 19.92 1.12
CA PRO B 138 8.43 18.72 0.28
C PRO B 138 9.57 18.46 -0.69
N LEU B 139 9.83 17.19 -0.94
CA LEU B 139 10.81 16.77 -1.93
C LEU B 139 10.20 17.07 -3.30
N LEU B 140 11.00 17.58 -4.23
CA LEU B 140 10.51 17.81 -5.58
C LEU B 140 10.48 16.46 -6.30
N VAL B 141 9.40 16.17 -6.98
CA VAL B 141 9.20 14.89 -7.66
C VAL B 141 10.22 14.58 -8.76
N GLY B 142 10.77 13.36 -8.72
CA GLY B 142 11.71 12.89 -9.72
C GLY B 142 13.13 13.39 -9.59
N LEU B 143 13.37 14.34 -8.69
CA LEU B 143 14.71 14.89 -8.50
C LEU B 143 15.51 14.01 -7.56
N PRO B 144 16.83 13.85 -7.81
CA PRO B 144 17.63 12.97 -6.95
C PRO B 144 17.94 13.60 -5.60
N TYR B 145 17.73 12.85 -4.53
CA TYR B 145 18.05 13.29 -3.17
C TYR B 145 18.93 12.24 -2.51
N THR B 146 19.70 12.62 -1.48
CA THR B 146 20.51 11.66 -0.75
C THR B 146 20.20 11.78 0.73
N VAL B 147 19.77 10.69 1.34
CA VAL B 147 19.48 10.66 2.77
C VAL B 147 20.75 10.17 3.47
N VAL B 148 21.25 10.90 4.45
CA VAL B 148 22.46 10.49 5.17
C VAL B 148 22.11 10.19 6.63
N ILE B 149 22.32 8.93 7.07
CA ILE B 149 22.00 8.55 8.44
C ILE B 149 23.23 8.08 9.20
N HIS B 150 23.54 8.76 10.32
CA HIS B 150 24.63 8.39 11.21
C HIS B 150 24.04 7.58 12.35
N TYR B 151 24.64 6.42 12.63
CA TYR B 151 24.08 5.54 13.65
C TYR B 151 25.13 4.62 14.29
N ALA B 152 24.74 3.92 15.36
CA ALA B 152 25.58 2.94 16.03
C ALA B 152 24.72 1.77 16.50
N GLY B 153 25.35 0.63 16.66
CA GLY B 153 24.70 -0.55 17.15
C GLY B 153 25.68 -1.43 17.90
N GLN B 154 25.18 -2.55 18.38
CA GLN B 154 26.03 -3.52 19.05
C GLN B 154 25.89 -4.78 18.24
N LEU B 155 26.99 -5.48 17.96
CA LEU B 155 26.94 -6.74 17.20
C LEU B 155 25.97 -7.71 17.87
N SER B 156 25.10 -8.27 17.08
CA SER B 156 24.12 -9.22 17.54
C SER B 156 24.74 -10.43 18.23
N GLU B 157 24.16 -10.83 19.34
CA GLU B 157 24.56 -12.05 20.02
C GLU B 157 23.73 -13.29 19.53
N THR B 158 22.91 -13.12 18.48
CA THR B 158 22.11 -14.18 17.87
C THR B 158 22.90 -14.69 16.59
N PHE B 159 22.23 -15.39 15.63
CA PHE B 159 22.87 -15.79 14.38
C PHE B 159 22.34 -14.97 13.18
N HIS B 160 21.74 -13.80 13.44
CA HIS B 160 21.19 -12.94 12.40
C HIS B 160 21.64 -11.46 12.61
N GLY B 161 21.45 -10.65 11.60
CA GLY B 161 21.90 -9.26 11.64
C GLY B 161 23.41 -9.29 11.41
N PHE B 162 24.12 -8.33 11.98
CA PHE B 162 25.58 -8.26 11.88
C PHE B 162 25.97 -8.83 13.23
N TYR B 163 26.42 -10.07 13.23
CA TYR B 163 26.59 -10.82 14.47
C TYR B 163 28.00 -11.29 14.78
N LYS B 164 28.21 -11.57 16.06
CA LYS B 164 29.49 -12.04 16.55
C LYS B 164 29.60 -13.54 16.38
N SER B 165 30.73 -13.97 15.84
CA SER B 165 31.03 -15.39 15.72
C SER B 165 32.43 -15.61 16.39
N THR B 166 32.68 -16.79 17.00
CA THR B 166 33.97 -17.05 17.65
C THR B 166 34.49 -18.46 17.33
N TYR B 167 35.78 -18.68 17.52
CA TYR B 167 36.38 -20.00 17.41
C TYR B 167 37.65 -20.03 18.24
N ARG B 168 38.14 -21.23 18.55
CA ARG B 168 39.37 -21.36 19.32
C ARG B 168 40.46 -21.91 18.42
N THR B 169 41.65 -21.28 18.45
CA THR B 169 42.80 -21.80 17.70
C THR B 169 43.30 -23.11 18.38
N LYS B 170 44.25 -23.83 17.74
CA LYS B 170 44.82 -25.05 18.34
C LYS B 170 45.53 -24.79 19.68
N GLU B 171 45.88 -23.52 19.99
CA GLU B 171 46.49 -23.17 21.27
C GLU B 171 45.47 -22.84 22.38
N GLY B 172 44.19 -22.70 22.01
CA GLY B 172 43.15 -22.38 22.97
C GLY B 172 42.75 -20.92 22.99
N GLU B 173 43.33 -20.10 22.09
CA GLU B 173 43.02 -18.68 22.01
C GLU B 173 41.64 -18.41 21.40
N LEU B 174 40.80 -17.64 22.10
CA LEU B 174 39.49 -17.28 21.57
C LEU B 174 39.64 -16.16 20.54
N ARG B 175 39.25 -16.43 19.29
CA ARG B 175 39.28 -15.46 18.22
C ARG B 175 37.85 -15.00 17.94
N ILE B 176 37.67 -13.70 17.73
CA ILE B 176 36.36 -13.11 17.48
C ILE B 176 36.27 -12.57 16.07
N LEU B 177 35.21 -12.92 15.34
CA LEU B 177 34.97 -12.40 14.01
C LEU B 177 33.54 -11.80 13.94
N ALA B 178 33.23 -11.07 12.87
CA ALA B 178 31.89 -10.49 12.70
C ALA B 178 31.39 -10.88 11.32
N SER B 179 30.15 -11.36 11.24
CA SER B 179 29.59 -11.82 9.96
C SER B 179 28.11 -11.36 9.83
N THR B 180 27.51 -11.55 8.64
CA THR B 180 26.14 -11.09 8.44
C THR B 180 25.22 -12.24 8.02
N GLN B 181 23.96 -12.13 8.36
CA GLN B 181 22.90 -13.05 7.93
C GLN B 181 21.67 -12.19 7.95
N PHE B 182 21.24 -11.72 6.79
CA PHE B 182 20.12 -10.78 6.72
C PHE B 182 18.80 -11.40 6.30
N GLU B 183 18.83 -12.49 5.51
CA GLU B 183 17.57 -13.06 5.05
C GLU B 183 16.76 -13.65 6.20
N PRO B 184 15.50 -13.22 6.36
CA PRO B 184 14.76 -12.32 5.45
C PRO B 184 14.75 -10.82 5.77
N THR B 185 14.55 -10.44 7.05
CA THR B 185 14.37 -9.04 7.41
C THR B 185 15.41 -8.46 8.35
N ALA B 186 16.65 -8.98 8.36
CA ALA B 186 17.65 -8.50 9.31
C ALA B 186 18.63 -7.46 8.74
N ALA B 187 18.56 -7.07 7.44
CA ALA B 187 19.47 -6.00 6.95
C ALA B 187 19.28 -4.70 7.75
N ARG B 188 18.03 -4.42 8.15
CA ARG B 188 17.62 -3.25 8.93
C ARG B 188 18.25 -3.22 10.35
N MET B 189 18.88 -4.32 10.76
CA MET B 189 19.63 -4.39 12.04
C MET B 189 21.11 -4.04 11.82
N ALA B 190 21.58 -3.86 10.55
CA ALA B 190 22.97 -3.52 10.27
C ALA B 190 23.10 -2.12 9.65
N PHE B 191 22.06 -1.65 8.94
CA PHE B 191 21.98 -0.32 8.32
C PHE B 191 20.54 0.03 8.02
N PRO B 192 20.14 1.31 8.23
CA PRO B 192 18.77 1.72 7.88
C PRO B 192 18.58 1.60 6.37
N CYS B 193 17.45 1.00 5.94
CA CYS B 193 17.23 0.76 4.52
C CYS B 193 15.76 0.50 4.19
N PHE B 194 15.43 0.45 2.89
CA PHE B 194 14.09 0.07 2.39
C PHE B 194 14.16 -1.45 2.29
N ASP B 195 13.93 -2.13 3.42
CA ASP B 195 14.25 -3.53 3.59
C ASP B 195 13.14 -4.48 3.18
N GLU B 196 12.85 -4.48 1.87
CA GLU B 196 11.87 -5.32 1.18
C GLU B 196 12.54 -5.73 -0.11
N PRO B 197 12.36 -6.99 -0.53
CA PRO B 197 13.11 -7.51 -1.68
C PRO B 197 12.88 -6.82 -3.00
N ALA B 198 11.73 -6.16 -3.21
CA ALA B 198 11.46 -5.47 -4.49
C ALA B 198 12.04 -4.06 -4.59
N PHE B 199 12.70 -3.57 -3.54
CA PHE B 199 13.34 -2.26 -3.55
C PHE B 199 14.83 -2.52 -3.88
N LYS B 200 15.09 -3.02 -5.09
CA LYS B 200 16.46 -3.32 -5.49
C LYS B 200 17.24 -2.04 -5.74
N ALA B 201 18.53 -2.10 -5.41
CA ALA B 201 19.43 -0.97 -5.51
C ALA B 201 20.89 -1.46 -5.66
N SER B 202 21.79 -0.57 -6.08
CA SER B 202 23.21 -0.91 -6.11
C SER B 202 23.77 -0.51 -4.74
N PHE B 203 24.86 -1.17 -4.30
CA PHE B 203 25.47 -0.96 -2.98
C PHE B 203 26.99 -0.79 -3.11
N SER B 204 27.53 0.30 -2.55
CA SER B 204 28.96 0.55 -2.49
C SER B 204 29.28 0.44 -1.01
N ILE B 205 29.94 -0.67 -0.65
CA ILE B 205 30.21 -0.95 0.74
C ILE B 205 31.64 -0.63 1.13
N LYS B 206 31.81 0.04 2.27
CA LYS B 206 33.11 0.37 2.84
C LYS B 206 33.14 -0.15 4.28
N ILE B 207 34.18 -0.94 4.61
CA ILE B 207 34.32 -1.56 5.93
C ILE B 207 35.60 -1.08 6.64
N ARG B 208 35.49 -0.51 7.85
CA ARG B 208 36.70 -0.14 8.60
C ARG B 208 37.07 -1.27 9.53
N ARG B 209 38.33 -1.66 9.53
CA ARG B 209 38.80 -2.78 10.33
C ARG B 209 40.26 -2.63 10.76
N GLU B 210 40.67 -3.43 11.76
CA GLU B 210 42.04 -3.46 12.23
C GLU B 210 42.90 -4.18 11.17
N PRO B 211 44.19 -3.80 11.05
CA PRO B 211 45.07 -4.48 10.06
C PRO B 211 45.19 -6.00 10.22
N ARG B 212 45.04 -6.53 11.45
CA ARG B 212 45.12 -7.97 11.67
C ARG B 212 43.89 -8.73 11.09
N HIS B 213 42.83 -8.02 10.67
CA HIS B 213 41.63 -8.63 10.10
C HIS B 213 41.56 -8.41 8.60
N LEU B 214 40.82 -9.26 7.95
CA LEU B 214 40.52 -9.24 6.53
C LEU B 214 39.01 -8.96 6.42
N ALA B 215 38.60 -8.16 5.44
CA ALA B 215 37.18 -7.96 5.18
C ALA B 215 36.83 -8.39 3.77
N ILE B 216 35.73 -9.11 3.61
CA ILE B 216 35.23 -9.52 2.29
C ILE B 216 33.76 -9.13 2.22
N SER B 217 33.26 -8.93 1.02
CA SER B 217 31.88 -8.50 0.81
C SER B 217 31.36 -9.09 -0.51
N ASN B 218 30.18 -8.64 -1.01
CA ASN B 218 29.61 -9.17 -2.24
C ASN B 218 30.53 -9.01 -3.45
N MET B 219 31.17 -7.84 -3.57
CA MET B 219 32.02 -7.51 -4.70
C MET B 219 33.51 -7.53 -4.38
N PRO B 220 34.39 -7.52 -5.42
CA PRO B 220 35.83 -7.48 -5.17
C PRO B 220 36.24 -6.21 -4.40
N LEU B 221 37.34 -6.35 -3.68
CA LEU B 221 37.95 -5.27 -2.94
C LEU B 221 38.69 -4.42 -3.99
N VAL B 222 38.46 -3.11 -4.01
CA VAL B 222 39.10 -2.24 -5.01
C VAL B 222 40.15 -1.30 -4.41
N LYS B 223 40.08 -1.05 -3.10
CA LYS B 223 40.97 -0.14 -2.43
C LYS B 223 41.01 -0.41 -0.95
N SER B 224 42.16 -0.17 -0.31
CA SER B 224 42.32 -0.28 1.14
C SER B 224 43.12 0.94 1.55
N VAL B 225 42.53 1.81 2.34
CA VAL B 225 43.18 3.05 2.74
C VAL B 225 43.28 3.12 4.26
N THR B 226 44.50 3.33 4.79
CA THR B 226 44.68 3.48 6.24
C THR B 226 44.08 4.83 6.62
N VAL B 227 43.16 4.85 7.59
CA VAL B 227 42.48 6.08 7.99
C VAL B 227 42.90 6.59 9.39
N ALA B 228 43.56 5.74 10.19
CA ALA B 228 44.09 6.05 11.53
C ALA B 228 45.09 4.94 11.90
N GLU B 229 45.95 5.18 12.93
CA GLU B 229 47.01 4.25 13.34
C GLU B 229 46.69 2.75 13.14
N GLY B 230 45.65 2.27 13.79
CA GLY B 230 45.28 0.85 13.67
C GLY B 230 43.93 0.66 13.01
N LEU B 231 43.63 1.43 11.95
CA LEU B 231 42.34 1.35 11.28
C LEU B 231 42.47 1.53 9.78
N ILE B 232 42.01 0.54 9.03
CA ILE B 232 42.05 0.52 7.59
C ILE B 232 40.63 0.49 7.04
N GLU B 233 40.36 1.30 6.01
CA GLU B 233 39.08 1.34 5.36
C GLU B 233 39.14 0.55 4.04
N ASP B 234 38.37 -0.55 3.93
CA ASP B 234 38.31 -1.33 2.70
C ASP B 234 37.12 -0.86 1.85
N HIS B 235 37.36 -0.61 0.57
CA HIS B 235 36.34 -0.17 -0.37
C HIS B 235 36.05 -1.32 -1.28
N PHE B 236 34.77 -1.72 -1.41
CA PHE B 236 34.39 -2.79 -2.33
C PHE B 236 33.69 -2.20 -3.56
N ASP B 237 33.81 -2.88 -4.72
CA ASP B 237 33.18 -2.37 -5.94
C ASP B 237 31.66 -2.26 -5.83
N VAL B 238 31.04 -1.41 -6.63
CA VAL B 238 29.59 -1.24 -6.61
C VAL B 238 28.88 -2.53 -7.10
N THR B 239 27.85 -2.98 -6.36
CA THR B 239 27.11 -4.17 -6.78
C THR B 239 26.20 -3.83 -7.96
N VAL B 240 25.68 -4.86 -8.65
CA VAL B 240 24.59 -4.68 -9.59
C VAL B 240 23.30 -4.43 -8.70
N LYS B 241 22.16 -4.15 -9.36
CA LYS B 241 20.85 -3.94 -8.74
C LYS B 241 20.49 -5.22 -7.97
N MET B 242 20.25 -5.08 -6.66
CA MET B 242 19.97 -6.27 -5.86
C MET B 242 19.18 -5.95 -4.61
N SER B 243 18.65 -7.00 -3.96
CA SER B 243 17.87 -6.84 -2.73
C SER B 243 18.75 -6.68 -1.47
N THR B 244 18.26 -5.91 -0.50
CA THR B 244 18.97 -5.65 0.76
C THR B 244 19.33 -6.94 1.49
N TYR B 245 18.45 -7.97 1.47
CA TYR B 245 18.71 -9.23 2.17
C TYR B 245 19.93 -9.98 1.63
N LEU B 246 20.43 -9.60 0.44
CA LEU B 246 21.59 -10.25 -0.16
C LEU B 246 22.91 -9.58 0.14
N VAL B 247 22.90 -8.42 0.80
CA VAL B 247 24.11 -7.72 1.18
C VAL B 247 24.84 -8.54 2.23
N ALA B 248 26.16 -8.60 2.14
CA ALA B 248 26.96 -9.33 3.09
C ALA B 248 28.34 -8.75 3.29
N PHE B 249 28.86 -8.94 4.49
CA PHE B 249 30.23 -8.55 4.82
C PHE B 249 30.74 -9.34 6.01
N ILE B 250 32.02 -9.66 6.00
CA ILE B 250 32.64 -10.48 7.05
C ILE B 250 33.98 -9.87 7.41
N ILE B 251 34.26 -9.74 8.70
CA ILE B 251 35.52 -9.23 9.22
C ILE B 251 36.12 -10.36 10.05
N SER B 252 37.20 -10.97 9.58
CA SER B 252 37.73 -12.16 10.26
C SER B 252 39.25 -12.31 10.03
N ASP B 253 39.82 -13.46 10.40
CA ASP B 253 41.21 -13.76 10.07
C ASP B 253 41.20 -15.00 9.12
N PHE B 254 40.19 -15.11 8.23
CA PHE B 254 40.10 -16.26 7.34
C PHE B 254 41.25 -16.30 6.35
N GLU B 255 41.60 -17.51 5.96
CA GLU B 255 42.53 -17.73 4.86
C GLU B 255 41.66 -18.20 3.67
N SER B 256 42.25 -18.34 2.47
CA SER B 256 41.48 -18.77 1.31
C SER B 256 42.28 -19.55 0.28
N VAL B 257 41.57 -20.25 -0.60
CA VAL B 257 42.10 -20.95 -1.76
C VAL B 257 41.21 -20.54 -2.93
N SER B 258 41.81 -20.35 -4.12
CA SER B 258 41.03 -19.90 -5.27
CA SER B 258 41.05 -19.88 -5.27
C SER B 258 41.25 -20.73 -6.52
N LYS B 259 40.33 -20.62 -7.49
CA LYS B 259 40.36 -21.33 -8.77
C LYS B 259 39.50 -20.53 -9.77
N ILE B 260 39.94 -20.41 -11.02
CA ILE B 260 39.22 -19.63 -12.04
C ILE B 260 38.33 -20.53 -12.92
N THR B 261 37.06 -20.15 -13.16
CA THR B 261 36.20 -20.92 -14.05
C THR B 261 36.65 -20.71 -15.53
N LYS B 262 36.11 -21.49 -16.48
CA LYS B 262 36.39 -21.31 -17.90
C LYS B 262 35.97 -19.90 -18.37
N SER B 263 34.90 -19.36 -17.77
CA SER B 263 34.37 -18.03 -18.07
C SER B 263 35.13 -16.87 -17.39
N GLY B 264 36.19 -17.17 -16.64
CA GLY B 264 37.00 -16.14 -15.99
C GLY B 264 36.59 -15.70 -14.59
N VAL B 265 35.60 -16.38 -14.01
CA VAL B 265 35.14 -16.02 -12.65
C VAL B 265 36.13 -16.56 -11.63
N LYS B 266 36.61 -15.70 -10.72
CA LYS B 266 37.51 -16.18 -9.66
C LYS B 266 36.65 -16.73 -8.54
N VAL B 267 36.75 -18.03 -8.26
CA VAL B 267 35.98 -18.65 -7.18
C VAL B 267 36.90 -18.91 -6.03
N SER B 268 36.52 -18.52 -4.78
CA SER B 268 37.37 -18.79 -3.63
C SER B 268 36.60 -19.41 -2.48
N VAL B 269 37.29 -20.15 -1.63
CA VAL B 269 36.69 -20.69 -0.42
C VAL B 269 37.45 -20.09 0.74
N TYR B 270 36.74 -19.49 1.69
CA TYR B 270 37.35 -18.91 2.87
C TYR B 270 36.98 -19.76 4.07
N ALA B 271 37.94 -19.92 4.99
CA ALA B 271 37.74 -20.68 6.22
C ALA B 271 38.82 -20.28 7.22
N VAL B 272 38.61 -20.60 8.52
CA VAL B 272 39.61 -20.35 9.56
C VAL B 272 40.96 -21.02 9.19
N PRO B 273 42.09 -20.38 9.53
CA PRO B 273 43.41 -20.94 9.14
C PRO B 273 43.60 -22.44 9.39
N ASP B 274 43.21 -22.94 10.58
CA ASP B 274 43.36 -24.37 10.93
C ASP B 274 42.49 -25.31 10.09
N LYS B 275 41.53 -24.76 9.34
CA LYS B 275 40.63 -25.59 8.54
C LYS B 275 40.71 -25.28 7.03
N ILE B 276 41.57 -24.33 6.59
CA ILE B 276 41.64 -24.00 5.16
C ILE B 276 42.07 -25.22 4.30
N ASN B 277 42.80 -26.20 4.89
CA ASN B 277 43.20 -27.38 4.11
C ASN B 277 42.01 -28.32 3.77
N GLN B 278 40.81 -28.01 4.30
CA GLN B 278 39.61 -28.79 4.03
C GLN B 278 38.69 -28.14 2.97
N ALA B 279 39.18 -27.09 2.26
CA ALA B 279 38.41 -26.34 1.28
C ALA B 279 38.45 -26.81 -0.16
N ASP B 280 39.41 -27.72 -0.49
CA ASP B 280 39.63 -28.19 -1.86
C ASP B 280 38.41 -28.81 -2.52
N TYR B 281 37.70 -29.71 -1.81
CA TYR B 281 36.54 -30.34 -2.39
C TYR B 281 35.45 -29.32 -2.81
N ALA B 282 35.06 -28.42 -1.89
CA ALA B 282 34.02 -27.43 -2.18
C ALA B 282 34.45 -26.47 -3.28
N LEU B 283 35.74 -26.13 -3.35
CA LEU B 283 36.26 -25.24 -4.37
C LEU B 283 36.08 -25.83 -5.75
N ASP B 284 36.48 -27.11 -5.92
CA ASP B 284 36.36 -27.83 -7.18
C ASP B 284 34.87 -27.98 -7.55
N ALA B 285 34.02 -28.31 -6.55
CA ALA B 285 32.60 -28.49 -6.79
C ALA B 285 31.94 -27.17 -7.19
N ALA B 286 32.33 -26.05 -6.57
CA ALA B 286 31.75 -24.74 -6.87
C ALA B 286 32.14 -24.27 -8.28
N VAL B 287 33.37 -24.54 -8.70
CA VAL B 287 33.81 -24.18 -10.06
C VAL B 287 33.00 -24.97 -11.08
N THR B 288 32.93 -26.30 -10.91
CA THR B 288 32.19 -27.18 -11.81
C THR B 288 30.70 -26.80 -11.86
N LEU B 289 30.10 -26.55 -10.69
CA LEU B 289 28.69 -26.18 -10.63
C LEU B 289 28.39 -24.80 -11.23
N LEU B 290 29.23 -23.80 -10.98
CA LEU B 290 29.02 -22.47 -11.56
C LEU B 290 29.08 -22.55 -13.10
N GLU B 291 30.03 -23.35 -13.62
CA GLU B 291 30.17 -23.60 -15.05
C GLU B 291 28.92 -24.26 -15.60
N PHE B 292 28.39 -25.28 -14.88
CA PHE B 292 27.15 -25.94 -15.24
C PHE B 292 26.01 -24.94 -15.36
N TYR B 293 25.75 -24.10 -14.33
CA TYR B 293 24.62 -23.18 -14.39
C TYR B 293 24.78 -22.12 -15.49
N GLU B 294 26.00 -21.66 -15.75
CA GLU B 294 26.22 -20.66 -16.81
C GLU B 294 25.84 -21.20 -18.17
N ASP B 295 26.37 -22.37 -18.53
CA ASP B 295 26.07 -23.03 -19.80
C ASP B 295 24.63 -23.50 -19.83
N TYR B 296 24.15 -24.05 -18.71
CA TYR B 296 22.78 -24.51 -18.60
C TYR B 296 21.77 -23.39 -18.83
N PHE B 297 21.69 -22.39 -17.93
CA PHE B 297 20.75 -21.27 -18.05
C PHE B 297 21.01 -20.34 -19.23
N SER B 298 22.20 -20.43 -19.84
CA SER B 298 22.71 -19.57 -20.91
C SER B 298 22.81 -18.09 -20.49
N ILE B 299 22.97 -17.84 -19.20
CA ILE B 299 23.11 -16.49 -18.68
C ILE B 299 24.37 -16.50 -17.87
N PRO B 300 25.40 -15.75 -18.30
CA PRO B 300 26.63 -15.71 -17.51
C PRO B 300 26.42 -15.21 -16.09
N TYR B 301 27.31 -15.60 -15.20
CA TYR B 301 27.30 -15.16 -13.82
C TYR B 301 27.86 -13.73 -13.91
N PRO B 302 27.10 -12.71 -13.48
CA PRO B 302 27.51 -11.32 -13.71
C PRO B 302 28.70 -10.74 -12.93
N LEU B 303 28.97 -11.30 -11.75
CA LEU B 303 29.97 -10.79 -10.86
C LEU B 303 31.38 -11.25 -11.22
N PRO B 304 32.41 -10.45 -10.91
CA PRO B 304 33.78 -10.86 -11.25
C PRO B 304 34.28 -12.03 -10.39
N LYS B 305 33.64 -12.25 -9.21
CA LYS B 305 34.05 -13.32 -8.32
C LYS B 305 32.89 -13.97 -7.53
N GLN B 306 33.15 -15.16 -6.98
CA GLN B 306 32.19 -15.87 -6.14
C GLN B 306 32.95 -16.40 -4.96
N ASP B 307 32.60 -16.00 -3.72
CA ASP B 307 33.26 -16.53 -2.54
C ASP B 307 32.33 -17.46 -1.78
N LEU B 308 32.88 -18.50 -1.17
CA LEU B 308 32.17 -19.45 -0.32
C LEU B 308 32.87 -19.40 1.03
N ALA B 309 32.23 -18.84 2.04
CA ALA B 309 32.86 -18.67 3.36
C ALA B 309 32.26 -19.62 4.40
N ALA B 310 33.13 -20.34 5.13
CA ALA B 310 32.70 -21.29 6.18
C ALA B 310 32.73 -20.57 7.53
N ILE B 311 31.55 -20.26 8.09
CA ILE B 311 31.45 -19.49 9.32
C ILE B 311 31.41 -20.40 10.54
N PRO B 312 32.25 -20.15 11.56
CA PRO B 312 32.21 -21.00 12.76
C PRO B 312 30.87 -21.03 13.51
N ASP B 313 30.03 -20.00 13.35
CA ASP B 313 28.70 -19.98 13.97
C ASP B 313 27.70 -19.62 12.89
N PHE B 314 26.76 -20.51 12.61
CA PHE B 314 25.80 -20.27 11.53
C PHE B 314 24.52 -21.02 11.82
N GLN B 315 23.37 -20.34 11.82
CA GLN B 315 22.09 -20.96 12.19
C GLN B 315 21.56 -21.98 11.20
N SER B 316 21.37 -21.62 9.93
CA SER B 316 20.82 -22.58 8.96
C SER B 316 22.01 -23.35 8.30
N GLY B 317 21.82 -23.96 7.13
CA GLY B 317 22.90 -24.69 6.48
C GLY B 317 23.83 -23.75 5.74
N ALA B 318 23.22 -22.81 4.97
CA ALA B 318 23.97 -21.88 4.14
C ALA B 318 23.08 -20.68 3.66
N MET B 319 23.68 -19.66 3.04
CA MET B 319 22.96 -18.49 2.57
C MET B 319 23.56 -18.03 1.25
N GLU B 320 22.72 -17.63 0.29
CA GLU B 320 23.14 -17.32 -1.07
C GLU B 320 23.56 -15.87 -1.32
N ASN B 321 24.05 -15.08 -0.31
CA ASN B 321 24.47 -13.67 -0.57
C ASN B 321 25.26 -13.55 -1.86
N TRP B 322 24.82 -12.66 -2.75
CA TRP B 322 25.39 -12.56 -4.08
C TRP B 322 26.89 -12.29 -4.09
N GLY B 323 27.68 -13.22 -4.61
CA GLY B 323 29.14 -13.07 -4.61
C GLY B 323 29.81 -13.46 -3.29
N LEU B 324 29.03 -13.76 -2.24
CA LEU B 324 29.58 -14.13 -0.94
C LEU B 324 28.65 -15.12 -0.25
N THR B 325 28.64 -16.37 -0.74
CA THR B 325 27.78 -17.40 -0.13
C THR B 325 28.42 -17.82 1.18
N THR B 326 27.60 -18.05 2.20
CA THR B 326 28.07 -18.40 3.53
C THR B 326 27.49 -19.71 3.95
N TYR B 327 28.21 -20.44 4.80
CA TYR B 327 27.85 -21.81 5.15
C TYR B 327 28.26 -22.14 6.56
N ARG B 328 27.62 -23.15 7.13
CA ARG B 328 28.12 -23.79 8.35
C ARG B 328 29.43 -24.50 7.92
N GLU B 329 30.40 -24.64 8.82
CA GLU B 329 31.64 -25.38 8.47
C GLU B 329 31.32 -26.80 8.02
N SER B 330 30.30 -27.45 8.65
CA SER B 330 29.86 -28.81 8.29
C SER B 330 29.26 -28.92 6.89
N ALA B 331 28.74 -27.82 6.34
CA ALA B 331 28.14 -27.83 5.01
C ALA B 331 29.13 -27.46 3.90
N LEU B 332 30.41 -27.20 4.24
CA LEU B 332 31.37 -26.79 3.21
C LEU B 332 32.70 -27.54 3.29
N LEU B 333 33.18 -27.79 4.52
CA LEU B 333 34.52 -28.32 4.70
C LEU B 333 34.60 -29.84 4.68
N PHE B 334 35.53 -30.37 3.87
CA PHE B 334 35.70 -31.78 3.64
C PHE B 334 37.08 -32.27 4.01
N ASP B 335 37.15 -33.23 4.95
CA ASP B 335 38.40 -33.85 5.40
C ASP B 335 38.45 -35.22 4.72
N ALA B 336 39.35 -35.39 3.74
CA ALA B 336 39.47 -36.64 2.97
C ALA B 336 39.64 -37.90 3.82
N GLU B 337 40.08 -37.77 5.07
CA GLU B 337 40.28 -38.93 5.93
C GLU B 337 39.16 -39.17 6.92
N LYS B 338 38.42 -38.13 7.31
CA LYS B 338 37.39 -38.29 8.34
C LYS B 338 35.96 -37.98 7.92
N SER B 339 35.73 -37.32 6.78
CA SER B 339 34.37 -36.96 6.37
C SER B 339 33.57 -38.13 5.82
N SER B 340 32.29 -38.14 6.17
CA SER B 340 31.36 -39.17 5.76
C SER B 340 30.91 -38.99 4.32
N ALA B 341 30.39 -40.05 3.72
CA ALA B 341 29.83 -39.99 2.39
C ALA B 341 28.58 -39.07 2.40
N SER B 342 27.80 -39.06 3.50
CA SER B 342 26.63 -38.16 3.55
C SER B 342 27.08 -36.69 3.62
N SER B 343 28.20 -36.42 4.30
CA SER B 343 28.78 -35.08 4.39
C SER B 343 29.25 -34.61 3.01
N LYS B 344 29.95 -35.49 2.26
CA LYS B 344 30.45 -35.17 0.92
C LYS B 344 29.28 -34.83 -0.01
N LEU B 345 28.18 -35.60 0.10
CA LEU B 345 26.96 -35.39 -0.68
C LEU B 345 26.30 -34.07 -0.26
N GLY B 346 26.20 -33.84 1.07
CA GLY B 346 25.64 -32.64 1.67
C GLY B 346 26.36 -31.38 1.26
N ILE B 347 27.71 -31.42 1.19
CA ILE B 347 28.52 -30.28 0.73
C ILE B 347 28.17 -30.02 -0.73
N THR B 348 28.20 -31.07 -1.56
CA THR B 348 27.93 -30.91 -3.00
C THR B 348 26.55 -30.32 -3.25
N MET B 349 25.55 -30.80 -2.53
CA MET B 349 24.17 -30.35 -2.71
C MET B 349 23.96 -28.93 -2.18
N THR B 350 24.62 -28.60 -1.06
CA THR B 350 24.48 -27.27 -0.48
C THR B 350 25.16 -26.24 -1.40
N VAL B 351 26.33 -26.57 -1.97
CA VAL B 351 27.01 -25.67 -2.91
C VAL B 351 26.14 -25.50 -4.16
N ALA B 352 25.55 -26.61 -4.67
CA ALA B 352 24.65 -26.56 -5.83
C ALA B 352 23.42 -25.67 -5.56
N HIS B 353 22.87 -25.76 -4.34
CA HIS B 353 21.70 -24.99 -3.90
C HIS B 353 22.03 -23.47 -3.87
N GLU B 354 23.10 -23.07 -3.19
CA GLU B 354 23.44 -21.63 -3.08
C GLU B 354 23.84 -21.04 -4.44
N LEU B 355 24.50 -21.84 -5.27
CA LEU B 355 24.90 -21.37 -6.58
C LEU B 355 23.70 -21.24 -7.50
N ALA B 356 22.68 -22.12 -7.38
CA ALA B 356 21.46 -21.98 -8.18
C ALA B 356 20.77 -20.64 -7.90
N HIS B 357 20.81 -20.21 -6.61
CA HIS B 357 20.21 -18.96 -6.15
C HIS B 357 20.89 -17.73 -6.79
N GLN B 358 22.15 -17.84 -7.27
CA GLN B 358 22.77 -16.69 -7.96
C GLN B 358 21.90 -16.28 -9.19
N TRP B 359 21.10 -17.22 -9.74
CA TRP B 359 20.17 -16.92 -10.81
C TRP B 359 18.74 -16.89 -10.21
N PHE B 360 18.31 -18.00 -9.62
CA PHE B 360 17.01 -18.16 -8.99
C PHE B 360 16.98 -17.59 -7.59
N GLY B 361 16.79 -16.30 -7.50
CA GLY B 361 16.70 -15.63 -6.20
C GLY B 361 17.40 -14.29 -6.19
N ASN B 362 18.63 -14.24 -6.73
CA ASN B 362 19.43 -13.03 -6.70
C ASN B 362 19.22 -12.23 -8.01
N LEU B 363 19.37 -12.89 -9.14
CA LEU B 363 19.17 -12.25 -10.45
C LEU B 363 17.68 -11.98 -10.64
N VAL B 364 16.84 -12.98 -10.39
CA VAL B 364 15.39 -12.81 -10.45
C VAL B 364 14.92 -13.12 -9.03
N THR B 365 14.24 -12.20 -8.38
CA THR B 365 13.90 -12.36 -6.94
C THR B 365 12.39 -12.33 -6.79
N MET B 366 11.82 -13.09 -5.83
CA MET B 366 10.37 -12.99 -5.59
C MET B 366 10.01 -11.56 -5.15
N GLU B 367 8.87 -11.04 -5.59
CA GLU B 367 8.42 -9.70 -5.22
C GLU B 367 8.15 -9.60 -3.73
N TRP B 368 7.60 -10.66 -3.13
CA TRP B 368 7.32 -10.67 -1.68
C TRP B 368 7.46 -12.07 -1.12
N TRP B 369 7.63 -12.19 0.21
CA TRP B 369 7.87 -13.45 0.92
C TRP B 369 6.75 -14.49 0.80
N ASN B 370 5.56 -14.07 0.31
CA ASN B 370 4.48 -15.03 0.02
C ASN B 370 4.90 -16.02 -1.07
N ASP B 371 5.85 -15.61 -1.96
CA ASP B 371 6.39 -16.42 -3.05
C ASP B 371 7.82 -16.85 -2.83
N LEU B 372 8.23 -17.01 -1.56
CA LEU B 372 9.56 -17.47 -1.21
C LEU B 372 9.96 -18.79 -1.95
N TRP B 373 8.95 -19.62 -2.32
CA TRP B 373 9.20 -20.87 -3.06
C TRP B 373 9.82 -20.65 -4.47
N LEU B 374 9.58 -19.49 -5.08
CA LEU B 374 10.22 -19.16 -6.36
C LEU B 374 11.77 -19.12 -6.22
N ASN B 375 12.26 -18.87 -4.98
CA ASN B 375 13.68 -18.95 -4.72
C ASN B 375 13.96 -20.39 -4.23
N GLU B 376 13.34 -20.80 -3.10
CA GLU B 376 13.69 -22.02 -2.37
C GLU B 376 13.32 -23.35 -3.04
N GLY B 377 12.11 -23.47 -3.58
CA GLY B 377 11.67 -24.66 -4.29
C GLY B 377 12.53 -24.91 -5.52
N PHE B 378 12.82 -23.82 -6.26
CA PHE B 378 13.69 -23.91 -7.43
C PHE B 378 15.11 -24.24 -7.05
N ALA B 379 15.70 -23.54 -6.05
CA ALA B 379 17.08 -23.86 -5.66
C ALA B 379 17.19 -25.31 -5.15
N LYS B 380 16.15 -25.81 -4.46
CA LYS B 380 16.15 -27.19 -3.97
C LYS B 380 16.10 -28.16 -5.14
N PHE B 381 15.23 -27.88 -6.14
CA PHE B 381 15.08 -28.69 -7.35
C PHE B 381 16.35 -28.68 -8.20
N MET B 382 17.00 -27.50 -8.35
CA MET B 382 18.22 -27.36 -9.14
C MET B 382 19.40 -28.13 -8.57
N GLU B 383 19.40 -28.47 -7.26
CA GLU B 383 20.50 -29.26 -6.69
C GLU B 383 20.59 -30.61 -7.43
N PHE B 384 19.44 -31.21 -7.72
CA PHE B 384 19.34 -32.49 -8.38
C PHE B 384 19.62 -32.38 -9.84
N VAL B 385 19.07 -31.34 -10.52
CA VAL B 385 19.30 -31.12 -11.95
C VAL B 385 20.78 -30.95 -12.23
N SER B 386 21.47 -30.18 -11.39
CA SER B 386 22.89 -29.92 -11.61
C SER B 386 23.79 -31.05 -11.18
N VAL B 387 23.62 -31.57 -9.94
CA VAL B 387 24.54 -32.58 -9.42
C VAL B 387 24.41 -33.90 -10.20
N SER B 388 23.23 -34.20 -10.80
CA SER B 388 23.07 -35.41 -11.63
CA SER B 388 23.09 -35.41 -11.61
C SER B 388 24.01 -35.36 -12.83
N VAL B 389 24.31 -34.15 -13.35
CA VAL B 389 25.20 -33.94 -14.49
C VAL B 389 26.65 -33.76 -14.02
N THR B 390 26.88 -32.85 -13.05
CA THR B 390 28.24 -32.53 -12.59
C THR B 390 28.94 -33.65 -11.78
N HIS B 391 28.19 -34.36 -10.95
CA HIS B 391 28.77 -35.43 -10.13
C HIS B 391 27.89 -36.68 -10.30
N PRO B 392 27.92 -37.31 -11.50
CA PRO B 392 27.03 -38.46 -11.74
C PRO B 392 27.28 -39.63 -10.81
N GLU B 393 28.53 -39.80 -10.36
CA GLU B 393 28.90 -40.87 -9.45
C GLU B 393 28.09 -40.87 -8.14
N LEU B 394 27.51 -39.70 -7.76
CA LEU B 394 26.73 -39.57 -6.53
C LEU B 394 25.32 -40.16 -6.63
N LYS B 395 24.80 -40.30 -7.87
CA LYS B 395 23.44 -40.81 -8.14
C LYS B 395 22.39 -40.12 -7.26
N VAL B 396 22.40 -38.77 -7.25
CA VAL B 396 21.46 -37.99 -6.43
C VAL B 396 19.99 -38.18 -6.81
N GLY B 397 19.71 -38.68 -8.01
CA GLY B 397 18.37 -38.93 -8.50
C GLY B 397 17.53 -39.88 -7.67
N ASP B 398 18.15 -40.55 -6.68
CA ASP B 398 17.45 -41.45 -5.79
C ASP B 398 16.89 -40.65 -4.60
N TYR B 399 17.77 -39.93 -3.87
CA TYR B 399 17.49 -39.19 -2.63
C TYR B 399 16.55 -38.00 -2.76
N PHE B 400 16.09 -37.67 -3.98
CA PHE B 400 15.21 -36.52 -4.15
C PHE B 400 13.87 -36.76 -3.48
N PHE B 401 13.23 -37.86 -3.85
CA PHE B 401 11.90 -38.28 -3.44
C PHE B 401 11.73 -38.51 -1.96
N GLY B 402 12.80 -38.73 -1.23
CA GLY B 402 12.72 -38.89 0.22
C GLY B 402 12.24 -37.61 0.89
N LYS B 403 12.55 -36.45 0.30
CA LYS B 403 12.13 -35.17 0.85
C LYS B 403 10.64 -34.90 0.52
N CYS B 404 10.13 -35.46 -0.59
CA CYS B 404 8.71 -35.34 -0.94
C CYS B 404 7.87 -36.08 0.12
N PHE B 405 8.34 -37.26 0.57
CA PHE B 405 7.66 -38.05 1.59
C PHE B 405 7.63 -37.35 2.95
N ASP B 406 8.71 -36.62 3.28
CA ASP B 406 8.79 -35.80 4.50
C ASP B 406 7.81 -34.66 4.36
N ALA B 407 7.77 -34.01 3.18
CA ALA B 407 6.83 -32.91 2.95
C ALA B 407 5.37 -33.38 3.12
N MET B 408 5.02 -34.60 2.64
CA MET B 408 3.66 -35.15 2.79
C MET B 408 3.26 -35.44 4.22
N GLU B 409 4.22 -35.74 5.08
CA GLU B 409 3.93 -36.01 6.50
C GLU B 409 3.29 -34.75 7.14
N VAL B 410 3.88 -33.57 6.92
CA VAL B 410 3.31 -32.33 7.43
C VAL B 410 2.14 -31.81 6.55
N ASP B 411 2.24 -32.02 5.21
CA ASP B 411 1.21 -31.57 4.27
C ASP B 411 -0.12 -32.30 4.42
N ALA B 412 -0.14 -33.48 5.06
CA ALA B 412 -1.39 -34.20 5.33
C ALA B 412 -2.16 -33.60 6.50
N LEU B 413 -1.53 -32.73 7.31
CA LEU B 413 -2.22 -32.13 8.46
C LEU B 413 -3.02 -30.89 8.05
N GLN B 414 -4.05 -30.57 8.83
CA GLN B 414 -4.87 -29.37 8.68
C GLN B 414 -4.06 -28.08 8.81
N SER B 415 -3.02 -28.12 9.65
CA SER B 415 -2.13 -26.99 9.90
C SER B 415 -1.11 -26.76 8.80
N SER B 416 -1.21 -27.48 7.65
CA SER B 416 -0.29 -27.21 6.55
C SER B 416 -0.72 -25.88 5.87
N HIS B 417 0.09 -25.37 4.95
CA HIS B 417 -0.27 -24.15 4.22
C HIS B 417 0.06 -24.33 2.75
N PRO B 418 -0.63 -23.59 1.86
CA PRO B 418 -0.29 -23.68 0.44
C PRO B 418 1.13 -23.22 0.15
N VAL B 419 1.72 -23.64 -0.97
CA VAL B 419 3.07 -23.25 -1.40
C VAL B 419 3.18 -21.71 -1.45
N SER B 420 2.14 -21.06 -1.97
CA SER B 420 2.10 -19.60 -2.04
C SER B 420 0.99 -19.17 -1.09
N THR B 421 1.35 -18.45 0.00
CA THR B 421 0.39 -18.05 1.03
C THR B 421 0.77 -16.66 1.65
N PRO B 422 -0.21 -15.85 2.11
CA PRO B 422 0.14 -14.51 2.63
C PRO B 422 0.88 -14.46 3.95
N VAL B 423 1.88 -13.59 4.01
CA VAL B 423 2.69 -13.33 5.19
C VAL B 423 2.93 -11.81 5.26
N GLU B 424 3.08 -11.30 6.47
CA GLU B 424 3.27 -9.89 6.70
C GLU B 424 4.46 -9.58 7.64
N ASN B 425 4.49 -10.14 8.87
CA ASN B 425 5.55 -9.78 9.82
C ASN B 425 6.76 -10.76 9.78
N PRO B 426 7.93 -10.33 10.31
CA PRO B 426 9.13 -11.17 10.24
C PRO B 426 8.97 -12.63 10.69
N ALA B 427 8.23 -12.88 11.78
CA ALA B 427 8.04 -14.26 12.28
C ALA B 427 7.30 -15.14 11.27
N GLN B 428 6.24 -14.60 10.63
CA GLN B 428 5.48 -15.33 9.61
C GLN B 428 6.34 -15.57 8.35
N ILE B 429 7.18 -14.59 8.01
CA ILE B 429 8.06 -14.71 6.85
C ILE B 429 9.09 -15.80 7.10
N ARG B 430 9.66 -15.86 8.31
CA ARG B 430 10.62 -16.91 8.67
C ARG B 430 9.97 -18.30 8.57
N GLU B 431 8.69 -18.39 8.94
CA GLU B 431 7.92 -19.63 8.84
C GLU B 431 7.81 -20.17 7.42
N MET B 432 8.06 -19.33 6.40
CA MET B 432 8.07 -19.76 5.00
C MET B 432 9.33 -20.56 4.63
N PHE B 433 10.39 -20.51 5.47
CA PHE B 433 11.62 -21.28 5.18
C PHE B 433 11.37 -22.68 5.76
N ASP B 434 10.53 -23.47 5.10
CA ASP B 434 10.12 -24.77 5.62
C ASP B 434 10.02 -25.86 4.54
N ASP B 435 9.61 -27.11 4.92
CA ASP B 435 9.47 -28.24 4.00
C ASP B 435 8.44 -28.02 2.88
N VAL B 436 7.53 -27.06 3.04
CA VAL B 436 6.60 -26.75 1.96
C VAL B 436 7.33 -25.95 0.88
N SER B 437 8.01 -24.85 1.26
CA SER B 437 8.65 -23.97 0.27
C SER B 437 9.81 -24.67 -0.41
N TYR B 438 10.58 -25.46 0.35
CA TYR B 438 11.75 -26.13 -0.19
C TYR B 438 11.37 -27.44 -0.87
N ASP B 439 10.80 -28.37 -0.08
CA ASP B 439 10.60 -29.73 -0.52
C ASP B 439 9.36 -29.91 -1.35
N LYS B 440 8.17 -29.45 -0.88
CA LYS B 440 6.97 -29.56 -1.74
C LYS B 440 7.15 -28.70 -3.00
N GLY B 441 7.82 -27.55 -2.86
CA GLY B 441 8.14 -26.66 -3.96
C GLY B 441 8.94 -27.38 -5.03
N ALA B 442 10.00 -28.07 -4.62
CA ALA B 442 10.85 -28.81 -5.54
C ALA B 442 10.10 -30.01 -6.15
N CYS B 443 9.29 -30.67 -5.35
CA CYS B 443 8.53 -31.84 -5.79
C CYS B 443 7.48 -31.50 -6.84
N ILE B 444 6.75 -30.37 -6.69
CA ILE B 444 5.78 -29.99 -7.70
C ILE B 444 6.49 -29.49 -8.97
N LEU B 445 7.72 -28.93 -8.84
CA LEU B 445 8.51 -28.53 -9.99
C LEU B 445 9.00 -29.77 -10.73
N ASN B 446 9.39 -30.84 -10.01
CA ASN B 446 9.80 -32.09 -10.64
C ASN B 446 8.59 -32.71 -11.39
N MET B 447 7.40 -32.66 -10.79
CA MET B 447 6.17 -33.17 -11.37
C MET B 447 5.84 -32.36 -12.64
N LEU B 448 6.01 -31.05 -12.60
CA LEU B 448 5.77 -30.17 -13.74
C LEU B 448 6.75 -30.45 -14.85
N ARG B 449 8.04 -30.62 -14.51
CA ARG B 449 9.09 -30.89 -15.48
C ARG B 449 8.84 -32.21 -16.20
N GLU B 450 8.41 -33.26 -15.48
CA GLU B 450 8.12 -34.55 -16.14
C GLU B 450 6.90 -34.40 -17.08
N TYR B 451 5.90 -33.63 -16.66
CA TYR B 451 4.69 -33.37 -17.43
C TYR B 451 4.97 -32.55 -18.71
N LEU B 452 5.66 -31.41 -18.60
CA LEU B 452 5.97 -30.57 -19.78
C LEU B 452 7.08 -31.16 -20.65
N SER B 453 7.99 -31.93 -20.04
CA SER B 453 9.23 -32.53 -20.55
C SER B 453 10.41 -31.63 -20.16
N ALA B 454 11.58 -32.23 -19.95
CA ALA B 454 12.77 -31.52 -19.53
C ALA B 454 13.14 -30.34 -20.43
N ASP B 455 13.14 -30.54 -21.76
CA ASP B 455 13.50 -29.50 -22.71
C ASP B 455 12.53 -28.34 -22.69
N ALA B 456 11.22 -28.61 -22.57
CA ALA B 456 10.22 -27.55 -22.53
C ALA B 456 10.30 -26.79 -21.22
N PHE B 457 10.51 -27.51 -20.11
CA PHE B 457 10.65 -26.90 -18.79
C PHE B 457 11.88 -25.97 -18.77
N LYS B 458 13.02 -26.44 -19.31
CA LYS B 458 14.27 -25.67 -19.40
C LYS B 458 14.07 -24.40 -20.23
N SER B 459 13.35 -24.50 -21.36
CA SER B 459 13.09 -23.33 -22.20
C SER B 459 12.28 -22.28 -21.44
N GLY B 460 11.31 -22.71 -20.65
CA GLY B 460 10.49 -21.83 -19.84
C GLY B 460 11.30 -21.14 -18.76
N ILE B 461 12.21 -21.87 -18.06
CA ILE B 461 13.03 -21.24 -17.01
C ILE B 461 14.04 -20.23 -17.61
N VAL B 462 14.63 -20.52 -18.76
CA VAL B 462 15.55 -19.59 -19.40
C VAL B 462 14.81 -18.30 -19.81
N GLN B 463 13.60 -18.44 -20.40
CA GLN B 463 12.81 -17.27 -20.81
C GLN B 463 12.45 -16.42 -19.59
N TYR B 464 12.07 -17.09 -18.50
CA TYR B 464 11.69 -16.42 -17.25
C TYR B 464 12.88 -15.62 -16.67
N LEU B 465 14.06 -16.25 -16.59
CA LEU B 465 15.26 -15.63 -16.05
C LEU B 465 15.68 -14.44 -16.91
N GLN B 466 15.66 -14.60 -18.24
CA GLN B 466 16.04 -13.53 -19.16
C GLN B 466 15.11 -12.35 -19.11
N LYS B 467 13.81 -12.61 -19.10
CA LYS B 467 12.80 -11.55 -19.05
C LYS B 467 12.83 -10.75 -17.76
N HIS B 468 12.96 -11.44 -16.61
CA HIS B 468 12.87 -10.76 -15.33
C HIS B 468 14.20 -10.49 -14.66
N SER B 469 15.32 -10.55 -15.40
CA SER B 469 16.65 -10.29 -14.84
C SER B 469 16.72 -8.91 -14.16
N TYR B 470 17.29 -8.86 -12.95
CA TYR B 470 17.44 -7.65 -12.13
C TYR B 470 16.10 -7.05 -11.68
N LYS B 471 15.04 -7.85 -11.70
CA LYS B 471 13.70 -7.42 -11.32
C LYS B 471 13.04 -8.45 -10.37
N ASN B 472 11.74 -8.27 -10.07
CA ASN B 472 11.04 -9.15 -9.15
C ASN B 472 9.84 -9.83 -9.81
N THR B 473 9.54 -11.06 -9.37
CA THR B 473 8.46 -11.89 -9.92
C THR B 473 7.46 -12.41 -8.88
N LYS B 474 6.27 -12.78 -9.37
CA LYS B 474 5.21 -13.42 -8.62
C LYS B 474 5.05 -14.84 -9.22
N ASN B 475 4.35 -15.71 -8.50
CA ASN B 475 4.03 -17.09 -8.84
C ASN B 475 3.46 -17.15 -10.28
N GLU B 476 2.58 -16.19 -10.62
CA GLU B 476 1.95 -16.09 -11.93
C GLU B 476 2.94 -15.93 -13.07
N ASP B 477 4.01 -15.15 -12.85
CA ASP B 477 5.03 -14.89 -13.87
C ASP B 477 5.72 -16.14 -14.36
N LEU B 478 6.01 -17.05 -13.44
CA LEU B 478 6.64 -18.31 -13.77
C LEU B 478 5.71 -19.15 -14.64
N TRP B 479 4.42 -19.20 -14.27
CA TRP B 479 3.45 -19.96 -15.04
C TRP B 479 3.24 -19.38 -16.43
N ASP B 480 3.26 -18.04 -16.57
CA ASP B 480 3.15 -17.42 -17.89
C ASP B 480 4.38 -17.78 -18.76
N SER B 481 5.57 -17.83 -18.15
CA SER B 481 6.79 -18.19 -18.86
C SER B 481 6.76 -19.65 -19.33
N MET B 482 6.31 -20.59 -18.47
CA MET B 482 6.23 -22.01 -18.85
C MET B 482 5.16 -22.24 -19.94
N ALA B 483 4.05 -21.51 -19.88
CA ALA B 483 2.99 -21.64 -20.87
C ALA B 483 3.33 -21.00 -22.22
N SER B 484 4.22 -20.01 -22.23
CA SER B 484 4.61 -19.32 -23.47
C SER B 484 5.47 -20.17 -24.41
N ILE B 485 5.89 -21.38 -23.99
CA ILE B 485 6.73 -22.22 -24.85
C ILE B 485 5.90 -22.96 -25.91
N ASP B 491 -3.20 -23.52 -19.61
CA ASP B 491 -2.88 -24.91 -19.26
C ASP B 491 -2.06 -24.99 -17.96
N VAL B 492 -0.80 -24.50 -17.99
CA VAL B 492 0.12 -24.54 -16.86
C VAL B 492 -0.41 -23.80 -15.64
N LYS B 493 -0.90 -22.57 -15.84
CA LYS B 493 -1.40 -21.76 -14.74
C LYS B 493 -2.54 -22.41 -13.98
N THR B 494 -3.58 -22.91 -14.68
CA THR B 494 -4.70 -23.56 -13.99
C THR B 494 -4.24 -24.80 -13.21
N MET B 495 -3.39 -25.61 -13.82
CA MET B 495 -2.87 -26.81 -13.16
C MET B 495 -2.01 -26.47 -11.93
N MET B 496 -1.03 -25.59 -12.11
CA MET B 496 -0.12 -25.25 -11.01
C MET B 496 -0.79 -24.42 -9.92
N ASN B 497 -1.92 -23.73 -10.21
CA ASN B 497 -2.65 -23.04 -9.13
C ASN B 497 -3.25 -24.06 -8.17
N THR B 498 -3.66 -25.25 -8.68
CA THR B 498 -4.18 -26.28 -7.77
C THR B 498 -3.06 -26.78 -6.86
N TRP B 499 -1.80 -26.78 -7.32
CA TRP B 499 -0.67 -27.27 -6.51
C TRP B 499 0.00 -26.21 -5.64
N THR B 500 -0.23 -24.92 -5.94
CA THR B 500 0.42 -23.84 -5.20
C THR B 500 -0.52 -23.01 -4.35
N LEU B 501 -1.81 -22.91 -4.72
CA LEU B 501 -2.73 -22.06 -3.96
C LEU B 501 -3.64 -22.81 -2.98
N GLN B 502 -3.54 -24.13 -2.92
CA GLN B 502 -4.28 -24.90 -1.95
C GLN B 502 -3.36 -25.87 -1.27
N LYS B 503 -3.62 -26.14 0.01
CA LYS B 503 -2.77 -27.03 0.79
C LYS B 503 -3.02 -28.51 0.49
N GLY B 504 -2.09 -29.34 0.94
CA GLY B 504 -2.25 -30.77 0.83
C GLY B 504 -2.04 -31.41 -0.52
N PHE B 505 -2.44 -32.66 -0.62
CA PHE B 505 -2.30 -33.45 -1.83
C PHE B 505 -3.41 -34.50 -1.90
N PRO B 506 -3.70 -34.99 -3.13
CA PRO B 506 -4.72 -36.02 -3.26
C PRO B 506 -4.27 -37.47 -3.06
N LEU B 507 -5.24 -38.26 -2.64
CA LEU B 507 -5.15 -39.70 -2.59
C LEU B 507 -5.84 -40.11 -3.92
N ILE B 508 -5.14 -40.90 -4.73
CA ILE B 508 -5.71 -41.41 -5.98
C ILE B 508 -6.10 -42.87 -5.72
N THR B 509 -7.37 -43.23 -5.91
CA THR B 509 -7.82 -44.59 -5.71
C THR B 509 -8.03 -45.25 -7.10
N ILE B 510 -7.43 -46.39 -7.29
CA ILE B 510 -7.46 -47.14 -8.54
C ILE B 510 -8.29 -48.40 -8.35
N THR B 511 -9.24 -48.65 -9.24
CA THR B 511 -10.07 -49.84 -9.19
C THR B 511 -10.01 -50.44 -10.58
N VAL B 512 -9.46 -51.64 -10.72
CA VAL B 512 -9.31 -52.30 -12.03
C VAL B 512 -10.34 -53.41 -12.23
N ARG B 513 -11.07 -53.38 -13.35
CA ARG B 513 -12.06 -54.40 -13.71
C ARG B 513 -11.72 -54.81 -15.12
N GLY B 514 -10.89 -55.84 -15.28
CA GLY B 514 -10.47 -56.32 -16.59
C GLY B 514 -9.56 -55.28 -17.23
N ARG B 515 -9.97 -54.72 -18.38
CA ARG B 515 -9.21 -53.64 -19.00
C ARG B 515 -9.61 -52.25 -18.48
N ASN B 516 -10.66 -52.15 -17.66
CA ASN B 516 -11.17 -50.88 -17.20
C ASN B 516 -10.46 -50.39 -15.94
N VAL B 517 -9.82 -49.21 -16.02
CA VAL B 517 -9.08 -48.66 -14.88
C VAL B 517 -9.76 -47.42 -14.40
N HIS B 518 -10.45 -47.52 -13.27
CA HIS B 518 -11.22 -46.42 -12.73
C HIS B 518 -10.35 -45.62 -11.77
N MET B 519 -10.38 -44.29 -11.87
CA MET B 519 -9.56 -43.43 -11.00
C MET B 519 -10.46 -42.47 -10.24
N LYS B 520 -10.08 -42.16 -9.01
CA LYS B 520 -10.79 -41.16 -8.22
C LYS B 520 -9.74 -40.36 -7.43
N GLN B 521 -9.97 -39.06 -7.24
CA GLN B 521 -9.09 -38.28 -6.36
C GLN B 521 -9.90 -37.72 -5.19
N GLU B 522 -9.25 -37.59 -4.04
CA GLU B 522 -9.83 -36.99 -2.86
C GLU B 522 -8.67 -36.45 -2.03
N HIS B 523 -8.87 -35.32 -1.39
CA HIS B 523 -7.86 -34.70 -0.52
C HIS B 523 -7.46 -35.70 0.60
N TYR B 524 -6.18 -36.03 0.71
CA TYR B 524 -5.71 -36.94 1.76
C TYR B 524 -5.56 -36.08 3.05
N MET B 525 -6.41 -36.32 4.06
CA MET B 525 -6.40 -35.55 5.32
C MET B 525 -6.43 -36.47 6.52
N LYS B 526 -5.49 -36.30 7.46
CA LYS B 526 -5.51 -37.13 8.67
C LYS B 526 -6.59 -36.64 9.64
N GLY B 527 -7.24 -37.59 10.32
CA GLY B 527 -8.34 -37.37 11.28
C GLY B 527 -8.55 -35.98 11.85
N ASP B 533 -14.95 -31.89 5.29
CA ASP B 533 -14.32 -32.20 4.00
C ASP B 533 -14.15 -30.94 3.13
N THR B 534 -12.89 -30.67 2.75
CA THR B 534 -12.48 -29.52 1.96
C THR B 534 -13.05 -29.52 0.55
N GLY B 535 -13.22 -30.70 -0.03
CA GLY B 535 -13.68 -30.82 -1.41
C GLY B 535 -12.62 -30.44 -2.45
N TYR B 536 -11.35 -30.25 -2.02
CA TYR B 536 -10.28 -29.90 -2.96
C TYR B 536 -10.15 -30.90 -4.10
N LEU B 537 -9.82 -30.37 -5.28
CA LEU B 537 -9.58 -31.07 -6.54
C LEU B 537 -8.28 -30.52 -7.16
N TRP B 538 -7.48 -31.39 -7.75
CA TRP B 538 -6.26 -30.99 -8.42
C TRP B 538 -6.29 -31.40 -9.89
N HIS B 539 -5.38 -30.81 -10.69
CA HIS B 539 -5.11 -31.23 -12.04
C HIS B 539 -3.94 -32.20 -11.84
N VAL B 540 -4.22 -33.49 -11.75
CA VAL B 540 -3.19 -34.48 -11.42
C VAL B 540 -2.58 -35.12 -12.65
N PRO B 541 -1.29 -34.87 -12.92
CA PRO B 541 -0.64 -35.55 -14.04
C PRO B 541 -0.26 -36.97 -13.67
N LEU B 542 -1.20 -37.93 -13.84
CA LEU B 542 -0.97 -39.31 -13.43
C LEU B 542 -0.03 -40.00 -14.37
N THR B 543 0.73 -40.97 -13.85
CA THR B 543 1.58 -41.80 -14.69
C THR B 543 1.40 -43.26 -14.23
N PHE B 544 1.61 -44.20 -15.15
CA PHE B 544 1.52 -45.61 -14.80
C PHE B 544 2.33 -46.47 -15.75
N ILE B 545 2.73 -47.63 -15.26
CA ILE B 545 3.34 -48.71 -16.02
C ILE B 545 2.51 -49.98 -15.68
N THR B 546 2.65 -51.02 -16.49
CA THR B 546 1.96 -52.29 -16.29
C THR B 546 2.96 -53.45 -16.52
N SER B 547 2.53 -54.70 -16.23
CA SER B 547 3.30 -55.89 -16.50
C SER B 547 3.58 -56.07 -18.01
N LYS B 548 2.74 -55.46 -18.88
CA LYS B 548 2.87 -55.56 -20.32
C LYS B 548 3.64 -54.41 -20.96
N SER B 549 3.86 -53.32 -20.23
CA SER B 549 4.49 -52.12 -20.79
C SER B 549 5.22 -51.27 -19.74
N ASP B 550 6.56 -51.17 -19.84
CA ASP B 550 7.30 -50.27 -18.95
C ASP B 550 7.48 -48.84 -19.54
N MET B 551 6.75 -48.53 -20.64
CA MET B 551 6.66 -47.16 -21.13
C MET B 551 5.78 -46.44 -20.09
N VAL B 552 6.15 -45.22 -19.73
CA VAL B 552 5.38 -44.45 -18.79
C VAL B 552 4.17 -43.90 -19.50
N HIS B 553 2.98 -44.36 -19.14
CA HIS B 553 1.76 -43.85 -19.74
C HIS B 553 1.26 -42.70 -18.90
N ARG B 554 0.60 -41.73 -19.54
CA ARG B 554 0.12 -40.55 -18.82
C ARG B 554 -1.38 -40.41 -18.89
N PHE B 555 -1.96 -39.77 -17.89
CA PHE B 555 -3.38 -39.48 -17.86
C PHE B 555 -3.60 -38.24 -17.00
N LEU B 556 -4.18 -37.18 -17.59
CA LEU B 556 -4.43 -35.97 -16.81
C LEU B 556 -5.79 -36.02 -16.14
N LEU B 557 -5.80 -36.24 -14.81
CA LEU B 557 -7.04 -36.30 -14.06
C LEU B 557 -7.38 -34.92 -13.52
N LYS B 558 -8.45 -34.29 -14.03
CA LYS B 558 -8.88 -32.96 -13.56
C LYS B 558 -10.19 -33.02 -12.76
N THR B 559 -10.92 -34.13 -12.83
CA THR B 559 -12.21 -34.28 -12.17
C THR B 559 -12.09 -35.23 -10.96
N LYS B 560 -13.16 -35.36 -10.17
CA LYS B 560 -13.18 -36.26 -9.02
C LYS B 560 -12.99 -37.70 -9.49
N THR B 561 -13.62 -38.08 -10.62
CA THR B 561 -13.48 -39.44 -11.13
C THR B 561 -13.22 -39.43 -12.64
N ASP B 562 -12.62 -40.49 -13.12
CA ASP B 562 -12.39 -40.70 -14.55
C ASP B 562 -12.10 -42.19 -14.78
N VAL B 563 -11.91 -42.58 -16.02
CA VAL B 563 -11.61 -43.95 -16.36
C VAL B 563 -10.69 -43.96 -17.60
N LEU B 564 -9.87 -44.99 -17.70
CA LEU B 564 -9.07 -45.23 -18.89
C LEU B 564 -9.20 -46.71 -19.22
N ILE B 565 -9.01 -47.06 -20.47
CA ILE B 565 -9.12 -48.45 -20.90
C ILE B 565 -7.74 -48.95 -21.37
N LEU B 566 -7.24 -50.01 -20.76
CA LEU B 566 -5.99 -50.62 -21.18
C LEU B 566 -6.23 -51.30 -22.52
N PRO B 567 -5.23 -51.30 -23.41
CA PRO B 567 -5.42 -51.97 -24.71
C PRO B 567 -5.64 -53.48 -24.55
N GLU B 568 -5.03 -54.06 -23.51
CA GLU B 568 -5.09 -55.49 -23.21
C GLU B 568 -5.01 -55.67 -21.71
N GLU B 569 -5.55 -56.79 -21.19
CA GLU B 569 -5.45 -57.04 -19.74
C GLU B 569 -4.00 -57.24 -19.30
N VAL B 570 -3.73 -56.89 -18.05
CA VAL B 570 -2.40 -57.02 -17.50
C VAL B 570 -2.41 -57.78 -16.17
N GLU B 571 -1.26 -58.24 -15.74
CA GLU B 571 -1.13 -58.93 -14.44
C GLU B 571 -1.06 -57.92 -13.28
N TRP B 572 -0.59 -56.71 -13.55
CA TRP B 572 -0.46 -55.68 -12.55
C TRP B 572 -0.30 -54.32 -13.24
N ILE B 573 -0.66 -53.28 -12.50
CA ILE B 573 -0.53 -51.89 -12.92
C ILE B 573 -0.03 -51.10 -11.69
N LYS B 574 0.85 -50.13 -11.92
CA LYS B 574 1.43 -49.35 -10.83
C LYS B 574 1.45 -47.91 -11.23
N PHE B 575 0.76 -47.03 -10.46
CA PHE B 575 0.68 -45.61 -10.71
C PHE B 575 1.74 -44.83 -9.92
N ASN B 576 2.06 -43.63 -10.40
CA ASN B 576 3.07 -42.72 -9.89
C ASN B 576 4.45 -43.32 -10.11
N VAL B 577 4.85 -43.38 -11.37
CA VAL B 577 6.09 -44.02 -11.80
C VAL B 577 7.32 -43.27 -11.32
N GLY B 578 8.13 -43.98 -10.54
CA GLY B 578 9.32 -43.42 -9.92
C GLY B 578 8.97 -42.32 -8.92
N MET B 579 7.74 -42.37 -8.36
CA MET B 579 7.18 -41.38 -7.44
C MET B 579 7.45 -39.93 -7.87
N ASN B 580 7.35 -39.63 -9.17
CA ASN B 580 7.54 -38.26 -9.68
C ASN B 580 6.34 -37.32 -9.41
N GLY B 581 5.21 -37.86 -8.99
CA GLY B 581 4.01 -37.09 -8.71
C GLY B 581 3.80 -36.85 -7.22
N TYR B 582 3.38 -35.64 -6.87
CA TYR B 582 3.12 -35.29 -5.49
C TYR B 582 1.70 -35.77 -5.08
N TYR B 583 1.52 -37.08 -5.00
CA TYR B 583 0.26 -37.71 -4.64
C TYR B 583 0.52 -39.14 -4.17
N ILE B 584 -0.47 -39.74 -3.50
CA ILE B 584 -0.35 -41.14 -3.09
C ILE B 584 -1.40 -41.99 -3.77
N VAL B 585 -1.15 -43.30 -3.86
CA VAL B 585 -2.05 -44.20 -4.56
C VAL B 585 -2.55 -45.35 -3.69
N HIS B 586 -3.87 -45.60 -3.75
CA HIS B 586 -4.54 -46.71 -3.10
C HIS B 586 -5.12 -47.60 -4.21
N TYR B 587 -5.07 -48.92 -4.02
CA TYR B 587 -5.62 -49.87 -4.99
C TYR B 587 -6.78 -50.60 -4.30
N GLU B 588 -7.96 -50.62 -4.94
CA GLU B 588 -9.13 -51.29 -4.38
C GLU B 588 -9.11 -52.79 -4.65
N ASP B 589 -10.01 -53.53 -3.97
CA ASP B 589 -10.20 -54.97 -4.13
C ASP B 589 -8.90 -55.75 -3.79
N ASP B 590 -8.34 -56.55 -4.71
CA ASP B 590 -7.12 -57.30 -4.45
C ASP B 590 -5.83 -56.61 -4.96
N GLY B 591 -5.91 -55.31 -5.25
CA GLY B 591 -4.79 -54.53 -5.76
C GLY B 591 -3.56 -54.54 -4.87
N TRP B 592 -3.74 -54.33 -3.55
CA TRP B 592 -2.60 -54.38 -2.62
C TRP B 592 -2.07 -55.82 -2.49
N ASP B 593 -2.95 -56.81 -2.54
CA ASP B 593 -2.53 -58.22 -2.54
C ASP B 593 -1.66 -58.54 -3.79
N SER B 594 -2.03 -58.03 -4.97
CA SER B 594 -1.25 -58.26 -6.19
C SER B 594 0.12 -57.57 -6.17
N LEU B 595 0.18 -56.32 -5.67
CA LEU B 595 1.48 -55.65 -5.58
C LEU B 595 2.36 -56.29 -4.50
N THR B 596 1.75 -56.83 -3.44
CA THR B 596 2.49 -57.52 -2.39
C THR B 596 3.08 -58.82 -2.96
N GLY B 597 2.28 -59.56 -3.72
CA GLY B 597 2.71 -60.80 -4.36
C GLY B 597 3.83 -60.55 -5.35
N LEU B 598 3.75 -59.45 -6.09
CA LEU B 598 4.77 -59.04 -7.03
C LEU B 598 6.10 -58.75 -6.34
N LEU B 599 6.06 -58.00 -5.20
CA LEU B 599 7.27 -57.69 -4.41
C LEU B 599 7.87 -58.95 -3.80
N LYS B 600 7.02 -59.91 -3.42
CA LYS B 600 7.51 -61.14 -2.82
C LYS B 600 8.04 -62.16 -3.84
N GLY B 601 7.58 -62.08 -5.08
CA GLY B 601 8.02 -63.02 -6.10
C GLY B 601 9.11 -62.51 -7.04
N THR B 602 8.90 -61.33 -7.63
CA THR B 602 9.83 -60.72 -8.59
C THR B 602 9.92 -59.22 -8.29
N HIS B 603 10.53 -58.86 -7.15
CA HIS B 603 10.59 -57.45 -6.74
C HIS B 603 11.25 -56.55 -7.78
N THR B 604 12.18 -57.08 -8.61
CA THR B 604 12.82 -56.25 -9.63
C THR B 604 11.92 -56.00 -10.87
N ALA B 605 10.64 -56.40 -10.84
CA ALA B 605 9.71 -56.08 -11.95
C ALA B 605 9.44 -54.55 -12.02
N VAL B 606 9.61 -53.83 -10.88
CA VAL B 606 9.49 -52.38 -10.78
C VAL B 606 10.84 -51.84 -10.27
N SER B 607 11.14 -50.57 -10.57
CA SER B 607 12.39 -49.92 -10.15
C SER B 607 12.50 -49.81 -8.61
N SER B 608 13.70 -49.45 -8.11
CA SER B 608 13.91 -49.29 -6.69
C SER B 608 13.06 -48.16 -6.10
N ASN B 609 12.89 -47.06 -6.86
CA ASN B 609 12.06 -45.95 -6.40
C ASN B 609 10.57 -46.34 -6.40
N ASP B 610 10.13 -47.17 -7.36
CA ASP B 610 8.76 -47.68 -7.36
C ASP B 610 8.51 -48.60 -6.15
N ARG B 611 9.53 -49.40 -5.72
CA ARG B 611 9.34 -50.25 -4.53
C ARG B 611 9.23 -49.34 -3.30
N ALA B 612 10.06 -48.30 -3.22
CA ALA B 612 10.03 -47.38 -2.09
C ALA B 612 8.66 -46.66 -2.01
N SER B 613 8.11 -46.29 -3.18
CA SER B 613 6.83 -45.59 -3.23
C SER B 613 5.68 -46.49 -2.74
N LEU B 614 5.74 -47.79 -3.07
CA LEU B 614 4.75 -48.74 -2.59
C LEU B 614 4.82 -48.88 -1.06
N ILE B 615 6.04 -48.99 -0.49
CA ILE B 615 6.28 -49.12 0.95
C ILE B 615 5.67 -47.89 1.68
N ASN B 616 6.04 -46.68 1.23
CA ASN B 616 5.53 -45.47 1.83
C ASN B 616 3.99 -45.38 1.74
N ASN B 617 3.43 -45.55 0.52
CA ASN B 617 1.99 -45.41 0.35
C ASN B 617 1.19 -46.40 1.19
N ALA B 618 1.67 -47.66 1.29
CA ALA B 618 0.99 -48.66 2.09
C ALA B 618 0.83 -48.20 3.54
N PHE B 619 1.93 -47.65 4.13
CA PHE B 619 1.86 -47.24 5.52
C PHE B 619 1.07 -45.94 5.72
N GLN B 620 1.10 -45.01 4.74
CA GLN B 620 0.26 -43.79 4.79
C GLN B 620 -1.25 -44.16 4.76
N LEU B 621 -1.58 -45.24 4.05
CA LEU B 621 -2.96 -45.69 3.92
C LEU B 621 -3.50 -46.33 5.19
N VAL B 622 -2.61 -46.90 6.02
CA VAL B 622 -2.99 -47.43 7.33
C VAL B 622 -3.49 -46.25 8.19
N SER B 623 -2.80 -45.11 8.15
CA SER B 623 -3.18 -43.94 8.95
C SER B 623 -4.60 -43.45 8.67
N ILE B 624 -5.11 -43.62 7.43
CA ILE B 624 -6.47 -43.19 7.12
C ILE B 624 -7.49 -44.33 6.99
N GLY B 625 -7.13 -45.52 7.44
CA GLY B 625 -8.04 -46.66 7.41
C GLY B 625 -8.35 -47.27 6.05
N LYS B 626 -7.50 -47.04 5.03
CA LYS B 626 -7.73 -47.65 3.71
C LYS B 626 -7.07 -49.04 3.60
N LEU B 627 -6.00 -49.25 4.39
CA LEU B 627 -5.28 -50.51 4.40
C LEU B 627 -5.02 -50.91 5.85
N SER B 628 -5.16 -52.19 6.22
CA SER B 628 -4.89 -52.60 7.60
C SER B 628 -3.40 -52.56 7.91
N ILE B 629 -3.03 -52.37 9.19
CA ILE B 629 -1.62 -52.39 9.58
C ILE B 629 -1.02 -53.79 9.28
N GLU B 630 -1.84 -54.86 9.36
CA GLU B 630 -1.36 -56.20 9.04
C GLU B 630 -0.96 -56.33 7.59
N LYS B 631 -1.74 -55.77 6.65
CA LYS B 631 -1.40 -55.88 5.22
C LYS B 631 -0.16 -55.06 4.87
N ALA B 632 0.03 -53.90 5.53
CA ALA B 632 1.20 -53.08 5.28
C ALA B 632 2.44 -53.78 5.84
N LEU B 633 2.33 -54.35 7.06
CA LEU B 633 3.43 -55.12 7.67
C LEU B 633 3.74 -56.37 6.82
N ASP B 634 2.70 -57.06 6.30
CA ASP B 634 2.88 -58.19 5.38
C ASP B 634 3.66 -57.76 4.12
N LEU B 635 3.35 -56.60 3.54
CA LEU B 635 4.08 -56.10 2.38
C LEU B 635 5.56 -55.89 2.71
N SER B 636 5.84 -55.31 3.89
CA SER B 636 7.20 -55.05 4.37
C SER B 636 8.07 -56.29 4.48
N LEU B 637 7.45 -57.49 4.57
CA LEU B 637 8.21 -58.73 4.66
C LEU B 637 9.04 -59.01 3.40
N TYR B 638 8.70 -58.39 2.25
CA TYR B 638 9.50 -58.57 1.04
C TYR B 638 10.93 -58.03 1.24
N LEU B 639 11.14 -57.07 2.18
CA LEU B 639 12.42 -56.43 2.41
C LEU B 639 13.57 -57.40 2.74
N LYS B 640 13.28 -58.64 3.15
CA LYS B 640 14.36 -59.60 3.40
C LYS B 640 15.19 -59.87 2.13
N HIS B 641 14.62 -59.60 0.92
CA HIS B 641 15.30 -59.78 -0.35
C HIS B 641 15.76 -58.44 -0.96
N GLU B 642 15.54 -57.31 -0.30
CA GLU B 642 15.89 -55.99 -0.83
C GLU B 642 17.37 -55.64 -0.62
N THR B 643 17.99 -55.01 -1.64
CA THR B 643 19.39 -54.62 -1.60
C THR B 643 19.63 -53.12 -1.83
N GLU B 644 18.62 -52.38 -2.34
CA GLU B 644 18.82 -51.00 -2.74
C GLU B 644 18.56 -49.97 -1.64
N ILE B 645 19.39 -48.91 -1.59
CA ILE B 645 19.30 -47.91 -0.52
C ILE B 645 17.93 -47.24 -0.37
N MET B 646 17.27 -46.84 -1.47
CA MET B 646 16.00 -46.15 -1.36
C MET B 646 14.89 -47.01 -0.71
N PRO B 647 14.56 -48.21 -1.21
CA PRO B 647 13.51 -49.01 -0.55
C PRO B 647 13.91 -49.51 0.84
N VAL B 648 15.20 -49.86 1.07
CA VAL B 648 15.64 -50.25 2.43
C VAL B 648 15.46 -49.05 3.39
N PHE B 649 15.90 -47.86 2.97
CA PHE B 649 15.74 -46.67 3.80
C PHE B 649 14.26 -46.31 3.97
N GLN B 650 13.41 -46.57 2.95
CA GLN B 650 11.97 -46.30 3.09
C GLN B 650 11.34 -47.25 4.09
N GLY B 651 11.78 -48.51 4.12
CA GLY B 651 11.32 -49.49 5.09
C GLY B 651 11.67 -49.03 6.49
N LEU B 652 12.89 -48.54 6.68
CA LEU B 652 13.30 -47.98 7.98
C LEU B 652 12.46 -46.76 8.34
N ASN B 653 12.21 -45.87 7.36
CA ASN B 653 11.44 -44.63 7.57
C ASN B 653 10.02 -44.90 8.00
N GLU B 654 9.47 -46.02 7.56
CA GLU B 654 8.11 -46.40 7.93
C GLU B 654 8.06 -47.23 9.23
N LEU B 655 9.04 -48.12 9.46
CA LEU B 655 9.01 -49.01 10.62
C LEU B 655 9.57 -48.37 11.89
N ILE B 656 10.71 -47.69 11.77
CA ILE B 656 11.35 -47.08 12.95
C ILE B 656 10.41 -46.17 13.73
N PRO B 657 9.64 -45.26 13.10
CA PRO B 657 8.73 -44.42 13.90
C PRO B 657 7.74 -45.17 14.79
N MET B 658 7.42 -46.42 14.41
CA MET B 658 6.52 -47.24 15.21
C MET B 658 7.10 -47.54 16.56
N TYR B 659 8.38 -47.97 16.62
CA TYR B 659 8.99 -48.26 17.91
C TYR B 659 9.39 -46.99 18.66
N LYS B 660 9.57 -45.85 17.96
CA LYS B 660 9.85 -44.57 18.61
C LYS B 660 8.67 -44.14 19.46
N LEU B 661 7.42 -44.43 19.00
CA LEU B 661 6.24 -44.13 19.82
C LEU B 661 6.23 -45.10 21.01
N MET B 662 6.52 -46.40 20.76
CA MET B 662 6.54 -47.45 21.79
C MET B 662 7.56 -47.14 22.90
N GLU B 663 8.75 -46.60 22.53
CA GLU B 663 9.79 -46.26 23.51
C GLU B 663 9.33 -45.28 24.57
N LYS B 664 8.37 -44.42 24.23
CA LYS B 664 7.87 -43.40 25.16
C LYS B 664 6.63 -43.83 25.93
N ARG B 665 6.25 -45.10 25.85
CA ARG B 665 5.10 -45.65 26.54
C ARG B 665 5.58 -46.83 27.42
N ASP B 666 4.67 -47.42 28.19
CA ASP B 666 4.92 -48.62 28.98
C ASP B 666 4.64 -49.83 28.05
N MET B 667 5.55 -50.08 27.11
CA MET B 667 5.36 -51.07 26.07
C MET B 667 6.64 -51.86 25.78
N ASN B 668 7.46 -52.14 26.80
CA ASN B 668 8.75 -52.81 26.57
C ASN B 668 8.67 -54.12 25.83
N GLU B 669 7.68 -54.97 26.14
CA GLU B 669 7.58 -56.27 25.48
C GLU B 669 7.38 -56.15 23.98
N VAL B 670 6.38 -55.36 23.55
CA VAL B 670 6.09 -55.17 22.14
C VAL B 670 7.20 -54.36 21.46
N GLU B 671 7.78 -53.37 22.16
CA GLU B 671 8.90 -52.58 21.63
C GLU B 671 10.09 -53.51 21.29
N THR B 672 10.45 -54.41 22.25
CA THR B 672 11.55 -55.36 22.07
C THR B 672 11.27 -56.34 20.92
N GLN B 673 10.04 -56.89 20.87
CA GLN B 673 9.68 -57.81 19.79
C GLN B 673 9.66 -57.11 18.41
N PHE B 674 9.23 -55.84 18.39
CA PHE B 674 9.21 -55.08 17.15
C PHE B 674 10.63 -54.84 16.67
N LYS B 675 11.53 -54.48 17.58
CA LYS B 675 12.94 -54.26 17.27
C LYS B 675 13.60 -55.55 16.78
N ALA B 676 13.28 -56.69 17.41
CA ALA B 676 13.82 -57.98 16.98
C ALA B 676 13.31 -58.32 15.58
N PHE B 677 12.04 -57.98 15.28
CA PHE B 677 11.48 -58.24 13.95
C PHE B 677 12.26 -57.43 12.88
N LEU B 678 12.49 -56.14 13.18
CA LEU B 678 13.20 -55.25 12.28
C LEU B 678 14.60 -55.77 11.97
N ILE B 679 15.35 -56.19 13.00
CA ILE B 679 16.70 -56.72 12.78
C ILE B 679 16.66 -58.03 12.01
N ARG B 680 15.73 -58.94 12.36
CA ARG B 680 15.59 -60.22 11.64
C ARG B 680 15.27 -60.01 10.16
N LEU B 681 14.42 -59.01 9.83
CA LEU B 681 14.03 -58.68 8.46
C LEU B 681 15.24 -58.25 7.62
N LEU B 682 16.11 -57.42 8.20
CA LEU B 682 17.29 -56.94 7.48
C LEU B 682 18.58 -57.71 7.81
N ARG B 683 18.48 -58.84 8.54
CA ARG B 683 19.63 -59.62 9.00
C ARG B 683 20.62 -59.99 7.90
N ASP B 684 20.13 -60.50 6.77
CA ASP B 684 21.03 -60.91 5.69
C ASP B 684 21.82 -59.74 5.12
N LEU B 685 21.15 -58.60 4.92
CA LEU B 685 21.79 -57.42 4.36
C LEU B 685 22.79 -56.83 5.35
N ILE B 686 22.44 -56.83 6.66
CA ILE B 686 23.35 -56.38 7.71
C ILE B 686 24.61 -57.26 7.72
N ASP B 687 24.42 -58.59 7.72
CA ASP B 687 25.54 -59.55 7.75
C ASP B 687 26.49 -59.37 6.57
N LYS B 688 25.95 -58.95 5.41
CA LYS B 688 26.70 -58.70 4.19
C LYS B 688 27.57 -57.46 4.26
N GLN B 689 27.28 -56.51 5.18
CA GLN B 689 28.05 -55.28 5.23
C GLN B 689 29.52 -55.46 5.63
N THR B 690 30.43 -54.82 4.91
CA THR B 690 31.84 -54.86 5.26
C THR B 690 32.11 -53.70 6.22
N TRP B 691 33.12 -53.85 7.06
CA TRP B 691 33.48 -52.83 8.02
C TRP B 691 34.63 -52.00 7.41
N THR B 692 34.31 -51.31 6.31
CA THR B 692 35.27 -50.54 5.52
C THR B 692 34.58 -49.22 5.01
N ASP B 693 35.31 -48.37 4.24
CA ASP B 693 34.76 -47.20 3.57
C ASP B 693 34.66 -47.40 2.06
N GLU B 694 34.52 -48.66 1.62
CA GLU B 694 34.47 -49.01 0.22
C GLU B 694 33.15 -48.73 -0.43
N GLY B 695 33.20 -48.54 -1.74
CA GLY B 695 32.00 -48.40 -2.53
C GLY B 695 31.54 -46.99 -2.82
N SER B 696 30.39 -46.93 -3.50
CA SER B 696 29.71 -45.72 -3.91
C SER B 696 29.14 -45.01 -2.66
N VAL B 697 28.67 -43.75 -2.82
CA VAL B 697 28.10 -43.00 -1.71
C VAL B 697 26.87 -43.73 -1.17
N SER B 698 26.07 -44.33 -2.07
CA SER B 698 24.90 -45.10 -1.64
C SER B 698 25.33 -46.35 -0.85
N GLU B 699 26.33 -47.09 -1.32
CA GLU B 699 26.80 -48.28 -0.58
C GLU B 699 27.32 -47.90 0.82
N ARG B 700 28.09 -46.81 0.92
CA ARG B 700 28.65 -46.32 2.19
C ARG B 700 27.56 -45.84 3.17
N MET B 701 26.57 -45.09 2.66
CA MET B 701 25.47 -44.63 3.51
C MET B 701 24.62 -45.80 3.98
N LEU B 702 24.42 -46.82 3.13
CA LEU B 702 23.63 -47.99 3.51
C LEU B 702 24.38 -48.76 4.60
N ARG B 703 25.68 -48.98 4.42
CA ARG B 703 26.50 -49.68 5.42
C ARG B 703 26.46 -48.98 6.80
N SER B 704 26.74 -47.67 6.83
CA SER B 704 26.74 -46.89 8.08
C SER B 704 25.42 -46.97 8.84
N GLN B 705 24.29 -46.83 8.13
CA GLN B 705 22.99 -46.86 8.80
C GLN B 705 22.65 -48.23 9.29
N LEU B 706 22.98 -49.27 8.48
CA LEU B 706 22.68 -50.65 8.89
C LEU B 706 23.48 -51.05 10.13
N LEU B 707 24.80 -50.78 10.14
CA LEU B 707 25.63 -51.16 11.30
C LEU B 707 25.22 -50.39 12.55
N LEU B 708 24.86 -49.11 12.40
CA LEU B 708 24.42 -48.29 13.53
C LEU B 708 23.12 -48.86 14.08
N LEU B 709 22.15 -49.19 13.19
CA LEU B 709 20.87 -49.76 13.58
C LEU B 709 21.07 -51.07 14.34
N ALA B 710 21.89 -51.99 13.79
CA ALA B 710 22.12 -53.29 14.40
C ALA B 710 22.75 -53.12 15.79
N CYS B 711 23.70 -52.20 15.93
CA CYS B 711 24.35 -51.97 17.23
C CYS B 711 23.43 -51.36 18.28
N VAL B 712 22.68 -50.31 17.93
CA VAL B 712 21.73 -49.66 18.82
C VAL B 712 20.68 -50.69 19.31
N HIS B 713 20.29 -51.65 18.45
CA HIS B 713 19.31 -52.66 18.86
C HIS B 713 19.93 -53.97 19.38
N ASN B 714 21.19 -53.91 19.81
CA ASN B 714 21.90 -55.03 20.42
C ASN B 714 21.96 -56.33 19.58
N TYR B 715 22.20 -56.23 18.26
CA TYR B 715 22.40 -57.42 17.43
C TYR B 715 23.85 -57.82 17.74
N GLN B 716 24.02 -58.90 18.51
CA GLN B 716 25.31 -59.31 19.06
C GLN B 716 26.50 -59.40 18.10
N PRO B 717 26.41 -59.93 16.85
CA PRO B 717 27.61 -59.96 15.99
C PRO B 717 28.14 -58.55 15.72
N CYS B 718 27.23 -57.58 15.51
CA CYS B 718 27.65 -56.21 15.27
C CYS B 718 28.13 -55.52 16.54
N VAL B 719 27.43 -55.68 17.68
CA VAL B 719 27.82 -55.09 18.97
C VAL B 719 29.21 -55.57 19.41
N GLN B 720 29.47 -56.89 19.40
CA GLN B 720 30.78 -57.41 19.81
C GLN B 720 31.91 -56.83 18.94
N ARG B 721 31.67 -56.74 17.63
CA ARG B 721 32.63 -56.15 16.72
C ARG B 721 32.86 -54.66 17.02
N ALA B 722 31.77 -53.93 17.26
CA ALA B 722 31.86 -52.49 17.55
C ALA B 722 32.58 -52.26 18.89
N GLU B 723 32.32 -53.13 19.88
CA GLU B 723 32.96 -53.02 21.19
C GLU B 723 34.46 -53.20 21.06
N GLY B 724 34.88 -54.19 20.26
CA GLY B 724 36.28 -54.48 19.99
C GLY B 724 36.96 -53.32 19.31
N TYR B 725 36.27 -52.70 18.32
CA TYR B 725 36.79 -51.52 17.64
C TYR B 725 36.93 -50.34 18.61
N PHE B 726 35.91 -50.11 19.47
CA PHE B 726 35.97 -49.00 20.42
C PHE B 726 37.06 -49.21 21.43
N ARG B 727 37.19 -50.42 21.96
CA ARG B 727 38.20 -50.75 22.97
C ARG B 727 39.59 -50.52 22.39
N LYS B 728 39.82 -50.95 21.14
CA LYS B 728 41.10 -50.75 20.48
C LYS B 728 41.35 -49.28 20.19
N TRP B 729 40.34 -48.55 19.72
CA TRP B 729 40.47 -47.13 19.44
C TRP B 729 40.80 -46.35 20.73
N LYS B 730 40.07 -46.62 21.82
CA LYS B 730 40.32 -45.92 23.10
C LYS B 730 41.66 -46.31 23.71
N GLU B 731 42.02 -47.60 23.68
CA GLU B 731 43.32 -48.05 24.23
C GLU B 731 44.49 -47.32 23.51
N SER B 732 44.30 -47.01 22.21
CA SER B 732 45.30 -46.34 21.40
C SER B 732 45.31 -44.81 21.61
N ASN B 733 44.48 -44.28 22.52
CA ASN B 733 44.37 -42.82 22.71
C ASN B 733 43.87 -42.17 21.41
N GLY B 734 42.94 -42.84 20.71
CA GLY B 734 42.35 -42.35 19.48
C GLY B 734 43.26 -42.31 18.26
N GLN B 735 44.43 -43.00 18.31
CA GLN B 735 45.36 -43.00 17.17
C GLN B 735 45.00 -44.05 16.11
N LEU B 736 44.29 -45.12 16.51
CA LEU B 736 43.83 -46.14 15.56
C LEU B 736 42.90 -45.47 14.53
N SER B 737 43.18 -45.68 13.25
CA SER B 737 42.39 -45.09 12.19
C SER B 737 41.18 -45.98 11.91
N LEU B 738 39.99 -45.52 12.29
CA LEU B 738 38.73 -46.24 12.12
C LEU B 738 38.10 -45.93 10.78
N PRO B 739 37.43 -46.89 10.12
CA PRO B 739 36.67 -46.54 8.91
C PRO B 739 35.52 -45.60 9.30
N VAL B 740 35.37 -44.48 8.59
CA VAL B 740 34.33 -43.48 8.86
C VAL B 740 32.92 -44.11 8.86
N ASP B 741 32.68 -45.09 7.97
CA ASP B 741 31.38 -45.75 7.85
C ASP B 741 30.98 -46.59 9.04
N VAL B 742 31.94 -47.03 9.87
CA VAL B 742 31.58 -47.81 11.05
C VAL B 742 31.65 -46.94 12.35
N THR B 743 32.13 -45.70 12.25
CA THR B 743 32.37 -44.84 13.41
C THR B 743 31.13 -44.49 14.18
N LEU B 744 29.99 -44.29 13.51
CA LEU B 744 28.72 -44.00 14.22
C LEU B 744 28.36 -45.17 15.13
N ALA B 745 28.44 -46.40 14.61
CA ALA B 745 28.14 -47.59 15.41
C ALA B 745 29.17 -47.80 16.54
N VAL B 746 30.46 -47.68 16.22
CA VAL B 746 31.52 -47.91 17.21
C VAL B 746 31.43 -46.90 18.37
N PHE B 747 31.25 -45.61 18.04
CA PHE B 747 31.14 -44.55 19.06
C PHE B 747 29.85 -44.70 19.87
N ALA B 748 28.70 -45.02 19.22
CA ALA B 748 27.43 -45.17 19.95
C ALA B 748 27.54 -46.29 20.99
N VAL B 749 28.19 -47.39 20.61
CA VAL B 749 28.41 -48.51 21.53
C VAL B 749 29.38 -48.07 22.65
N GLY B 750 30.47 -47.43 22.27
CA GLY B 750 31.47 -46.98 23.23
C GLY B 750 31.02 -45.95 24.27
N ALA B 751 30.08 -45.06 23.92
CA ALA B 751 29.62 -44.04 24.87
C ALA B 751 28.63 -44.58 25.95
N GLN B 752 28.27 -45.87 25.89
CA GLN B 752 27.36 -46.49 26.85
C GLN B 752 27.99 -46.64 28.26
N SER B 753 29.32 -46.60 28.35
CA SER B 753 29.99 -46.63 29.66
C SER B 753 30.45 -45.21 30.00
N THR B 754 30.61 -44.91 31.30
CA THR B 754 31.09 -43.59 31.72
C THR B 754 32.49 -43.33 31.17
N GLU B 755 33.38 -44.33 31.21
CA GLU B 755 34.74 -44.18 30.71
C GLU B 755 34.81 -43.94 29.21
N GLY B 756 33.96 -44.64 28.46
CA GLY B 756 33.91 -44.45 27.01
C GLY B 756 33.34 -43.09 26.65
N TRP B 757 32.26 -42.68 27.36
CA TRP B 757 31.62 -41.36 27.20
C TRP B 757 32.64 -40.25 27.48
N ASP B 758 33.34 -40.35 28.62
CA ASP B 758 34.32 -39.33 29.00
C ASP B 758 35.46 -39.26 28.00
N PHE B 759 35.92 -40.43 27.52
CA PHE B 759 36.99 -40.46 26.53
C PHE B 759 36.57 -39.80 25.22
N LEU B 760 35.36 -40.13 24.70
CA LEU B 760 34.85 -39.55 23.47
C LEU B 760 34.75 -38.03 23.61
N TYR B 761 34.22 -37.53 24.75
CA TYR B 761 34.14 -36.09 24.96
C TYR B 761 35.54 -35.45 24.97
N SER B 762 36.55 -36.11 25.59
CA SER B 762 37.92 -35.57 25.62
C SER B 762 38.48 -35.33 24.22
N LYS B 763 38.10 -36.14 23.23
CA LYS B 763 38.55 -35.94 21.85
C LYS B 763 37.81 -34.85 21.09
N TYR B 764 36.57 -34.60 21.48
CA TYR B 764 35.70 -33.64 20.84
C TYR B 764 36.30 -32.23 20.85
N GLN B 765 36.89 -31.82 21.97
CA GLN B 765 37.43 -30.47 22.09
C GLN B 765 38.56 -30.16 21.10
N PHE B 766 39.29 -31.19 20.62
CA PHE B 766 40.41 -30.95 19.71
C PHE B 766 40.11 -31.22 18.24
N SER B 767 38.96 -31.80 17.94
CA SER B 767 38.62 -32.16 16.58
C SER B 767 38.37 -30.97 15.69
N LEU B 768 38.99 -30.99 14.51
CA LEU B 768 38.79 -30.01 13.44
C LEU B 768 37.86 -30.62 12.33
N SER B 769 37.33 -31.86 12.53
CA SER B 769 36.49 -32.55 11.55
C SER B 769 35.01 -32.43 11.89
N SER B 770 34.23 -31.80 11.01
CA SER B 770 32.79 -31.66 11.23
C SER B 770 32.08 -33.03 11.36
N THR B 771 32.48 -34.01 10.54
CA THR B 771 31.90 -35.35 10.63
C THR B 771 32.20 -35.99 11.97
N GLU B 772 33.46 -35.94 12.41
CA GLU B 772 33.86 -36.53 13.68
C GLU B 772 33.12 -35.89 14.84
N LYS B 773 32.99 -34.57 14.84
CA LYS B 773 32.25 -33.85 15.87
C LYS B 773 30.78 -34.29 15.86
N SER B 774 30.16 -34.43 14.66
CA SER B 774 28.76 -34.87 14.59
C SER B 774 28.62 -36.30 15.11
N GLN B 775 29.58 -37.16 14.78
CA GLN B 775 29.58 -38.56 15.19
C GLN B 775 29.70 -38.69 16.71
N ILE B 776 30.60 -37.89 17.30
CA ILE B 776 30.77 -37.88 18.75
C ILE B 776 29.50 -37.32 19.42
N GLU B 777 28.92 -36.22 18.88
CA GLU B 777 27.68 -35.64 19.46
C GLU B 777 26.56 -36.67 19.43
N PHE B 778 26.41 -37.42 18.30
CA PHE B 778 25.43 -38.49 18.18
C PHE B 778 25.62 -39.52 19.28
N ALA B 779 26.84 -40.08 19.38
CA ALA B 779 27.16 -41.11 20.38
C ALA B 779 26.94 -40.63 21.82
N LEU B 780 27.40 -39.39 22.15
CA LEU B 780 27.26 -38.83 23.50
C LEU B 780 25.78 -38.66 23.89
N CYS B 781 24.93 -38.34 22.91
CA CYS B 781 23.49 -38.20 23.12
C CYS B 781 22.77 -39.53 23.30
N ARG B 782 23.43 -40.67 23.03
CA ARG B 782 22.83 -42.01 23.18
C ARG B 782 23.01 -42.64 24.55
N THR B 783 23.72 -41.99 25.46
CA THR B 783 23.91 -42.54 26.79
C THR B 783 22.61 -42.66 27.58
N GLN B 784 22.55 -43.67 28.43
CA GLN B 784 21.42 -43.84 29.35
C GLN B 784 21.63 -43.04 30.65
N ASN B 785 22.80 -42.38 30.81
CA ASN B 785 23.14 -41.57 31.97
C ASN B 785 22.48 -40.20 31.85
N LYS B 786 21.43 -39.96 32.64
CA LYS B 786 20.67 -38.73 32.62
C LYS B 786 21.46 -37.50 33.05
N GLU B 787 22.45 -37.66 33.96
CA GLU B 787 23.27 -36.52 34.37
C GLU B 787 24.10 -36.01 33.18
N LYS B 788 24.63 -36.93 32.38
CA LYS B 788 25.40 -36.63 31.16
C LYS B 788 24.52 -36.02 30.08
N LEU B 789 23.27 -36.51 29.94
CA LEU B 789 22.32 -35.93 28.99
C LEU B 789 22.00 -34.50 29.38
N GLN B 790 21.76 -34.26 30.68
CA GLN B 790 21.49 -32.90 31.17
C GLN B 790 22.70 -31.98 30.92
N TRP B 791 23.92 -32.52 31.10
CA TRP B 791 25.15 -31.79 30.87
C TRP B 791 25.23 -31.34 29.41
N LEU B 792 24.90 -32.23 28.45
CA LEU B 792 24.95 -31.87 27.03
C LEU B 792 24.02 -30.73 26.68
N LEU B 793 22.82 -30.77 27.25
CA LEU B 793 21.82 -29.72 27.03
C LEU B 793 22.34 -28.38 27.58
N ASP B 794 22.80 -28.40 28.84
CA ASP B 794 23.34 -27.22 29.54
C ASP B 794 24.56 -26.61 28.81
N GLU B 795 25.52 -27.44 28.39
CA GLU B 795 26.71 -26.95 27.72
C GLU B 795 26.48 -26.45 26.31
N SER B 796 25.63 -27.14 25.51
CA SER B 796 25.35 -26.67 24.16
C SER B 796 24.49 -25.40 24.18
N PHE B 797 23.63 -25.25 25.19
CA PHE B 797 22.83 -24.06 25.38
C PHE B 797 23.78 -22.88 25.70
N LYS B 798 24.79 -23.11 26.55
CA LYS B 798 25.78 -22.10 26.95
C LYS B 798 26.68 -21.71 25.78
N GLY B 799 27.06 -22.70 24.96
CA GLY B 799 27.85 -22.44 23.78
C GLY B 799 29.37 -22.46 23.90
N ASP B 800 29.92 -22.70 25.11
CA ASP B 800 31.38 -22.71 25.29
C ASP B 800 32.06 -24.05 24.95
N LYS B 801 31.60 -25.15 25.56
CA LYS B 801 32.20 -26.47 25.31
C LYS B 801 31.61 -27.12 24.04
N ILE B 802 30.35 -26.83 23.72
CA ILE B 802 29.66 -27.31 22.52
C ILE B 802 28.92 -26.09 21.99
N LYS B 803 29.11 -25.76 20.70
CA LYS B 803 28.52 -24.56 20.12
C LYS B 803 27.01 -24.58 20.11
N THR B 804 26.36 -23.41 20.35
CA THR B 804 24.90 -23.29 20.35
C THR B 804 24.26 -23.62 19.00
N GLN B 805 25.03 -23.50 17.90
CA GLN B 805 24.54 -23.88 16.58
C GLN B 805 24.22 -25.39 16.54
N GLU B 806 24.76 -26.20 17.47
CA GLU B 806 24.48 -27.64 17.56
C GLU B 806 23.34 -27.94 18.54
N PHE B 807 22.91 -26.96 19.34
CA PHE B 807 21.85 -27.16 20.31
C PHE B 807 20.58 -27.74 19.73
N PRO B 808 19.99 -27.21 18.63
CA PRO B 808 18.72 -27.78 18.16
C PRO B 808 18.85 -29.25 17.80
N GLN B 809 20.02 -29.67 17.26
CA GLN B 809 20.21 -31.08 16.92
C GLN B 809 20.40 -31.94 18.18
N ILE B 810 21.21 -31.49 19.13
CA ILE B 810 21.44 -32.20 20.40
C ILE B 810 20.11 -32.35 21.17
N LEU B 811 19.29 -31.30 21.17
CA LEU B 811 17.99 -31.34 21.84
C LEU B 811 17.10 -32.43 21.22
N THR B 812 17.07 -32.48 19.89
CA THR B 812 16.30 -33.49 19.16
C THR B 812 16.86 -34.90 19.39
N LEU B 813 18.18 -35.06 19.37
CA LEU B 813 18.80 -36.38 19.60
C LEU B 813 18.48 -36.91 21.00
N ILE B 814 18.50 -36.02 22.01
CA ILE B 814 18.16 -36.43 23.37
C ILE B 814 16.64 -36.66 23.49
N GLY B 815 15.83 -35.89 22.75
CA GLY B 815 14.39 -36.12 22.69
C GLY B 815 14.04 -37.46 22.09
N ARG B 816 14.95 -38.05 21.32
CA ARG B 816 14.75 -39.36 20.72
C ARG B 816 15.45 -40.49 21.51
N ASN B 817 16.20 -40.15 22.55
CA ASN B 817 16.88 -41.13 23.38
C ASN B 817 15.81 -41.89 24.15
N PRO B 818 15.84 -43.24 24.09
CA PRO B 818 14.82 -44.06 24.75
C PRO B 818 14.57 -43.79 26.23
N VAL B 819 15.60 -43.35 26.98
CA VAL B 819 15.42 -43.06 28.40
C VAL B 819 15.51 -41.56 28.71
N GLY B 820 16.16 -40.78 27.86
CA GLY B 820 16.36 -39.36 28.08
C GLY B 820 15.37 -38.41 27.46
N TYR B 821 14.37 -38.93 26.71
CA TYR B 821 13.38 -38.05 26.07
C TYR B 821 12.65 -37.07 27.03
N PRO B 822 12.33 -37.36 28.33
CA PRO B 822 11.66 -36.33 29.16
C PRO B 822 12.55 -35.12 29.47
N LEU B 823 13.89 -35.32 29.47
CA LEU B 823 14.85 -34.26 29.76
C LEU B 823 14.85 -33.17 28.69
N ALA B 824 14.72 -33.57 27.43
CA ALA B 824 14.71 -32.60 26.32
C ALA B 824 13.45 -31.71 26.31
N TRP B 825 12.25 -32.32 26.44
CA TRP B 825 10.98 -31.58 26.50
C TRP B 825 10.97 -30.66 27.73
N GLN B 826 11.49 -31.14 28.87
CA GLN B 826 11.62 -30.33 30.08
C GLN B 826 12.53 -29.09 29.87
N PHE B 827 13.70 -29.29 29.23
CA PHE B 827 14.65 -28.21 28.98
C PHE B 827 14.05 -27.13 28.05
N LEU B 828 13.29 -27.56 27.04
CA LEU B 828 12.66 -26.62 26.12
C LEU B 828 11.66 -25.74 26.86
N ARG B 829 10.88 -26.34 27.76
CA ARG B 829 9.90 -25.59 28.52
C ARG B 829 10.57 -24.55 29.43
N LYS B 830 11.60 -24.97 30.16
CA LYS B 830 12.31 -24.11 31.10
C LYS B 830 13.17 -23.05 30.47
N ASN B 831 13.70 -23.29 29.26
CA ASN B 831 14.59 -22.33 28.62
C ASN B 831 14.01 -21.70 27.36
N TRP B 832 12.68 -21.78 27.20
CA TRP B 832 11.97 -21.27 26.06
C TRP B 832 12.35 -19.81 25.67
N ASN B 833 12.22 -18.82 26.60
CA ASN B 833 12.51 -17.43 26.29
CA ASN B 833 12.50 -17.43 26.26
C ASN B 833 13.92 -17.19 25.72
N LYS B 834 14.94 -17.76 26.35
CA LYS B 834 16.33 -17.59 25.89
C LYS B 834 16.54 -18.25 24.52
N LEU B 835 15.86 -19.38 24.27
CA LEU B 835 15.99 -20.05 22.99
C LEU B 835 15.30 -19.23 21.91
N VAL B 836 14.17 -18.60 22.23
CA VAL B 836 13.44 -17.75 21.27
C VAL B 836 14.27 -16.50 20.98
N GLN B 837 14.92 -15.95 22.00
CA GLN B 837 15.77 -14.77 21.82
C GLN B 837 16.95 -15.10 20.89
N LYS B 838 17.57 -16.26 21.08
CA LYS B 838 18.74 -16.69 20.28
C LYS B 838 18.41 -17.06 18.84
N PHE B 839 17.34 -17.84 18.63
CA PHE B 839 17.01 -18.40 17.33
C PHE B 839 15.87 -17.70 16.53
N GLU B 840 15.02 -16.92 17.22
CA GLU B 840 13.84 -16.19 16.69
C GLU B 840 12.56 -17.00 16.54
N LEU B 841 11.41 -16.39 16.90
CA LEU B 841 10.09 -16.99 16.69
C LEU B 841 9.89 -17.13 15.19
N GLY B 842 9.35 -18.25 14.76
CA GLY B 842 9.10 -18.50 13.35
C GLY B 842 10.27 -19.15 12.62
N SER B 843 11.48 -19.19 13.25
CA SER B 843 12.64 -19.80 12.59
C SER B 843 12.47 -21.32 12.46
N SER B 844 13.17 -21.90 11.49
CA SER B 844 13.21 -23.34 11.28
C SER B 844 13.82 -24.06 12.51
N SER B 845 14.78 -23.41 13.20
CA SER B 845 15.43 -24.01 14.37
C SER B 845 14.42 -24.19 15.50
N ILE B 846 13.57 -23.16 15.76
CA ILE B 846 12.54 -23.27 16.82
C ILE B 846 11.55 -24.37 16.44
N ALA B 847 11.12 -24.40 15.16
CA ALA B 847 10.20 -25.45 14.66
C ALA B 847 10.79 -26.85 14.90
N HIS B 848 12.09 -27.02 14.61
CA HIS B 848 12.78 -28.29 14.84
C HIS B 848 12.87 -28.68 16.30
N MET B 849 13.09 -27.72 17.20
CA MET B 849 13.14 -28.02 18.64
C MET B 849 11.77 -28.42 19.18
N VAL B 850 10.72 -27.70 18.76
CA VAL B 850 9.35 -28.00 19.15
C VAL B 850 8.96 -29.43 18.68
N MET B 851 9.16 -29.72 17.40
CA MET B 851 8.80 -31.04 16.87
C MET B 851 9.73 -32.15 17.36
N GLY B 852 11.01 -31.86 17.46
CA GLY B 852 12.02 -32.83 17.90
C GLY B 852 11.83 -33.32 19.32
N THR B 853 11.23 -32.49 20.19
CA THR B 853 10.99 -32.91 21.57
C THR B 853 9.59 -33.47 21.83
N THR B 854 8.64 -33.26 20.90
CA THR B 854 7.26 -33.64 21.19
C THR B 854 6.53 -34.50 20.18
N ASN B 855 6.96 -34.53 18.91
CA ASN B 855 6.17 -35.21 17.89
C ASN B 855 6.16 -36.75 17.95
N GLN B 856 6.78 -37.35 18.95
CA GLN B 856 6.72 -38.79 19.15
C GLN B 856 5.90 -39.18 20.42
N PHE B 857 5.20 -38.19 21.02
CA PHE B 857 4.31 -38.49 22.13
C PHE B 857 3.00 -39.09 21.58
N SER B 858 2.39 -40.00 22.33
CA SER B 858 1.16 -40.63 21.87
C SER B 858 0.17 -40.87 22.99
N THR B 859 0.17 -40.02 24.01
CA THR B 859 -0.81 -40.12 25.09
C THR B 859 -1.57 -38.81 25.23
N ARG B 860 -2.78 -38.88 25.79
CA ARG B 860 -3.57 -37.68 26.08
C ARG B 860 -2.87 -36.83 27.15
N THR B 861 -2.10 -37.45 28.07
CA THR B 861 -1.36 -36.71 29.08
C THR B 861 -0.29 -35.87 28.42
N ARG B 862 0.46 -36.46 27.48
CA ARG B 862 1.49 -35.71 26.76
C ARG B 862 0.86 -34.65 25.89
N LEU B 863 -0.28 -34.94 25.26
CA LEU B 863 -0.97 -33.95 24.43
C LEU B 863 -1.37 -32.73 25.28
N GLU B 864 -1.89 -32.95 26.50
CA GLU B 864 -2.26 -31.83 27.39
C GLU B 864 -1.04 -31.03 27.85
N GLU B 865 0.10 -31.69 28.08
CA GLU B 865 1.37 -31.01 28.44
C GLU B 865 1.75 -29.99 27.34
N VAL B 866 1.68 -30.43 26.07
CA VAL B 866 2.03 -29.60 24.94
C VAL B 866 1.03 -28.45 24.77
N LYS B 867 -0.26 -28.75 24.77
CA LYS B 867 -1.30 -27.72 24.61
C LYS B 867 -1.22 -26.67 25.72
N GLY B 868 -1.13 -27.12 26.97
CA GLY B 868 -1.01 -26.25 28.14
C GLY B 868 0.23 -25.38 28.16
N PHE B 869 1.42 -25.96 27.83
CA PHE B 869 2.64 -25.16 27.81
C PHE B 869 2.59 -24.08 26.71
N PHE B 870 2.33 -24.47 25.46
CA PHE B 870 2.37 -23.52 24.36
C PHE B 870 1.26 -22.45 24.45
N SER B 871 0.11 -22.78 25.05
CA SER B 871 -0.96 -21.78 25.19
C SER B 871 -0.63 -20.72 26.23
N SER B 872 0.20 -21.07 27.22
CA SER B 872 0.63 -20.14 28.26
C SER B 872 1.63 -19.07 27.73
N LEU B 873 2.23 -19.29 26.55
CA LEU B 873 3.22 -18.37 25.98
C LEU B 873 2.64 -17.07 25.43
N LYS B 874 1.32 -17.04 25.17
CA LYS B 874 0.62 -15.89 24.61
C LYS B 874 1.33 -15.37 23.30
N GLU B 875 1.85 -14.13 23.26
CA GLU B 875 2.49 -13.61 22.06
C GLU B 875 3.90 -14.17 21.79
N ASN B 876 4.47 -14.92 22.74
CA ASN B 876 5.81 -15.46 22.62
C ASN B 876 5.84 -16.94 22.18
N GLY B 877 4.97 -17.32 21.24
CA GLY B 877 5.02 -18.69 20.72
C GLY B 877 3.74 -19.50 20.62
N SER B 878 2.65 -19.03 21.24
CA SER B 878 1.39 -19.76 21.21
C SER B 878 0.81 -19.91 19.79
N GLN B 879 1.12 -18.97 18.88
CA GLN B 879 0.57 -19.02 17.52
C GLN B 879 1.51 -19.59 16.45
N LEU B 880 2.64 -20.18 16.86
CA LEU B 880 3.57 -20.78 15.92
C LEU B 880 2.94 -21.89 15.12
N ARG B 881 3.32 -21.99 13.84
CA ARG B 881 2.80 -23.07 12.99
C ARG B 881 3.31 -24.41 13.50
N CYS B 882 4.60 -24.49 13.91
CA CYS B 882 5.16 -25.75 14.43
C CYS B 882 4.38 -26.30 15.62
N VAL B 883 3.83 -25.42 16.46
CA VAL B 883 3.04 -25.83 17.63
C VAL B 883 1.75 -26.53 17.18
N GLN B 884 1.04 -25.93 16.22
CA GLN B 884 -0.19 -26.55 15.72
C GLN B 884 0.13 -27.85 15.01
N GLN B 885 1.22 -27.89 14.25
CA GLN B 885 1.68 -29.12 13.59
C GLN B 885 1.99 -30.25 14.59
N THR B 886 2.75 -29.98 15.67
CA THR B 886 3.07 -31.05 16.64
C THR B 886 1.83 -31.48 17.44
N ILE B 887 0.88 -30.56 17.71
CA ILE B 887 -0.35 -30.92 18.40
C ILE B 887 -1.15 -31.93 17.53
N GLU B 888 -1.30 -31.61 16.24
CA GLU B 888 -2.04 -32.48 15.33
C GLU B 888 -1.32 -33.81 15.11
N THR B 889 0.02 -33.80 15.16
CA THR B 889 0.82 -35.01 15.03
C THR B 889 0.58 -35.92 16.24
N ILE B 890 0.59 -35.34 17.45
CA ILE B 890 0.37 -36.14 18.66
C ILE B 890 -1.06 -36.69 18.66
N GLU B 891 -2.07 -35.89 18.23
CA GLU B 891 -3.46 -36.38 18.14
C GLU B 891 -3.54 -37.60 17.20
N GLU B 892 -2.81 -37.56 16.06
CA GLU B 892 -2.79 -38.68 15.13
C GLU B 892 -2.06 -39.86 15.78
N ASN B 893 -0.92 -39.61 16.47
CA ASN B 893 -0.17 -40.68 17.15
C ASN B 893 -1.06 -41.40 18.18
N ILE B 894 -1.89 -40.65 18.94
CA ILE B 894 -2.78 -41.25 19.94
C ILE B 894 -3.78 -42.17 19.24
N GLY B 895 -4.46 -41.68 18.19
CA GLY B 895 -5.45 -42.49 17.48
C GLY B 895 -4.82 -43.71 16.85
N TRP B 896 -3.68 -43.50 16.17
CA TRP B 896 -2.94 -44.58 15.50
C TRP B 896 -2.54 -45.68 16.48
N MET B 897 -1.95 -45.30 17.62
CA MET B 897 -1.53 -46.27 18.62
C MET B 897 -2.72 -46.99 19.26
N ASP B 898 -3.80 -46.25 19.61
CA ASP B 898 -4.98 -46.90 20.19
C ASP B 898 -5.55 -48.00 19.29
N LYS B 899 -5.62 -47.71 17.99
CA LYS B 899 -6.15 -48.64 17.00
C LYS B 899 -5.20 -49.78 16.63
N ASN B 900 -3.91 -49.48 16.49
CA ASN B 900 -2.97 -50.43 15.95
C ASN B 900 -2.02 -51.12 16.90
N PHE B 901 -1.83 -50.64 18.13
CA PHE B 901 -0.89 -51.27 19.07
C PHE B 901 -1.15 -52.77 19.26
N ASP B 902 -2.39 -53.14 19.60
CA ASP B 902 -2.73 -54.54 19.81
C ASP B 902 -2.63 -55.36 18.52
N LYS B 903 -2.95 -54.76 17.40
CA LYS B 903 -2.87 -55.46 16.11
C LYS B 903 -1.41 -55.81 15.79
N ILE B 904 -0.50 -54.87 16.11
CA ILE B 904 0.93 -55.07 15.89
C ILE B 904 1.41 -56.17 16.84
N ARG B 905 0.97 -56.15 18.10
CA ARG B 905 1.32 -57.19 19.08
C ARG B 905 0.99 -58.61 18.55
N VAL B 906 -0.26 -58.81 18.07
CA VAL B 906 -0.72 -60.09 17.56
C VAL B 906 0.05 -60.47 16.30
N TRP B 907 0.31 -59.49 15.41
CA TRP B 907 1.02 -59.73 14.16
C TRP B 907 2.45 -60.21 14.43
N LEU B 908 3.17 -59.53 15.34
CA LEU B 908 4.55 -59.91 15.70
C LEU B 908 4.57 -61.35 16.24
N GLN B 909 3.55 -61.72 17.04
CA GLN B 909 3.47 -63.06 17.60
C GLN B 909 3.36 -64.13 16.52
N SER B 910 2.55 -63.90 15.50
CA SER B 910 2.36 -64.88 14.43
C SER B 910 3.53 -64.93 13.45
N GLU B 911 4.16 -63.78 13.17
CA GLU B 911 5.28 -63.75 12.22
C GLU B 911 6.53 -64.46 12.82
N LYS B 912 6.72 -64.34 14.14
CA LYS B 912 7.84 -64.99 14.83
C LYS B 912 7.61 -66.50 14.90
N LEU B 913 6.37 -66.90 15.18
CA LEU B 913 5.93 -68.29 15.26
C LEU B 913 6.01 -68.97 13.87
N GLU B 914 5.71 -68.21 12.79
CA GLU B 914 5.77 -68.73 11.42
C GLU B 914 7.05 -68.27 10.70
ZN ZN C . -17.85 19.11 -6.33
C1 B3P D . -4.74 40.81 -8.67
C2 B3P D . -6.05 40.64 -9.40
C3 B3P D . -4.41 42.30 -8.52
N1 B3P D . -3.01 42.48 -8.15
C4 B3P D . -2.38 43.76 -7.75
C5 B3P D . -0.86 43.64 -7.71
C6 B3P D . -2.78 44.89 -8.70
C7 B3P D . -2.79 44.21 -6.35
N2 B3P D . -6.44 39.23 -9.45
C8 B3P D . -7.69 38.79 -10.07
C9 B3P D . -7.79 37.27 -10.00
C10 B3P D . -7.71 39.27 -11.53
C11 B3P D . -8.88 39.44 -9.35
O1 B3P D . -8.87 36.74 -10.79
O2 B3P D . -6.50 38.91 -12.21
O3 B3P D . -8.80 39.17 -7.93
O4 B3P D . -0.43 42.34 -7.28
O5 B3P D . -2.43 44.53 -10.05
O6 B3P D . -4.20 44.08 -6.14
C1 EDO E . -14.78 15.27 11.91
O1 EDO E . -13.55 14.99 11.24
C2 EDO E . -15.45 16.48 11.30
O2 EDO E . -14.59 17.60 11.49
C1 EDO F . -2.71 20.82 1.21
O1 EDO F . -1.50 20.71 1.96
C2 EDO F . -3.82 21.32 2.10
O2 EDO F . -3.53 22.62 2.62
C1 EDO G . -27.28 39.81 -13.46
O1 EDO G . -27.27 38.68 -12.61
C2 EDO G . -28.63 40.50 -13.46
O2 EDO G . -29.71 39.63 -13.75
C1 EDO H . -21.46 41.50 -24.54
O1 EDO H . -21.05 40.32 -23.86
C2 EDO H . -22.88 41.82 -24.16
O2 EDO H . -23.65 40.65 -24.31
C1 EDO I . -6.35 58.16 -18.35
O1 EDO I . -7.40 59.10 -18.57
C2 EDO I . -5.43 58.67 -17.26
O2 EDO I . -4.33 59.37 -17.80
C1 EDO J . 15.96 22.50 -26.90
O1 EDO J . 16.07 23.91 -26.97
C2 EDO J . 17.00 21.92 -25.95
O2 EDO J . 17.01 22.58 -24.68
C1 EDO K . -4.99 62.02 1.50
O1 EDO K . -3.77 61.52 2.03
C2 EDO K . -6.14 61.75 2.46
O2 EDO K . -6.49 60.34 2.53
C1 EDO L . -20.28 53.96 -1.74
O1 EDO L . -19.21 53.38 -2.51
C2 EDO L . -20.92 52.92 -0.85
O2 EDO L . -21.53 51.90 -1.64
BR BR M . -35.16 -1.69 18.58
BR BR N . -34.32 52.71 -19.80
BR BR O . -8.37 42.32 19.13
BR BR P . 14.82 36.26 -40.31
BR BR Q . -2.57 22.39 -27.89
N1 A1IMK R . -14.13 43.30 -5.48
C4 A1IMK R . -19.38 46.91 -7.68
C5 A1IMK R . -17.93 46.58 -8.01
C6 A1IMK R . -17.00 47.23 -7.00
C7 A1IMK R . -15.66 45.04 -5.16
C8 A1IMK R . -15.42 43.57 -4.85
C10 A1IMK R . -11.68 43.32 -5.34
C13 A1IMK R . -13.94 42.64 -9.63
C15 A1IMK R . -15.21 43.19 -7.68
O3 A1IMK R . -13.10 43.46 -3.45
C9 A1IMK R . -13.01 43.37 -4.67
S A1IMK R . -11.55 42.01 -6.51
C11 A1IMK R . -12.91 42.54 -7.48
C16 A1IMK R . -14.09 42.98 -6.87
C14 A1IMK R . -15.13 43.01 -9.04
C12 A1IMK R . -12.83 42.39 -8.86
O2 A1IMK R . -14.72 45.81 -5.28
N A1IMK R . -16.94 45.44 -5.31
C1 A1IMK R . -17.30 46.85 -5.55
C A1IMK R . -16.50 47.79 -4.63
O1 A1IMK R . -15.94 48.78 -5.03
O A1IMK R . -16.52 47.45 -3.38
C3 A1IMK R . -19.72 46.44 -6.28
C2 A1IMK R . -18.80 47.07 -5.24
ZN ZN S . 17.86 -21.59 -0.59
C1 B3P T . 5.18 -41.79 9.31
C2 B3P T . 6.63 -41.79 8.84
C3 B3P T . 4.99 -42.64 10.55
N1 B3P T . 3.62 -42.53 11.04
C4 B3P T . 2.99 -43.48 11.98
C5 B3P T . 1.47 -43.31 11.87
C6 B3P T . 3.39 -44.92 11.65
C7 B3P T . 3.37 -43.26 13.43
N2 B3P T . 6.93 -40.65 7.98
C8 B3P T . 8.14 -40.59 7.19
C9 B3P T . 8.16 -39.26 6.42
C10 B3P T . 8.18 -41.79 6.25
C11 B3P T . 9.39 -40.68 8.08
O1 B3P T . 9.22 -39.22 5.46
O2 B3P T . 7.00 -41.82 5.44
O3 B3P T . 9.29 -39.74 9.16
O4 B3P T . 1.05 -41.96 12.15
O5 B3P T . 3.03 -45.29 10.33
O6 B3P T . 4.79 -43.10 13.59
C1 EDO U . 14.90 -9.59 12.40
O1 EDO U . 14.02 -10.27 13.28
C2 EDO U . 14.33 -8.19 12.14
O2 EDO U . 13.04 -8.31 11.53
C1 EDO V . 3.67 -19.05 7.34
O1 EDO V . 3.59 -20.23 8.14
C2 EDO V . 2.54 -19.03 6.35
O2 EDO V . 1.34 -18.57 6.96
C1 EDO W . 29.12 -42.76 6.26
O1 EDO W . 30.12 -42.43 5.31
C2 EDO W . 27.77 -42.53 5.64
O2 EDO W . 27.46 -41.16 5.74
C1 EDO X . -2.64 -53.69 -8.96
O1 EDO X . -1.90 -54.40 -9.94
C2 EDO X . -4.11 -53.94 -9.23
O2 EDO X . -4.77 -52.70 -9.28
N1 A1IMK Y . 14.55 -41.68 13.75
C4 A1IMK Y . 19.95 -45.65 14.14
C5 A1IMK Y . 18.51 -45.66 13.65
C6 A1IMK Y . 17.53 -45.69 14.82
C7 A1IMK Y . 16.09 -42.87 15.02
C8 A1IMK Y . 15.84 -41.51 14.41
C10 A1IMK Y . 12.09 -41.63 13.93
C13 A1IMK Y . 14.36 -43.40 9.92
C15 A1IMK Y . 15.62 -42.81 11.87
O3 A1IMK Y . 13.53 -40.68 15.54
C9 A1IMK Y . 13.44 -41.28 14.49
S A1IMK Y . 11.93 -41.22 12.23
C11 A1IMK Y . 13.31 -42.16 11.69
C16 A1IMK Y . 14.49 -42.20 12.44
C14 A1IMK Y . 15.54 -43.39 10.62
C12 A1IMK Y . 13.24 -42.77 10.45
O2 A1IMK Y . 15.15 -43.60 15.34
N A1IMK Y . 17.37 -43.24 15.18
C1 A1IMK Y . 17.76 -44.53 15.81
C A1IMK Y . 16.92 -44.81 17.06
O1 A1IMK Y . 16.48 -45.91 17.31
O A1IMK Y . 16.77 -43.79 17.86
C3 A1IMK Y . 20.20 -44.47 15.06
C2 A1IMK Y . 19.23 -44.47 16.24
#